data_3I8W
# 
_entry.id   3I8W 
# 
_audit_conform.dict_name       mmcif_pdbx.dic 
_audit_conform.dict_version    5.378 
_audit_conform.dict_location   http://mmcif.pdb.org/dictionaries/ascii/mmcif_pdbx.dic 
# 
loop_
_database_2.database_id 
_database_2.database_code 
_database_2.pdbx_database_accession 
_database_2.pdbx_DOI 
PDB   3I8W         pdb_00003i8w 10.2210/pdb3i8w/pdb 
RCSB  RCSB054111   ?            ?                   
WWPDB D_1000054111 ?            ?                   
# 
_pdbx_database_related.db_name        PDB 
_pdbx_database_related.db_id          1ZTZ 
_pdbx_database_related.details        
'structure of HIV protease with parental metallacarborane compound [cobalt(bis(1,2-dicarbollide) ion]' 
_pdbx_database_related.content_type   unspecified 
# 
_pdbx_database_status.status_code                     REL 
_pdbx_database_status.entry_id                        3I8W 
_pdbx_database_status.recvd_initial_deposition_date   2009-07-10 
_pdbx_database_status.deposit_site                    RCSB 
_pdbx_database_status.process_site                    RCSB 
_pdbx_database_status.status_code_sf                  REL 
_pdbx_database_status.status_code_mr                  ? 
_pdbx_database_status.SG_entry                        ? 
_pdbx_database_status.pdb_format_compatible           Y 
_pdbx_database_status.status_code_cs                  ? 
_pdbx_database_status.status_code_nmr_data            ? 
_pdbx_database_status.methods_development_category    ? 
# 
_audit_author.name           'Rezacova, P.' 
_audit_author.pdbx_ordinal   1 
# 
_citation.id                        primary 
_citation.title                     'Design of HIV Protease Inhibitors Based on Inorganic Polyhedral Metallacarboranes' 
_citation.journal_abbrev            J.Med.Chem. 
_citation.journal_volume            52 
_citation.page_first                7132 
_citation.page_last                 7141 
_citation.year                      2009 
_citation.journal_id_ASTM           JMCMAR 
_citation.country                   US 
_citation.journal_id_ISSN           0022-2623 
_citation.journal_id_CSD            0151 
_citation.book_publisher            ? 
_citation.pdbx_database_id_PubMed   19874035 
_citation.pdbx_database_id_DOI      10.1021/jm9011388 
# 
loop_
_citation_author.citation_id 
_citation_author.name 
_citation_author.ordinal 
_citation_author.identifier_ORCID 
primary 'Pokorna, J.'     1 ? 
primary 'Brynda, J.'      2 ? 
primary 'Cigler, P.'      3 ? 
primary 'Fanfrlik, J.'    4 ? 
primary 'Sieglova, I.'    5 ? 
primary 'Oberwinkler, H.' 6 ? 
primary 'Hobza, P.'       7 ? 
primary 'Kral, V.'        8 ? 
primary 'Konvalinka, J.'  9 ? 
# 
_cell.entry_id           3I8W 
_cell.length_a           58.158 
_cell.length_b           92.343 
_cell.length_c           48.952 
_cell.angle_alpha        90.00 
_cell.angle_beta         90.00 
_cell.angle_gamma        90.00 
_cell.Z_PDB              8 
_cell.pdbx_unique_axis   ? 
_cell.length_a_esd       ? 
_cell.length_b_esd       ? 
_cell.length_c_esd       ? 
_cell.angle_alpha_esd    ? 
_cell.angle_beta_esd     ? 
_cell.angle_gamma_esd    ? 
# 
_symmetry.entry_id                         3I8W 
_symmetry.space_group_name_H-M             'C 2 2 2' 
_symmetry.pdbx_full_space_group_name_H-M   ? 
_symmetry.cell_setting                     ? 
_symmetry.Int_Tables_number                21 
_symmetry.space_group_name_Hall            ? 
# 
loop_
_entity.id 
_entity.type 
_entity.src_method 
_entity.pdbx_description 
_entity.formula_weight 
_entity.pdbx_number_of_molecules 
_entity.pdbx_ec 
_entity.pdbx_mutation 
_entity.pdbx_fragment 
_entity.details 
1 polymer     man Protease                       10804.808 1   3.4.23.16 'Q7K, L33I, L63I' ? ? 
2 non-polymer syn 'COBALT BIS(1,2-DICARBOLLIDE)' 323.749   1   ?         ?                 ? ? 
3 non-polymer syn 'CHLORIDE ION'                 35.453    1   ?         ?                 ? ? 
4 non-polymer syn GLYCEROL                       92.094    1   ?         ?                 ? ? 
5 water       nat water                          18.015    111 ?         ?                 ? ? 
# 
_entity_name_com.entity_id   1 
_entity_name_com.name        'Retropepsin, PR' 
# 
_entity_poly.entity_id                      1 
_entity_poly.type                           'polypeptide(L)' 
_entity_poly.nstd_linkage                   no 
_entity_poly.nstd_monomer                   no 
_entity_poly.pdbx_seq_one_letter_code       
;PQITLWKRPLVTIKIGGQLKEALLDTGADDTVIEEMSLPGRWKPKMIGGIGGFIKVRQYDQIIIEICGHKAIGTVLVGPT
PVNIIGRNLLTQIGCTLNF
;
_entity_poly.pdbx_seq_one_letter_code_can   
;PQITLWKRPLVTIKIGGQLKEALLDTGADDTVIEEMSLPGRWKPKMIGGIGGFIKVRQYDQIIIEICGHKAIGTVLVGPT
PVNIIGRNLLTQIGCTLNF
;
_entity_poly.pdbx_strand_id                 A 
_entity_poly.pdbx_target_identifier         ? 
# 
loop_
_entity_poly_seq.entity_id 
_entity_poly_seq.num 
_entity_poly_seq.mon_id 
_entity_poly_seq.hetero 
1 1  PRO n 
1 2  GLN n 
1 3  ILE n 
1 4  THR n 
1 5  LEU n 
1 6  TRP n 
1 7  LYS n 
1 8  ARG n 
1 9  PRO n 
1 10 LEU n 
1 11 VAL n 
1 12 THR n 
1 13 ILE n 
1 14 LYS n 
1 15 ILE n 
1 16 GLY n 
1 17 GLY n 
1 18 GLN n 
1 19 LEU n 
1 20 LYS n 
1 21 GLU n 
1 22 ALA n 
1 23 LEU n 
1 24 LEU n 
1 25 ASP n 
1 26 THR n 
1 27 GLY n 
1 28 ALA n 
1 29 ASP n 
1 30 ASP n 
1 31 THR n 
1 32 VAL n 
1 33 ILE n 
1 34 GLU n 
1 35 GLU n 
1 36 MET n 
1 37 SER n 
1 38 LEU n 
1 39 PRO n 
1 40 GLY n 
1 41 ARG n 
1 42 TRP n 
1 43 LYS n 
1 44 PRO n 
1 45 LYS n 
1 46 MET n 
1 47 ILE n 
1 48 GLY n 
1 49 GLY n 
1 50 ILE n 
1 51 GLY n 
1 52 GLY n 
1 53 PHE n 
1 54 ILE n 
1 55 LYS n 
1 56 VAL n 
1 57 ARG n 
1 58 GLN n 
1 59 TYR n 
1 60 ASP n 
1 61 GLN n 
1 62 ILE n 
1 63 ILE n 
1 64 ILE n 
1 65 GLU n 
1 66 ILE n 
1 67 CYS n 
1 68 GLY n 
1 69 HIS n 
1 70 LYS n 
1 71 ALA n 
1 72 ILE n 
1 73 GLY n 
1 74 THR n 
1 75 VAL n 
1 76 LEU n 
1 77 VAL n 
1 78 GLY n 
1 79 PRO n 
1 80 THR n 
1 81 PRO n 
1 82 VAL n 
1 83 ASN n 
1 84 ILE n 
1 85 ILE n 
1 86 GLY n 
1 87 ARG n 
1 88 ASN n 
1 89 LEU n 
1 90 LEU n 
1 91 THR n 
1 92 GLN n 
1 93 ILE n 
1 94 GLY n 
1 95 CYS n 
1 96 THR n 
1 97 LEU n 
1 98 ASN n 
1 99 PHE n 
# 
_entity_src_gen.entity_id                          1 
_entity_src_gen.pdbx_src_id                        1 
_entity_src_gen.pdbx_alt_source_flag               sample 
_entity_src_gen.pdbx_seq_type                      ? 
_entity_src_gen.pdbx_beg_seq_num                   ? 
_entity_src_gen.pdbx_end_seq_num                   ? 
_entity_src_gen.gene_src_common_name               ? 
_entity_src_gen.gene_src_genus                     ? 
_entity_src_gen.pdbx_gene_src_gene                 gag-pol 
_entity_src_gen.gene_src_species                   ? 
_entity_src_gen.gene_src_strain                    ? 
_entity_src_gen.gene_src_tissue                    ? 
_entity_src_gen.gene_src_tissue_fraction           ? 
_entity_src_gen.gene_src_details                   ? 
_entity_src_gen.pdbx_gene_src_fragment             ? 
_entity_src_gen.pdbx_gene_src_scientific_name      'Human immunodeficiency virus type 1' 
_entity_src_gen.pdbx_gene_src_ncbi_taxonomy_id     11686 
_entity_src_gen.pdbx_gene_src_variant              ? 
_entity_src_gen.pdbx_gene_src_cell_line            ? 
_entity_src_gen.pdbx_gene_src_atcc                 ? 
_entity_src_gen.pdbx_gene_src_organ                ? 
_entity_src_gen.pdbx_gene_src_organelle            ? 
_entity_src_gen.pdbx_gene_src_cell                 ? 
_entity_src_gen.pdbx_gene_src_cellular_location    ? 
_entity_src_gen.host_org_common_name               ? 
_entity_src_gen.pdbx_host_org_scientific_name      'Escherichia coli' 
_entity_src_gen.pdbx_host_org_ncbi_taxonomy_id     562 
_entity_src_gen.host_org_genus                     ? 
_entity_src_gen.pdbx_host_org_gene                 ? 
_entity_src_gen.pdbx_host_org_organ                ? 
_entity_src_gen.host_org_species                   ? 
_entity_src_gen.pdbx_host_org_tissue               ? 
_entity_src_gen.pdbx_host_org_tissue_fraction      ? 
_entity_src_gen.pdbx_host_org_strain               'BL21 (DE3)' 
_entity_src_gen.pdbx_host_org_variant              ? 
_entity_src_gen.pdbx_host_org_cell_line            ? 
_entity_src_gen.pdbx_host_org_atcc                 ? 
_entity_src_gen.pdbx_host_org_culture_collection   ? 
_entity_src_gen.pdbx_host_org_cell                 ? 
_entity_src_gen.pdbx_host_org_organelle            ? 
_entity_src_gen.pdbx_host_org_cellular_location    ? 
_entity_src_gen.pdbx_host_org_vector_type          plasmid 
_entity_src_gen.pdbx_host_org_vector               ? 
_entity_src_gen.host_org_details                   ? 
_entity_src_gen.expression_system_id               ? 
_entity_src_gen.plasmid_name                       pET 
_entity_src_gen.plasmid_details                    ? 
_entity_src_gen.pdbx_description                   ? 
# 
_struct_ref.id                         1 
_struct_ref.db_name                    UNP 
_struct_ref.db_code                    POL_HV1BR 
_struct_ref.pdbx_db_accession          P03367 
_struct_ref.entity_id                  1 
_struct_ref.pdbx_seq_one_letter_code   
;PQITLWQRPLVTIKIGGQLKEALLDTGADDTVLEEMSLPGRWKPKMIGGIGGFIKVRQYDQILIEICGHKAIGTVLVGPT
PVNIIGRNLLTQIGCTLNF
;
_struct_ref.pdbx_align_begin           501 
_struct_ref.pdbx_db_isoform            ? 
# 
_struct_ref_seq.align_id                      1 
_struct_ref_seq.ref_id                        1 
_struct_ref_seq.pdbx_PDB_id_code              3I8W 
_struct_ref_seq.pdbx_strand_id                A 
_struct_ref_seq.seq_align_beg                 1 
_struct_ref_seq.pdbx_seq_align_beg_ins_code   ? 
_struct_ref_seq.seq_align_end                 99 
_struct_ref_seq.pdbx_seq_align_end_ins_code   ? 
_struct_ref_seq.pdbx_db_accession             P03367 
_struct_ref_seq.db_align_beg                  501 
_struct_ref_seq.pdbx_db_align_beg_ins_code    ? 
_struct_ref_seq.db_align_end                  599 
_struct_ref_seq.pdbx_db_align_end_ins_code    ? 
_struct_ref_seq.pdbx_auth_seq_align_beg       1 
_struct_ref_seq.pdbx_auth_seq_align_end       99 
# 
loop_
_struct_ref_seq_dif.align_id 
_struct_ref_seq_dif.pdbx_pdb_id_code 
_struct_ref_seq_dif.mon_id 
_struct_ref_seq_dif.pdbx_pdb_strand_id 
_struct_ref_seq_dif.seq_num 
_struct_ref_seq_dif.pdbx_pdb_ins_code 
_struct_ref_seq_dif.pdbx_seq_db_name 
_struct_ref_seq_dif.pdbx_seq_db_accession_code 
_struct_ref_seq_dif.db_mon_id 
_struct_ref_seq_dif.pdbx_seq_db_seq_num 
_struct_ref_seq_dif.details 
_struct_ref_seq_dif.pdbx_auth_seq_num 
_struct_ref_seq_dif.pdbx_ordinal 
1 3I8W LYS A 7  ? UNP P03367 GLN 507 'engineered mutation' 7  1 
1 3I8W ILE A 33 ? UNP P03367 LEU 533 'engineered mutation' 33 2 
1 3I8W ILE A 63 ? UNP P03367 LEU 563 'engineered mutation' 63 3 
# 
loop_
_chem_comp.id 
_chem_comp.type 
_chem_comp.mon_nstd_flag 
_chem_comp.name 
_chem_comp.pdbx_synonyms 
_chem_comp.formula 
_chem_comp.formula_weight 
ALA 'L-peptide linking' y ALANINE                        ?                               'C3 H7 N O2'     89.093  
ARG 'L-peptide linking' y ARGININE                       ?                               'C6 H15 N4 O2 1' 175.209 
ASN 'L-peptide linking' y ASPARAGINE                     ?                               'C4 H8 N2 O3'    132.118 
ASP 'L-peptide linking' y 'ASPARTIC ACID'                ?                               'C4 H7 N O4'     133.103 
CB5 non-polymer         . 'COBALT BIS(1,2-DICARBOLLIDE)' ?                               'C4 H22 B18 Co'  323.749 
CL  non-polymer         . 'CHLORIDE ION'                 ?                               'Cl -1'          35.453  
CYS 'L-peptide linking' y CYSTEINE                       ?                               'C3 H7 N O2 S'   121.158 
GLN 'L-peptide linking' y GLUTAMINE                      ?                               'C5 H10 N2 O3'   146.144 
GLU 'L-peptide linking' y 'GLUTAMIC ACID'                ?                               'C5 H9 N O4'     147.129 
GLY 'peptide linking'   y GLYCINE                        ?                               'C2 H5 N O2'     75.067  
GOL non-polymer         . GLYCEROL                       'GLYCERIN; PROPANE-1,2,3-TRIOL' 'C3 H8 O3'       92.094  
HIS 'L-peptide linking' y HISTIDINE                      ?                               'C6 H10 N3 O2 1' 156.162 
HOH non-polymer         . WATER                          ?                               'H2 O'           18.015  
ILE 'L-peptide linking' y ISOLEUCINE                     ?                               'C6 H13 N O2'    131.173 
LEU 'L-peptide linking' y LEUCINE                        ?                               'C6 H13 N O2'    131.173 
LYS 'L-peptide linking' y LYSINE                         ?                               'C6 H15 N2 O2 1' 147.195 
MET 'L-peptide linking' y METHIONINE                     ?                               'C5 H11 N O2 S'  149.211 
PHE 'L-peptide linking' y PHENYLALANINE                  ?                               'C9 H11 N O2'    165.189 
PRO 'L-peptide linking' y PROLINE                        ?                               'C5 H9 N O2'     115.130 
SER 'L-peptide linking' y SERINE                         ?                               'C3 H7 N O3'     105.093 
THR 'L-peptide linking' y THREONINE                      ?                               'C4 H9 N O3'     119.119 
TRP 'L-peptide linking' y TRYPTOPHAN                     ?                               'C11 H12 N2 O2'  204.225 
TYR 'L-peptide linking' y TYROSINE                       ?                               'C9 H11 N O3'    181.189 
VAL 'L-peptide linking' y VALINE                         ?                               'C5 H11 N O2'    117.146 
# 
_exptl.entry_id          3I8W 
_exptl.method            'X-RAY DIFFRACTION' 
_exptl.crystals_number   1 
# 
_exptl_crystal.id                    1 
_exptl_crystal.density_meas          ? 
_exptl_crystal.density_Matthews      3.04 
_exptl_crystal.density_percent_sol   59.56 
_exptl_crystal.description           ? 
_exptl_crystal.F_000                 ? 
_exptl_crystal.preparation           ? 
# 
_exptl_crystal_grow.crystal_id      1 
_exptl_crystal_grow.method          'VAPOR DIFFUSION' 
_exptl_crystal_grow.temp            292 
_exptl_crystal_grow.temp_details    ? 
_exptl_crystal_grow.pH              6.0 
_exptl_crystal_grow.pdbx_details    
;0.1M CAPS pH 10.5, 1.2M Sodium Dihydrogen Phosphate, 0.2M pottasium hydrogen phosphate, 0.2M Lithium Sulphate, final pH 6.0, Cpr=7mg/ml, 5-fold molar inhibitor excess, VAPOR DIFFUSION, temperature 292K
;
_exptl_crystal_grow.pdbx_pH_range   ? 
# 
_diffrn.id                     1 
_diffrn.ambient_temp           100 
_diffrn.ambient_temp_details   ? 
_diffrn.crystal_id             1 
# 
_diffrn_detector.diffrn_id              1 
_diffrn_detector.detector               CCD 
_diffrn_detector.type                   SBC-3 
_diffrn_detector.pdbx_collection_date   2005-10-22 
_diffrn_detector.details                ? 
# 
_diffrn_radiation.diffrn_id                        1 
_diffrn_radiation.wavelength_id                    1 
_diffrn_radiation.pdbx_monochromatic_or_laue_m_l   M 
_diffrn_radiation.monochromator                    ? 
_diffrn_radiation.pdbx_diffrn_protocol             'SINGLE WAVELENGTH' 
_diffrn_radiation.pdbx_scattering_type             x-ray 
# 
_diffrn_radiation_wavelength.id           1 
_diffrn_radiation_wavelength.wavelength   0.975 
_diffrn_radiation_wavelength.wt           1.0 
# 
_diffrn_source.diffrn_id                   1 
_diffrn_source.source                      SYNCHROTRON 
_diffrn_source.type                        'APS BEAMLINE 19-ID' 
_diffrn_source.pdbx_synchrotron_site       APS 
_diffrn_source.pdbx_synchrotron_beamline   19-ID 
_diffrn_source.pdbx_wavelength             ? 
_diffrn_source.pdbx_wavelength_list        0.975 
# 
_reflns.entry_id                     3I8W 
_reflns.observed_criterion_sigma_I   0 
_reflns.observed_criterion_sigma_F   0 
_reflns.d_resolution_low             50 
_reflns.d_resolution_high            1.7 
_reflns.number_obs                   14821 
_reflns.number_all                   19309 
_reflns.percent_possible_obs         95.4 
_reflns.pdbx_Rmerge_I_obs            0.049 
_reflns.pdbx_Rsym_value              ? 
_reflns.pdbx_netI_over_sigmaI        55.87 
_reflns.B_iso_Wilson_estimate        21 
_reflns.pdbx_redundancy              8.2 
_reflns.R_free_details               ? 
_reflns.limit_h_max                  ? 
_reflns.limit_h_min                  ? 
_reflns.limit_k_max                  ? 
_reflns.limit_k_min                  ? 
_reflns.limit_l_max                  ? 
_reflns.limit_l_min                  ? 
_reflns.observed_criterion_F_max     ? 
_reflns.observed_criterion_F_min     ? 
_reflns.pdbx_chi_squared             ? 
_reflns.pdbx_scaling_rejects         ? 
_reflns.pdbx_ordinal                 1 
_reflns.pdbx_diffrn_id               1 
# 
_reflns_shell.d_res_high             1.7 
_reflns_shell.d_res_low              1.76 
_reflns_shell.percent_possible_all   70.1 
_reflns_shell.Rmerge_I_obs           0.558 
_reflns_shell.pdbx_Rsym_value        ? 
_reflns_shell.meanI_over_sigI_obs    4.3 
_reflns_shell.pdbx_redundancy        5.9 
_reflns_shell.percent_possible_obs   ? 
_reflns_shell.number_unique_all      ? 
_reflns_shell.number_measured_all    ? 
_reflns_shell.number_measured_obs    ? 
_reflns_shell.number_unique_obs      ? 
_reflns_shell.pdbx_chi_squared       ? 
_reflns_shell.pdbx_ordinal           1 
_reflns_shell.pdbx_diffrn_id         1 
# 
_refine.entry_id                                 3I8W 
_refine.ls_number_reflns_obs                     13436 
_refine.ls_number_reflns_all                     ? 
_refine.pdbx_ls_sigma_I                          0 
_refine.pdbx_ls_sigma_F                          0 
_refine.pdbx_data_cutoff_high_absF               ? 
_refine.pdbx_data_cutoff_low_absF                ? 
_refine.pdbx_data_cutoff_high_rms_absF           ? 
_refine.ls_d_res_low                             23.78 
_refine.ls_d_res_high                            1.70 
_refine.ls_percent_reflns_obs                    95.30 
_refine.ls_R_factor_obs                          0.17776 
_refine.ls_R_factor_all                          ? 
_refine.ls_R_factor_R_work                       0.17602 
_refine.ls_R_factor_R_free                       0.21192 
_refine.ls_R_factor_R_free_error                 ? 
_refine.ls_R_factor_R_free_error_details         ? 
_refine.ls_percent_reflns_R_free                 5.0 
_refine.ls_number_reflns_R_free                  703 
_refine.ls_number_parameters                     ? 
_refine.ls_number_restraints                     ? 
_refine.occupancy_min                            ? 
_refine.occupancy_max                            ? 
_refine.correlation_coeff_Fo_to_Fc               0.966 
_refine.correlation_coeff_Fo_to_Fc_free          0.945 
_refine.B_iso_mean                               39.214 
_refine.aniso_B[1][1]                            -0.06 
_refine.aniso_B[2][2]                            0.09 
_refine.aniso_B[3][3]                            -0.03 
_refine.aniso_B[1][2]                            0.00 
_refine.aniso_B[1][3]                            0.00 
_refine.aniso_B[2][3]                            0.00 
_refine.solvent_model_details                    'BABINET MODEL WITH MASK' 
_refine.solvent_model_param_ksol                 ? 
_refine.solvent_model_param_bsol                 ? 
_refine.pdbx_solvent_vdw_probe_radii             1.20 
_refine.pdbx_solvent_ion_probe_radii             0.80 
_refine.pdbx_solvent_shrinkage_radii             0.80 
_refine.pdbx_ls_cross_valid_method               THROUGHOUT 
_refine.details                                  'HYDROGENS HAVE BEEN ADDED IN THE RIDING POSITIONS' 
_refine.pdbx_starting_model                      'PDB entry 1ZTZ' 
_refine.pdbx_method_to_determine_struct          'MOLECULAR REPLACEMENT' 
_refine.pdbx_isotropic_thermal_model             ? 
_refine.pdbx_stereochemistry_target_values       'MAXIMUM LIKELIHOOD' 
_refine.pdbx_stereochem_target_val_spec_case     ? 
_refine.pdbx_R_Free_selection_details            RANDOM 
_refine.pdbx_overall_ESU_R                       0.097 
_refine.pdbx_overall_ESU_R_Free                  0.099 
_refine.overall_SU_ML                            0.065 
_refine.overall_SU_B                             3.905 
_refine.ls_redundancy_reflns_obs                 ? 
_refine.B_iso_min                                ? 
_refine.B_iso_max                                ? 
_refine.overall_SU_R_Cruickshank_DPI             ? 
_refine.overall_SU_R_free                        ? 
_refine.ls_wR_factor_R_free                      ? 
_refine.ls_wR_factor_R_work                      ? 
_refine.overall_FOM_free_R_set                   ? 
_refine.overall_FOM_work_R_set                   ? 
_refine.pdbx_overall_phase_error                 ? 
_refine.pdbx_refine_id                           'X-RAY DIFFRACTION' 
_refine.pdbx_TLS_residual_ADP_flag               'LIKELY RESIDUAL' 
_refine.pdbx_diffrn_id                           1 
_refine.pdbx_overall_SU_R_free_Cruickshank_DPI   ? 
_refine.pdbx_overall_SU_R_Blow_DPI               ? 
_refine.pdbx_overall_SU_R_free_Blow_DPI          ? 
# 
_refine_hist.pdbx_refine_id                   'X-RAY DIFFRACTION' 
_refine_hist.cycle_id                         LAST 
_refine_hist.pdbx_number_atoms_protein        752 
_refine_hist.pdbx_number_atoms_nucleic_acid   0 
_refine_hist.pdbx_number_atoms_ligand         30 
_refine_hist.number_atoms_solvent             111 
_refine_hist.number_atoms_total               893 
_refine_hist.d_res_high                       1.70 
_refine_hist.d_res_low                        23.78 
# 
loop_
_refine_ls_restr.type 
_refine_ls_restr.dev_ideal 
_refine_ls_restr.dev_ideal_target 
_refine_ls_restr.weight 
_refine_ls_restr.number 
_refine_ls_restr.pdbx_refine_id 
_refine_ls_restr.pdbx_restraint_function 
r_bond_refined_d             0.016  0.022  ? 890  'X-RAY DIFFRACTION' ? 
r_bond_other_d               ?      ?      ? ?    'X-RAY DIFFRACTION' ? 
r_angle_refined_deg          3.761  2.178  ? 1415 'X-RAY DIFFRACTION' ? 
r_angle_other_deg            ?      ?      ? ?    'X-RAY DIFFRACTION' ? 
r_dihedral_angle_1_deg       5.081  5.000  ? 104  'X-RAY DIFFRACTION' ? 
r_dihedral_angle_2_deg       41.855 25.172 ? 29   'X-RAY DIFFRACTION' ? 
r_dihedral_angle_3_deg       9.975  15.000 ? 158  'X-RAY DIFFRACTION' ? 
r_dihedral_angle_4_deg       11.972 15.000 ? 3    'X-RAY DIFFRACTION' ? 
r_chiral_restr               0.232  0.200  ? 165  'X-RAY DIFFRACTION' ? 
r_gen_planes_refined         0.039  0.020  ? 604  'X-RAY DIFFRACTION' ? 
r_gen_planes_other           ?      ?      ? ?    'X-RAY DIFFRACTION' ? 
r_nbd_refined                0.193  0.200  ? 326  'X-RAY DIFFRACTION' ? 
r_nbd_other                  ?      ?      ? ?    'X-RAY DIFFRACTION' ? 
r_nbtor_refined              0.323  0.200  ? 579  'X-RAY DIFFRACTION' ? 
r_nbtor_other                ?      ?      ? ?    'X-RAY DIFFRACTION' ? 
r_xyhbond_nbd_refined        0.131  0.200  ? 82   'X-RAY DIFFRACTION' ? 
r_xyhbond_nbd_other          ?      ?      ? ?    'X-RAY DIFFRACTION' ? 
r_metal_ion_refined          ?      ?      ? ?    'X-RAY DIFFRACTION' ? 
r_metal_ion_other            ?      ?      ? ?    'X-RAY DIFFRACTION' ? 
r_symmetry_vdw_refined       0.259  0.200  ? 54   'X-RAY DIFFRACTION' ? 
r_symmetry_vdw_other         ?      ?      ? ?    'X-RAY DIFFRACTION' ? 
r_symmetry_hbond_refined     0.183  0.200  ? 12   'X-RAY DIFFRACTION' ? 
r_symmetry_hbond_other       ?      ?      ? ?    'X-RAY DIFFRACTION' ? 
r_symmetry_metal_ion_refined ?      ?      ? ?    'X-RAY DIFFRACTION' ? 
r_symmetry_metal_ion_other   ?      ?      ? ?    'X-RAY DIFFRACTION' ? 
r_mcbond_it                  0.664  1.500  ? 523  'X-RAY DIFFRACTION' ? 
r_mcbond_other               ?      ?      ? ?    'X-RAY DIFFRACTION' ? 
r_mcangle_it                 1.039  2.000  ? 843  'X-RAY DIFFRACTION' ? 
r_scbond_it                  1.381  3.000  ? 427  'X-RAY DIFFRACTION' ? 
r_scangle_it                 2.134  4.500  ? 367  'X-RAY DIFFRACTION' ? 
r_rigid_bond_restr           ?      ?      ? ?    'X-RAY DIFFRACTION' ? 
r_sphericity_free            ?      ?      ? ?    'X-RAY DIFFRACTION' ? 
r_sphericity_bonded          ?      ?      ? ?    'X-RAY DIFFRACTION' ? 
# 
_refine_ls_shell.pdbx_total_number_of_bins_used   20 
_refine_ls_shell.d_res_high                       1.70 
_refine_ls_shell.d_res_low                        1.745 
_refine_ls_shell.number_reflns_R_work             694 
_refine_ls_shell.R_factor_R_work                  0.243 
_refine_ls_shell.percent_reflns_obs               67.85 
_refine_ls_shell.R_factor_R_free                  0.295 
_refine_ls_shell.R_factor_R_free_error            ? 
_refine_ls_shell.percent_reflns_R_free            ? 
_refine_ls_shell.number_reflns_R_free             30 
_refine_ls_shell.number_reflns_all                ? 
_refine_ls_shell.R_factor_all                     ? 
_refine_ls_shell.number_reflns_obs                ? 
_refine_ls_shell.redundancy_reflns_obs            ? 
_refine_ls_shell.pdbx_refine_id                   'X-RAY DIFFRACTION' 
# 
_struct.entry_id                  3I8W 
_struct.title                     'Crystal structure of a metallacarborane inhibitor bound to HIV protease' 
_struct.pdbx_model_details        ? 
_struct.pdbx_CASP_flag            N 
_struct.pdbx_model_type_details   ? 
# 
_struct_keywords.entry_id        3I8W 
_struct_keywords.pdbx_keywords   'HYDROLASE/HYDROLASE INHIBITOR' 
_struct_keywords.text            
;inhibitor, cobalt bis(1, 2-dicarbollide), viral resistance, aspartic protease, AIDS, Aspartyl protease, Capsid maturation, Capsid protein, Cell membrane, DNA integration, DNA recombination, DNA-directed DNA polymerase, Endonuclease, Hydrolase, Lipoprotein, Magnesium, Membrane, Metal-binding, Multifunctional enzyme, Myristate, Nuclease, Nucleotidyltransferase, Nucleus, Phosphoprotein, Protease, RNA-binding, RNA-directed DNA polymerase, Transferase, Viral nucleoprotein, Virion, Zinc-finger, HYDROLASE-HYDROLASE INHIBITOR COMPLEX
;
# 
loop_
_struct_asym.id 
_struct_asym.pdbx_blank_PDB_chainid_flag 
_struct_asym.pdbx_modified 
_struct_asym.entity_id 
_struct_asym.details 
A N N 1 ? 
B N N 2 ? 
C N N 3 ? 
D N N 4 ? 
E N N 5 ? 
# 
_struct_biol.id        1 
_struct_biol.details   ? 
# 
_struct_conf.conf_type_id            HELX_P 
_struct_conf.id                      HELX_P1 
_struct_conf.pdbx_PDB_helix_id       1 
_struct_conf.beg_label_comp_id       GLY 
_struct_conf.beg_label_asym_id       A 
_struct_conf.beg_label_seq_id        86 
_struct_conf.pdbx_beg_PDB_ins_code   ? 
_struct_conf.end_label_comp_id       THR 
_struct_conf.end_label_asym_id       A 
_struct_conf.end_label_seq_id        91 
_struct_conf.pdbx_end_PDB_ins_code   ? 
_struct_conf.beg_auth_comp_id        GLY 
_struct_conf.beg_auth_asym_id        A 
_struct_conf.beg_auth_seq_id         86 
_struct_conf.end_auth_comp_id        THR 
_struct_conf.end_auth_asym_id        A 
_struct_conf.end_auth_seq_id         91 
_struct_conf.pdbx_PDB_helix_class    1 
_struct_conf.details                 ? 
_struct_conf.pdbx_PDB_helix_length   6 
# 
_struct_conf_type.id          HELX_P 
_struct_conf_type.criteria    ? 
_struct_conf_type.reference   ? 
# 
_struct_sheet.id               A 
_struct_sheet.type             ? 
_struct_sheet.number_strands   8 
_struct_sheet.details          ? 
# 
loop_
_struct_sheet_order.sheet_id 
_struct_sheet_order.range_id_1 
_struct_sheet_order.range_id_2 
_struct_sheet_order.offset 
_struct_sheet_order.sense 
A 1 2 ? anti-parallel 
A 2 3 ? anti-parallel 
A 3 4 ? parallel      
A 4 5 ? anti-parallel 
A 5 6 ? parallel      
A 6 7 ? anti-parallel 
A 7 8 ? anti-parallel 
# 
loop_
_struct_sheet_range.sheet_id 
_struct_sheet_range.id 
_struct_sheet_range.beg_label_comp_id 
_struct_sheet_range.beg_label_asym_id 
_struct_sheet_range.beg_label_seq_id 
_struct_sheet_range.pdbx_beg_PDB_ins_code 
_struct_sheet_range.end_label_comp_id 
_struct_sheet_range.end_label_asym_id 
_struct_sheet_range.end_label_seq_id 
_struct_sheet_range.pdbx_end_PDB_ins_code 
_struct_sheet_range.beg_auth_comp_id 
_struct_sheet_range.beg_auth_asym_id 
_struct_sheet_range.beg_auth_seq_id 
_struct_sheet_range.end_auth_comp_id 
_struct_sheet_range.end_auth_asym_id 
_struct_sheet_range.end_auth_seq_id 
A 1 LYS A 43 ? ILE A 47 ? LYS A 43 ILE A 47 
A 2 ILE A 54 ? ILE A 66 ? ILE A 54 ILE A 66 
A 3 HIS A 69 ? VAL A 77 ? HIS A 69 VAL A 77 
A 4 VAL A 32 ? ILE A 33 ? VAL A 32 ILE A 33 
A 5 ILE A 84 ? ILE A 85 ? ILE A 84 ILE A 85 
A 6 GLN A 18 ? LEU A 24 ? GLN A 18 LEU A 24 
A 7 LEU A 10 ? ILE A 15 ? LEU A 10 ILE A 15 
A 8 ILE A 54 ? ILE A 66 ? ILE A 54 ILE A 66 
# 
loop_
_pdbx_struct_sheet_hbond.sheet_id 
_pdbx_struct_sheet_hbond.range_id_1 
_pdbx_struct_sheet_hbond.range_id_2 
_pdbx_struct_sheet_hbond.range_1_label_atom_id 
_pdbx_struct_sheet_hbond.range_1_label_comp_id 
_pdbx_struct_sheet_hbond.range_1_label_asym_id 
_pdbx_struct_sheet_hbond.range_1_label_seq_id 
_pdbx_struct_sheet_hbond.range_1_PDB_ins_code 
_pdbx_struct_sheet_hbond.range_1_auth_atom_id 
_pdbx_struct_sheet_hbond.range_1_auth_comp_id 
_pdbx_struct_sheet_hbond.range_1_auth_asym_id 
_pdbx_struct_sheet_hbond.range_1_auth_seq_id 
_pdbx_struct_sheet_hbond.range_2_label_atom_id 
_pdbx_struct_sheet_hbond.range_2_label_comp_id 
_pdbx_struct_sheet_hbond.range_2_label_asym_id 
_pdbx_struct_sheet_hbond.range_2_label_seq_id 
_pdbx_struct_sheet_hbond.range_2_PDB_ins_code 
_pdbx_struct_sheet_hbond.range_2_auth_atom_id 
_pdbx_struct_sheet_hbond.range_2_auth_comp_id 
_pdbx_struct_sheet_hbond.range_2_auth_asym_id 
_pdbx_struct_sheet_hbond.range_2_auth_seq_id 
A 1 2 N LYS A 43 ? N LYS A 43 O GLN A 58 ? O GLN A 58 
A 2 3 N ILE A 66 ? N ILE A 66 O HIS A 69 ? O HIS A 69 
A 3 4 O LEU A 76 ? O LEU A 76 N ILE A 33 ? N ILE A 33 
A 4 5 N VAL A 32 ? N VAL A 32 O ILE A 84 ? O ILE A 84 
A 5 6 O ILE A 85 ? O ILE A 85 N LEU A 23 ? N LEU A 23 
A 6 7 O LYS A 20 ? O LYS A 20 N ILE A 13 ? N ILE A 13 
A 7 8 N LYS A 14 ? N LYS A 14 O GLU A 65 ? O GLU A 65 
# 
loop_
_struct_site.id 
_struct_site.pdbx_evidence_code 
_struct_site.pdbx_auth_asym_id 
_struct_site.pdbx_auth_comp_id 
_struct_site.pdbx_auth_seq_id 
_struct_site.pdbx_auth_ins_code 
_struct_site.pdbx_num_residues 
_struct_site.details 
AC1 Software A CB5 100 ? 8 'BINDING SITE FOR RESIDUE CB5 A 100' 
AC2 Software A CL  101 ? 4 'BINDING SITE FOR RESIDUE CL A 101'  
AC3 Software A GOL 102 ? 6 'BINDING SITE FOR RESIDUE GOL A 102' 
# 
loop_
_struct_site_gen.id 
_struct_site_gen.site_id 
_struct_site_gen.pdbx_num_res 
_struct_site_gen.label_comp_id 
_struct_site_gen.label_asym_id 
_struct_site_gen.label_seq_id 
_struct_site_gen.pdbx_auth_ins_code 
_struct_site_gen.auth_comp_id 
_struct_site_gen.auth_asym_id 
_struct_site_gen.auth_seq_id 
_struct_site_gen.label_atom_id 
_struct_site_gen.label_alt_id 
_struct_site_gen.symmetry 
_struct_site_gen.details 
1  AC1 8 ILE A 47 ? ILE A 47  . ? 1_555 ? 
2  AC1 8 GLY A 48 ? GLY A 48  . ? 1_555 ? 
3  AC1 8 GLY A 49 ? GLY A 49  . ? 4_567 ? 
4  AC1 8 ILE A 50 ? ILE A 50  . ? 4_567 ? 
5  AC1 8 ILE A 54 ? ILE A 54  . ? 1_555 ? 
6  AC1 8 PRO A 81 ? PRO A 81  . ? 1_555 ? 
7  AC1 8 VAL A 82 ? VAL A 82  . ? 1_555 ? 
8  AC1 8 ILE A 84 ? ILE A 84  . ? 1_555 ? 
9  AC2 4 PRO A 1  ? PRO A 1   . ? 1_555 ? 
10 AC2 4 HOH E .  ? HOH A 209 . ? 1_555 ? 
11 AC2 4 HOH E .  ? HOH A 210 . ? 1_555 ? 
12 AC2 4 HOH E .  ? HOH A 211 . ? 1_555 ? 
13 AC3 6 THR A 12 ? THR A 12  . ? 1_555 ? 
14 AC3 6 LYS A 14 ? LYS A 14  . ? 1_555 ? 
15 AC3 6 LEU A 19 ? LEU A 19  . ? 1_555 ? 
16 AC3 6 GLU A 65 ? GLU A 65  . ? 1_555 ? 
17 AC3 6 CYS A 67 ? CYS A 67  . ? 1_555 ? 
18 AC3 6 GLY A 68 ? GLY A 68  . ? 1_555 ? 
# 
_atom_sites.entry_id                    3I8W 
_atom_sites.fract_transf_matrix[1][1]   -0.00794501 
_atom_sites.fract_transf_matrix[1][2]   0.00563628 
_atom_sites.fract_transf_matrix[1][3]   -0.01416959 
_atom_sites.fract_transf_matrix[2][1]   -0.00948137 
_atom_sites.fract_transf_matrix[2][2]   -0.00342682 
_atom_sites.fract_transf_matrix[2][3]   0.00395319 
_atom_sites.fract_transf_matrix[3][1]   -0.00288260 
_atom_sites.fract_transf_matrix[3][2]   0.01818455 
_atom_sites.fract_transf_matrix[3][3]   0.00884962 
_atom_sites.fract_transf_vector[1]      0.100416 
_atom_sites.fract_transf_vector[2]      0.643247 
_atom_sites.fract_transf_vector[3]      0.789517 
# 
loop_
_atom_type.symbol 
B  
C  
CL 
CO 
N  
O  
S  
# 
loop_
_atom_site.group_PDB 
_atom_site.id 
_atom_site.type_symbol 
_atom_site.label_atom_id 
_atom_site.label_alt_id 
_atom_site.label_comp_id 
_atom_site.label_asym_id 
_atom_site.label_entity_id 
_atom_site.label_seq_id 
_atom_site.pdbx_PDB_ins_code 
_atom_site.Cartn_x 
_atom_site.Cartn_y 
_atom_site.Cartn_z 
_atom_site.occupancy 
_atom_site.B_iso_or_equiv 
_atom_site.pdbx_formal_charge 
_atom_site.auth_seq_id 
_atom_site.auth_comp_id 
_atom_site.auth_asym_id 
_atom_site.auth_atom_id 
_atom_site.pdbx_PDB_model_num 
ATOM   1   N  N   . PRO A 1 1  ? -11.421 -5.929  11.335  1.00 39.54 ? 1   PRO A N   1 
ATOM   2   C  CA  . PRO A 1 1  ? -10.808 -6.058  12.645  1.00 38.98 ? 1   PRO A CA  1 
ATOM   3   C  C   . PRO A 1 1  ? -10.640 -4.722  13.348  1.00 38.63 ? 1   PRO A C   1 
ATOM   4   O  O   . PRO A 1 1  ? -10.903 -3.671  12.770  1.00 38.33 ? 1   PRO A O   1 
ATOM   5   C  CB  . PRO A 1 1  ? -9.418  -6.594  12.303  1.00 39.35 ? 1   PRO A CB  1 
ATOM   6   C  CG  . PRO A 1 1  ? -9.118  -5.973  11.013  1.00 40.21 ? 1   PRO A CG  1 
ATOM   7   C  CD  . PRO A 1 1  ? -10.414 -6.072  10.269  1.00 40.14 ? 1   PRO A CD  1 
ATOM   8   N  N   . GLN A 1 2  ? -10.206 -4.782  14.601  1.00 38.06 ? 2   GLN A N   1 
ATOM   9   C  CA  . GLN A 1 2  ? -9.751  -3.596  15.312  1.00 38.29 ? 2   GLN A CA  1 
ATOM   10  C  C   . GLN A 1 2  ? -8.261  -3.793  15.549  1.00 38.61 ? 2   GLN A C   1 
ATOM   11  O  O   . GLN A 1 2  ? -7.847  -4.821  16.114  1.00 39.62 ? 2   GLN A O   1 
ATOM   12  C  CB  . GLN A 1 2  ? -10.491 -3.441  16.651  1.00 38.71 ? 2   GLN A CB  1 
ATOM   13  C  CG  . GLN A 1 2  ? -9.894  -2.347  17.548  1.00 40.11 ? 2   GLN A CG  1 
ATOM   14  C  CD  . GLN A 1 2  ? -10.815 -1.981  18.690  1.00 41.73 ? 2   GLN A CD  1 
ATOM   15  O  OE1 . GLN A 1 2  ? -11.854 -1.351  18.480  1.00 42.55 ? 2   GLN A OE1 1 
ATOM   16  N  NE2 . GLN A 1 2  ? -10.448 -2.383  19.906  1.00 41.23 ? 2   GLN A NE2 1 
ATOM   17  N  N   . ILE A 1 3  ? -7.465  -2.819  15.127  1.00 37.85 ? 3   ILE A N   1 
ATOM   18  C  CA  . ILE A 1 3  ? -6.031  -2.898  15.235  1.00 38.05 ? 3   ILE A CA  1 
ATOM   19  C  C   . ILE A 1 3  ? -5.568  -1.860  16.245  1.00 37.63 ? 3   ILE A C   1 
ATOM   20  O  O   . ILE A 1 3  ? -5.804  -0.656  16.088  1.00 37.10 ? 3   ILE A O   1 
ATOM   21  C  CB  . ILE A 1 3  ? -5.367  -2.714  13.871  1.00 38.83 ? 3   ILE A CB  1 
ATOM   22  C  CG1 . ILE A 1 3  ? -5.801  -3.862  12.942  1.00 39.88 ? 3   ILE A CG1 1 
ATOM   23  C  CG2 . ILE A 1 3  ? -3.840  -2.675  13.985  1.00 39.25 ? 3   ILE A CG2 1 
ATOM   24  C  CD1 . ILE A 1 3  ? -5.306  -3.692  11.563  1.00 43.23 ? 3   ILE A CD1 1 
ATOM   25  N  N   . THR A 1 4  ? -4.927  -2.348  17.294  1.00 37.01 ? 4   THR A N   1 
ATOM   26  C  CA  . THR A 1 4  ? -4.419  -1.480  18.335  1.00 36.69 ? 4   THR A CA  1 
ATOM   27  C  C   . THR A 1 4  ? -3.075  -0.929  17.879  1.00 36.33 ? 4   THR A C   1 
ATOM   28  O  O   . THR A 1 4  ? -2.510  -1.382  16.868  1.00 36.09 ? 4   THR A O   1 
ATOM   29  C  CB  . THR A 1 4  ? -4.260  -2.230  19.651  1.00 37.20 ? 4   THR A CB  1 
ATOM   30  O  OG1 . THR A 1 4  ? -3.388  -3.352  19.444  1.00 38.37 ? 4   THR A OG1 1 
ATOM   31  C  CG2 . THR A 1 4  ? -5.630  -2.712  20.141  1.00 38.08 ? 4   THR A CG2 1 
ATOM   32  N  N   . LEU A 1 5  ? -2.583  0.065   18.603  1.00 35.15 ? 5   LEU A N   1 
ATOM   33  C  CA  . LEU A 1 5  ? -1.389  0.803   18.156  1.00 35.24 ? 5   LEU A CA  1 
ATOM   34  C  C   . LEU A 1 5  ? -0.194  0.705   19.104  1.00 35.37 ? 5   LEU A C   1 
ATOM   35  O  O   . LEU A 1 5  ? 0.769   1.453   18.982  1.00 34.90 ? 5   LEU A O   1 
ATOM   36  C  CB  . LEU A 1 5  ? -1.754  2.264   17.829  1.00 35.76 ? 5   LEU A CB  1 
ATOM   37  C  CG  . LEU A 1 5  ? -2.721  2.367   16.629  1.00 36.62 ? 5   LEU A CG  1 
ATOM   38  C  CD1 . LEU A 1 5  ? -3.226  3.814   16.514  1.00 38.69 ? 5   LEU A CD1 1 
ATOM   39  C  CD2 . LEU A 1 5  ? -2.069  1.921   15.304  1.00 37.58 ? 5   LEU A CD2 1 
ATOM   40  N  N   . TRP A 1 6  ? -0.230  -0.240  20.044  1.00 35.30 ? 6   TRP A N   1 
ATOM   41  C  CA  A TRP A 1 6  ? 0.861   -0.520  20.981  0.50 36.15 ? 6   TRP A CA  1 
ATOM   42  C  CA  C TRP A 1 6  ? 0.932   -0.346  20.910  0.50 36.02 ? 6   TRP A CA  1 
ATOM   43  C  C   . TRP A 1 6  ? 2.124   -0.987  20.223  1.00 35.80 ? 6   TRP A C   1 
ATOM   44  O  O   . TRP A 1 6  ? 3.254   -0.773  20.661  1.00 35.92 ? 6   TRP A O   1 
ATOM   45  C  CB  A TRP A 1 6  ? 0.396   -1.567  22.029  0.62 36.87 ? 6   TRP A CB  1 
ATOM   46  C  CB  C TRP A 1 6  ? 0.608   -1.018  22.253  0.38 36.66 ? 6   TRP A CB  1 
ATOM   47  C  CG  A TRP A 1 6  ? -0.965  -1.270  22.663  0.62 37.71 ? 6   TRP A CG  1 
ATOM   48  C  CG  C TRP A 1 6  ? -0.150  -2.306  22.167  0.38 37.16 ? 6   TRP A CG  1 
ATOM   49  C  CD1 A TRP A 1 6  ? -2.147  -1.831  22.321  0.62 38.98 ? 6   TRP A CD1 1 
ATOM   50  C  CD1 C TRP A 1 6  ? 0.333   -3.518  21.756  0.38 38.63 ? 6   TRP A CD1 1 
ATOM   51  C  CD2 A TRP A 1 6  ? -1.253  -0.355  23.739  0.62 38.38 ? 6   TRP A CD2 1 
ATOM   52  C  CD2 C TRP A 1 6  ? -1.509  -2.531  22.565  0.38 37.69 ? 6   TRP A CD2 1 
ATOM   53  N  NE1 A TRP A 1 6  ? -3.160  -1.329  23.098  0.62 39.21 ? 6   TRP A NE1 1 
ATOM   54  N  NE1 C TRP A 1 6  ? -0.651  -4.476  21.845  0.38 38.79 ? 6   TRP A NE1 1 
ATOM   55  C  CE2 A TRP A 1 6  ? -2.642  -0.423  23.982  0.62 39.59 ? 6   TRP A CE2 1 
ATOM   56  C  CE2 C TRP A 1 6  ? -1.792  -3.896  22.335  0.38 37.80 ? 6   TRP A CE2 1 
ATOM   57  C  CE3 A TRP A 1 6  ? -0.481  0.518   24.510  0.62 39.06 ? 6   TRP A CE3 1 
ATOM   58  C  CE3 C TRP A 1 6  ? -2.520  -1.709  23.080  0.38 37.74 ? 6   TRP A CE3 1 
ATOM   59  C  CZ2 A TRP A 1 6  ? -3.279  0.345   24.978  0.62 39.61 ? 6   TRP A CZ2 1 
ATOM   60  C  CZ2 C TRP A 1 6  ? -3.044  -4.463  22.607  0.38 38.18 ? 6   TRP A CZ2 1 
ATOM   61  C  CZ3 A TRP A 1 6  ? -1.122  1.278   25.513  0.50 38.25 ? 6   TRP A CZ3 1 
ATOM   62  C  CZ3 C TRP A 1 6  ? -3.770  -2.273  23.345  0.38 38.12 ? 6   TRP A CZ3 1 
ATOM   63  C  CH2 A TRP A 1 6  ? -2.497  1.181   25.732  0.62 38.81 ? 6   TRP A CH2 1 
ATOM   64  C  CH2 C TRP A 1 6  ? -4.016  -3.637  23.113  0.38 38.12 ? 6   TRP A CH2 1 
ATOM   65  N  N   . LYS A 1 7  ? 1.898   -1.687  19.106  1.00 35.58 ? 7   LYS A N   1 
ATOM   66  C  CA  . LYS A 1 7  ? 2.993   -2.064  18.206  1.00 36.17 ? 7   LYS A CA  1 
ATOM   67  C  C   . LYS A 1 7  ? 2.755   -1.418  16.836  1.00 35.92 ? 7   LYS A C   1 
ATOM   68  O  O   . LYS A 1 7  ? 1.643   -0.975  16.544  1.00 35.23 ? 7   LYS A O   1 
ATOM   69  C  CB  . LYS A 1 7  ? 3.089   -3.580  18.018  1.00 36.68 ? 7   LYS A CB  1 
ATOM   70  C  CG  . LYS A 1 7  ? 3.433   -4.354  19.273  1.00 39.25 ? 7   LYS A CG  1 
ATOM   71  C  CD  . LYS A 1 7  ? 3.387   -5.854  18.993  1.00 42.73 ? 7   LYS A CD  1 
ATOM   72  C  CE  . LYS A 1 7  ? 2.089   -6.242  18.260  1.00 44.88 ? 7   LYS A CE  1 
ATOM   73  N  NZ  . LYS A 1 7  ? 0.848   -5.979  19.063  0.50 45.11 ? 7   LYS A NZ  1 
ATOM   74  N  N   . ARG A 1 8  ? 3.790   -1.337  16.002  1.00 35.88 ? 8   ARG A N   1 
ATOM   75  C  CA  . ARG A 1 8  ? 3.578   -0.853  14.613  1.00 35.94 ? 8   ARG A CA  1 
ATOM   76  C  C   . ARG A 1 8  ? 2.478   -1.679  13.929  1.00 36.02 ? 8   ARG A C   1 
ATOM   77  O  O   . ARG A 1 8  ? 2.488   -2.912  14.049  1.00 36.17 ? 8   ARG A O   1 
ATOM   78  C  CB  . ARG A 1 8  ? 4.868   -0.958  13.797  1.00 37.20 ? 8   ARG A CB  1 
ATOM   79  C  CG  . ARG A 1 8  ? 5.963   -0.029  14.288  1.00 38.53 ? 8   ARG A CG  1 
ATOM   80  C  CD  . ARG A 1 8  ? 7.226   -0.118  13.449  1.00 42.43 ? 8   ARG A CD  1 
ATOM   81  N  NE  . ARG A 1 8  ? 8.254   0.751   14.017  1.00 44.98 ? 8   ARG A NE  1 
ATOM   82  C  CZ  . ARG A 1 8  ? 9.555   0.689   13.745  1.00 47.60 ? 8   ARG A CZ  1 
ATOM   83  N  NH1 . ARG A 1 8  ? 10.035  -0.223  12.900  1.00 49.77 ? 8   ARG A NH1 1 
ATOM   84  N  NH2 . ARG A 1 8  ? 10.385  1.539   14.335  1.00 47.17 ? 8   ARG A NH2 1 
ATOM   85  N  N   . PRO A 1 9  ? 1.530   -1.010  13.252  1.00 35.92 ? 9   PRO A N   1 
ATOM   86  C  CA  . PRO A 1 9  ? 0.414   -1.708  12.570  1.00 35.79 ? 9   PRO A CA  1 
ATOM   87  C  C   . PRO A 1 9  ? 0.883   -2.362  11.278  1.00 36.08 ? 9   PRO A C   1 
ATOM   88  O  O   . PRO A 1 9  ? 0.475   -1.960  10.166  1.00 36.61 ? 9   PRO A O   1 
ATOM   89  C  CB  . PRO A 1 9  ? -0.585  -0.588  12.295  1.00 36.86 ? 9   PRO A CB  1 
ATOM   90  C  CG  . PRO A 1 9  ? 0.257   0.641   12.166  1.00 36.42 ? 9   PRO A CG  1 
ATOM   91  C  CD  . PRO A 1 9  ? 1.396   0.463   13.152  1.00 36.56 ? 9   PRO A CD  1 
ATOM   92  N  N   . LEU A 1 10 ? 1.720   -3.373  11.439  1.00 36.06 ? 10  LEU A N   1 
ATOM   93  C  CA  . LEU A 1 10 ? 2.171   -4.188  10.318  1.00 36.64 ? 10  LEU A CA  1 
ATOM   94  C  C   . LEU A 1 10 ? 1.237   -5.361  10.152  1.00 37.42 ? 10  LEU A C   1 
ATOM   95  O  O   . LEU A 1 10 ? 0.991   -6.116  11.118  1.00 38.05 ? 10  LEU A O   1 
ATOM   96  C  CB  . LEU A 1 10 ? 3.584   -4.728  10.606  1.00 37.40 ? 10  LEU A CB  1 
ATOM   97  C  CG  . LEU A 1 10 ? 4.666   -3.650  10.734  1.00 38.65 ? 10  LEU A CG  1 
ATOM   98  C  CD1 . LEU A 1 10 ? 5.904   -4.262  11.378  1.00 39.01 ? 10  LEU A CD1 1 
ATOM   99  C  CD2 . LEU A 1 10 ? 4.981   -3.045  9.378   1.00 41.63 ? 10  LEU A CD2 1 
ATOM   100 N  N   . VAL A 1 11 ? 0.744   -5.539  8.930   1.00 36.61 ? 11  VAL A N   1 
ATOM   101 C  CA  . VAL A 1 11 ? -0.191  -6.613  8.646   1.00 36.55 ? 11  VAL A CA  1 
ATOM   102 C  C   . VAL A 1 11 ? 0.252   -7.353  7.389   1.00 35.84 ? 11  VAL A C   1 
ATOM   103 O  O   . VAL A 1 11 ? 1.042   -6.836  6.602   1.00 35.76 ? 11  VAL A O   1 
ATOM   104 C  CB  . VAL A 1 11 ? -1.654  -6.094  8.467   1.00 36.66 ? 11  VAL A CB  1 
ATOM   105 C  CG1 . VAL A 1 11 ? -2.149  -5.390  9.735   1.00 38.73 ? 11  VAL A CG1 1 
ATOM   106 C  CG2 . VAL A 1 11 ? -1.774  -5.175  7.262   1.00 38.16 ? 11  VAL A CG2 1 
ATOM   107 N  N   . THR A 1 12 ? -0.261  -8.565  7.215   1.00 35.26 ? 12  THR A N   1 
ATOM   108 C  CA  . THR A 1 12 ? -0.018  -9.322  5.999   1.00 35.12 ? 12  THR A CA  1 
ATOM   109 C  C   . THR A 1 12 ? -1.008  -8.870  4.936   1.00 36.17 ? 12  THR A C   1 
ATOM   110 O  O   . THR A 1 12 ? -2.204  -8.756  5.204   1.00 37.00 ? 12  THR A O   1 
ATOM   111 C  CB  . THR A 1 12 ? -0.179  -10.815 6.255   1.00 35.41 ? 12  THR A CB  1 
ATOM   112 O  OG1 . THR A 1 12 ? 0.724   -11.189 7.306   1.00 35.61 ? 12  THR A OG1 1 
ATOM   113 C  CG2 . THR A 1 12 ? 0.126   -11.622 4.989   1.00 36.20 ? 12  THR A CG2 1 
ATOM   114 N  N   . ILE A 1 13 ? -0.492  -8.555  3.762   1.00 34.96 ? 13  ILE A N   1 
ATOM   115 C  CA  . ILE A 1 13 ? -1.343  -8.247  2.602   1.00 35.38 ? 13  ILE A CA  1 
ATOM   116 C  C   . ILE A 1 13 ? -1.131  -9.292  1.530   1.00 35.09 ? 13  ILE A C   1 
ATOM   117 O  O   . ILE A 1 13 ? -0.102  -9.970  1.491   1.00 35.11 ? 13  ILE A O   1 
ATOM   118 C  CB  . ILE A 1 13 ? -1.055  -6.826  2.035   1.00 35.14 ? 13  ILE A CB  1 
ATOM   119 C  CG1 . ILE A 1 13 ? 0.363   -6.747  1.439   1.00 37.08 ? 13  ILE A CG1 1 
ATOM   120 C  CG2 . ILE A 1 13 ? -1.282  -5.772  3.158   1.00 36.59 ? 13  ILE A CG2 1 
ATOM   121 C  CD1 . ILE A 1 13 ? 0.634   -5.525  0.542   1.00 37.72 ? 13  ILE A CD1 1 
ATOM   122 N  N   . LYS A 1 14 ? -2.116  -9.434  0.658   1.00 33.39 ? 14  LYS A N   1 
ATOM   123 C  CA  . LYS A 1 14 ? -1.948  -10.277 -0.512  1.00 33.51 ? 14  LYS A CA  1 
ATOM   124 C  C   . LYS A 1 14 ? -2.078  -9.374  -1.717  1.00 34.39 ? 14  LYS A C   1 
ATOM   125 O  O   . LYS A 1 14 ? -3.063  -8.637  -1.852  1.00 35.28 ? 14  LYS A O   1 
ATOM   126 C  CB  . LYS A 1 14 ? -2.986  -11.387 -0.545  1.00 32.66 ? 14  LYS A CB  1 
ATOM   127 C  CG  . LYS A 1 14 ? -2.722  -12.374 -1.683  1.00 35.56 ? 14  LYS A CG  1 
ATOM   128 C  CD  . LYS A 1 14 ? -3.627  -13.572 -1.579  1.00 37.31 ? 14  LYS A CD  1 
ATOM   129 C  CE  . LYS A 1 14 ? -3.351  -14.534 -2.710  1.00 41.75 ? 14  LYS A CE  1 
ATOM   130 N  NZ  . LYS A 1 14 ? -4.216  -15.734 -2.602  1.00 44.78 ? 14  LYS A NZ  1 
ATOM   131 N  N   . ILE A 1 15 ? -1.071  -9.399  -2.576  1.00 34.39 ? 15  ILE A N   1 
ATOM   132 C  CA  . ILE A 1 15 ? -1.045  -8.563  -3.764  1.00 35.93 ? 15  ILE A CA  1 
ATOM   133 C  C   . ILE A 1 15 ? -0.293  -9.309  -4.875  1.00 35.41 ? 15  ILE A C   1 
ATOM   134 O  O   . ILE A 1 15 ? 0.774   -9.878  -4.623  1.00 35.62 ? 15  ILE A O   1 
ATOM   135 C  CB  . ILE A 1 15 ? -0.372  -7.181  -3.464  1.00 35.54 ? 15  ILE A CB  1 
ATOM   136 C  CG1 . ILE A 1 15 ? -0.272  -6.342  -4.746  1.00 37.66 ? 15  ILE A CG1 1 
ATOM   137 C  CG2 . ILE A 1 15 ? 1.002   -7.384  -2.776  1.00 36.73 ? 15  ILE A CG2 1 
ATOM   138 C  CD1 . ILE A 1 15 ? 0.293   -4.912  -4.524  1.00 37.86 ? 15  ILE A CD1 1 
ATOM   139 N  N   . GLY A 1 16 ? -0.851  -9.333  -6.089  1.00 35.55 ? 16  GLY A N   1 
ATOM   140 C  CA  . GLY A 1 16 ? -0.232  -10.078 -7.203  1.00 35.66 ? 16  GLY A CA  1 
ATOM   141 C  C   . GLY A 1 16 ? 0.072   -11.525 -6.850  1.00 36.24 ? 16  GLY A C   1 
ATOM   142 O  O   . GLY A 1 16 ? 1.092   -12.081 -7.281  1.00 36.70 ? 16  GLY A O   1 
ATOM   143 N  N   . GLY A 1 17 ? -0.799  -12.134 -6.048  1.00 35.57 ? 17  GLY A N   1 
ATOM   144 C  CA  . GLY A 1 17 ? -0.648  -13.548 -5.679  1.00 35.50 ? 17  GLY A CA  1 
ATOM   145 C  C   . GLY A 1 17 ? 0.437   -13.812 -4.650  1.00 36.32 ? 17  GLY A C   1 
ATOM   146 O  O   . GLY A 1 17 ? 0.764   -14.976 -4.370  1.00 36.02 ? 17  GLY A O   1 
ATOM   147 N  N   . GLN A 1 18 ? 0.999   -12.735 -4.100  1.00 36.25 ? 18  GLN A N   1 
ATOM   148 C  CA  . GLN A 1 18 ? 2.092   -12.822 -3.137  1.00 37.40 ? 18  GLN A CA  1 
ATOM   149 C  C   . GLN A 1 18 ? 1.686   -12.262 -1.777  1.00 36.47 ? 18  GLN A C   1 
ATOM   150 O  O   . GLN A 1 18 ? 0.905   -11.306 -1.682  1.00 37.47 ? 18  GLN A O   1 
ATOM   151 C  CB  A GLN A 1 18 ? 3.328   -12.071 -3.655  0.50 37.26 ? 18  GLN A CB  1 
ATOM   152 C  CB  B GLN A 1 18 ? 3.331   -12.089 -3.660  0.50 37.22 ? 18  GLN A CB  1 
ATOM   153 C  CG  A GLN A 1 18 ? 3.881   -12.601 -4.981  0.50 39.29 ? 18  GLN A CG  1 
ATOM   154 C  CG  B GLN A 1 18 ? 3.995   -12.776 -4.849  0.50 39.15 ? 18  GLN A CG  1 
ATOM   155 C  CD  A GLN A 1 18 ? 5.106   -11.842 -5.491  0.50 39.35 ? 18  GLN A CD  1 
ATOM   156 C  CD  B GLN A 1 18 ? 4.531   -14.151 -4.505  0.50 38.64 ? 18  GLN A CD  1 
ATOM   157 O  OE1 A GLN A 1 18 ? 5.264   -11.652 -6.701  0.50 41.98 ? 18  GLN A OE1 1 
ATOM   158 O  OE1 B GLN A 1 18 ? 4.062   -15.160 -5.024  0.50 41.52 ? 18  GLN A OE1 1 
ATOM   159 N  NE2 A GLN A 1 18 ? 5.980   -11.423 -4.578  0.50 40.69 ? 18  GLN A NE2 1 
ATOM   160 N  NE2 B GLN A 1 18 ? 5.507   -14.197 -3.611  0.50 40.31 ? 18  GLN A NE2 1 
ATOM   161 N  N   . LEU A 1 19 ? 2.242   -12.854 -0.724  1.00 35.31 ? 19  LEU A N   1 
ATOM   162 C  CA  . LEU A 1 19 ? 2.074   -12.320 0.632   1.00 35.15 ? 19  LEU A CA  1 
ATOM   163 C  C   . LEU A 1 19 ? 3.215   -11.393 1.000   1.00 35.62 ? 19  LEU A C   1 
ATOM   164 O  O   . LEU A 1 19 ? 4.396   -11.740 0.841   1.00 35.58 ? 19  LEU A O   1 
ATOM   165 C  CB  . LEU A 1 19 ? 1.989   -13.458 1.660   1.00 34.50 ? 19  LEU A CB  1 
ATOM   166 C  CG  . LEU A 1 19 ? 0.857   -14.460 1.426   1.00 35.63 ? 19  LEU A CG  1 
ATOM   167 C  CD1 . LEU A 1 19 ? 0.906   -15.599 2.420   1.00 35.42 ? 19  LEU A CD1 1 
ATOM   168 C  CD2 . LEU A 1 19 ? -0.494  -13.732 1.505   1.00 36.80 ? 19  LEU A CD2 1 
ATOM   169 N  N   . LYS A 1 20 ? 2.862   -10.237 1.547   1.00 35.65 ? 20  LYS A N   1 
ATOM   170 C  CA  . LYS A 1 20 ? 3.863   -9.266  1.986   1.00 36.44 ? 20  LYS A CA  1 
ATOM   171 C  C   . LYS A 1 20 ? 3.450   -8.656  3.302   1.00 36.31 ? 20  LYS A C   1 
ATOM   172 O  O   . LYS A 1 20 ? 2.263   -8.642  3.635   1.00 36.71 ? 20  LYS A O   1 
ATOM   173 C  CB  . LYS A 1 20 ? 4.003   -8.153  0.947   1.00 35.94 ? 20  LYS A CB  1 
ATOM   174 C  CG  . LYS A 1 20 ? 4.666   -8.644  -0.341  1.00 38.06 ? 20  LYS A CG  1 
ATOM   175 C  CD  . LYS A 1 20 ? 4.844   -7.545  -1.362  1.00 40.86 ? 20  LYS A CD  1 
ATOM   176 C  CE  . LYS A 1 20 ? 5.560   -8.099  -2.592  1.00 42.46 ? 20  LYS A CE  1 
ATOM   177 N  NZ  . LYS A 1 20 ? 6.882   -8.671  -2.276  1.00 43.06 ? 20  LYS A NZ  1 
ATOM   178 N  N   . GLU A 1 21 ? 4.423   -8.115  4.034   1.00 36.01 ? 21  GLU A N   1 
ATOM   179 C  CA  . GLU A 1 21 ? 4.119   -7.344  5.229   1.00 36.20 ? 21  GLU A CA  1 
ATOM   180 C  C   . GLU A 1 21 ? 4.083   -5.859  4.872   1.00 36.13 ? 21  GLU A C   1 
ATOM   181 O  O   . GLU A 1 21 ? 4.966   -5.353  4.169   1.00 36.25 ? 21  GLU A O   1 
ATOM   182 C  CB  . GLU A 1 21 ? 5.168   -7.596  6.307   1.00 36.03 ? 21  GLU A CB  1 
ATOM   183 C  CG  . GLU A 1 21 ? 4.853   -6.938  7.635   1.00 38.50 ? 21  GLU A CG  1 
ATOM   184 C  CD  . GLU A 1 21 ? 5.864   -7.280  8.729   0.50 37.67 ? 21  GLU A CD  1 
ATOM   185 O  OE1 . GLU A 1 21 ? 7.060   -6.954  8.568   0.50 39.85 ? 21  GLU A OE1 1 
ATOM   186 O  OE2 . GLU A 1 21 ? 5.457   -7.863  9.761   0.50 40.78 ? 21  GLU A OE2 1 
ATOM   187 N  N   . ALA A 1 22 ? 3.063   -5.165  5.356   1.00 35.32 ? 22  ALA A N   1 
ATOM   188 C  CA  . ALA A 1 22 ? 2.885   -3.744  5.026   1.00 35.36 ? 22  ALA A CA  1 
ATOM   189 C  C   . ALA A 1 22 ? 2.398   -2.968  6.230   1.00 36.45 ? 22  ALA A C   1 
ATOM   190 O  O   . ALA A 1 22 ? 1.698   -3.516  7.094   1.00 36.68 ? 22  ALA A O   1 
ATOM   191 C  CB  . ALA A 1 22 ? 1.908   -3.576  3.874   1.00 35.41 ? 22  ALA A CB  1 
ATOM   192 N  N   . LEU A 1 23 ? 2.782   -1.696  6.282   1.00 35.64 ? 23  LEU A N   1 
ATOM   193 C  CA  . LEU A 1 23 ? 2.412   -0.820  7.386   1.00 36.35 ? 23  LEU A CA  1 
ATOM   194 C  C   . LEU A 1 23 ? 1.160   -0.041  7.057   1.00 36.51 ? 23  LEU A C   1 
ATOM   195 O  O   . LEU A 1 23 ? 1.096   0.626   6.014   1.00 36.42 ? 23  LEU A O   1 
ATOM   196 C  CB  . LEU A 1 23 ? 3.557   0.164   7.636   1.00 36.30 ? 23  LEU A CB  1 
ATOM   197 C  CG  . LEU A 1 23 ? 3.437   1.160   8.796   1.00 37.71 ? 23  LEU A CG  1 
ATOM   198 C  CD1 . LEU A 1 23 ? 3.571   0.417   10.114  1.00 35.84 ? 23  LEU A CD1 1 
ATOM   199 C  CD2 . LEU A 1 23 ? 4.579   2.192   8.673   1.00 38.13 ? 23  LEU A CD2 1 
ATOM   200 N  N   . LEU A 1 24 ? 0.153   -0.111  7.928   1.00 35.44 ? 24  LEU A N   1 
ATOM   201 C  CA  . LEU A 1 24 ? -1.051  0.693   7.702   1.00 35.11 ? 24  LEU A CA  1 
ATOM   202 C  C   . LEU A 1 24 ? -0.749  2.092   8.205   1.00 35.77 ? 24  LEU A C   1 
ATOM   203 O  O   . LEU A 1 24 ? -0.586  2.297   9.421   1.00 36.02 ? 24  LEU A O   1 
ATOM   204 C  CB  . LEU A 1 24 ? -2.235  0.119   8.463   1.00 35.14 ? 24  LEU A CB  1 
ATOM   205 C  CG  . LEU A 1 24 ? -2.572  -1.352  8.169   1.00 34.77 ? 24  LEU A CG  1 
ATOM   206 C  CD1 . LEU A 1 24 ? -3.797  -1.733  9.003   1.00 37.27 ? 24  LEU A CD1 1 
ATOM   207 C  CD2 . LEU A 1 24 ? -2.833  -1.554  6.690   1.00 37.76 ? 24  LEU A CD2 1 
ATOM   208 N  N   . ASP A 1 25 ? -0.701  3.045   7.278   1.00 35.51 ? 25  ASP A N   1 
ATOM   209 C  CA  . ASP A 1 25 ? -0.071  4.354   7.573   1.00 35.63 ? 25  ASP A CA  1 
ATOM   210 C  C   . ASP A 1 25 ? -1.012  5.510   7.261   1.00 35.06 ? 25  ASP A C   1 
ATOM   211 O  O   . ASP A 1 25 ? -1.115  5.949   6.125   1.00 35.14 ? 25  ASP A O   1 
ATOM   212 C  CB  . ASP A 1 25 ? 1.240   4.487   6.756   1.00 36.52 ? 25  ASP A CB  1 
ATOM   213 C  CG  . ASP A 1 25 ? 2.086   5.690   7.185   1.00 39.27 ? 25  ASP A CG  1 
ATOM   214 O  OD1 . ASP A 1 25 ? 1.601   6.529   7.974   1.00 38.48 ? 25  ASP A OD1 1 
ATOM   215 O  OD2 . ASP A 1 25 ? 3.267   5.774   6.770   1.00 44.07 ? 25  ASP A OD2 1 
ATOM   216 N  N   . THR A 1 26 ? -1.672  6.032   8.294   1.00 33.33 ? 26  THR A N   1 
ATOM   217 C  CA  . THR A 1 26 ? -2.648  7.112   8.091   1.00 33.79 ? 26  THR A CA  1 
ATOM   218 C  C   . THR A 1 26 ? -1.967  8.414   7.695   1.00 34.18 ? 26  THR A C   1 
ATOM   219 O  O   . THR A 1 26 ? -2.603  9.341   7.195   1.00 34.89 ? 26  THR A O   1 
ATOM   220 C  CB  . THR A 1 26 ? -3.508  7.337   9.328   1.00 34.20 ? 26  THR A CB  1 
ATOM   221 O  OG1 . THR A 1 26 ? -2.677  7.651   10.469  1.00 33.79 ? 26  THR A OG1 1 
ATOM   222 C  CG2 . THR A 1 26 ? -4.292  6.048   9.648   1.00 33.07 ? 26  THR A CG2 1 
ATOM   223 N  N   . GLY A 1 27 ? -0.653  8.463   7.929   1.00 34.43 ? 27  GLY A N   1 
ATOM   224 C  CA  . GLY A 1 27 ? 0.148   9.623   7.531   1.00 35.49 ? 27  GLY A CA  1 
ATOM   225 C  C   . GLY A 1 27 ? 0.559   9.661   6.067   1.00 36.52 ? 27  GLY A C   1 
ATOM   226 O  O   . GLY A 1 27 ? 1.113   10.678  5.616   1.00 37.73 ? 27  GLY A O   1 
ATOM   227 N  N   . ALA A 1 28 ? 0.299   8.582   5.316   1.00 35.76 ? 28  ALA A N   1 
ATOM   228 C  CA  . ALA A 1 28 ? 0.706   8.472   3.901   1.00 35.65 ? 28  ALA A CA  1 
ATOM   229 C  C   . ALA A 1 28 ? -0.508  8.646   3.013   1.00 36.41 ? 28  ALA A C   1 
ATOM   230 O  O   . ALA A 1 28 ? -1.553  8.023   3.268   1.00 36.10 ? 28  ALA A O   1 
ATOM   231 C  CB  . ALA A 1 28 ? 1.323   7.103   3.634   1.00 35.59 ? 28  ALA A CB  1 
ATOM   232 N  N   . ASP A 1 29 ? -0.387  9.495   1.990   1.00 35.22 ? 29  ASP A N   1 
ATOM   233 C  CA  . ASP A 1 29 ? -1.490  9.700   1.058   1.00 36.54 ? 29  ASP A CA  1 
ATOM   234 C  C   . ASP A 1 29 ? -1.653  8.487   0.179   1.00 36.92 ? 29  ASP A C   1 
ATOM   235 O  O   . ASP A 1 29 ? -2.780  8.123   -0.159  1.00 38.28 ? 29  ASP A O   1 
ATOM   236 C  CB  . ASP A 1 29 ? -1.219  10.887  0.131   1.00 36.99 ? 29  ASP A CB  1 
ATOM   237 C  CG  . ASP A 1 29 ? -1.179  12.223  0.859   1.00 39.46 ? 29  ASP A CG  1 
ATOM   238 O  OD1 . ASP A 1 29 ? -1.683  12.353  2.009   1.00 38.96 ? 29  ASP A OD1 1 
ATOM   239 O  OD2 . ASP A 1 29 ? -0.657  13.171  0.226   1.00 44.84 ? 29  ASP A OD2 1 
ATOM   240 N  N   . ASP A 1 30 ? -0.513  7.896   -0.205  1.00 36.19 ? 30  ASP A N   1 
ATOM   241 C  CA  . ASP A 1 30 ? -0.445  6.877   -1.254  1.00 35.86 ? 30  ASP A CA  1 
ATOM   242 C  C   . ASP A 1 30 ? 0.126   5.553   -0.758  1.00 36.37 ? 30  ASP A C   1 
ATOM   243 O  O   . ASP A 1 30 ? 0.627   5.458   0.375   1.00 36.63 ? 30  ASP A O   1 
ATOM   244 C  CB  . ASP A 1 30 ? 0.414   7.408   -2.404  1.00 37.15 ? 30  ASP A CB  1 
ATOM   245 C  CG  . ASP A 1 30 ? -0.047  8.766   -2.889  0.50 37.43 ? 30  ASP A CG  1 
ATOM   246 O  OD1 . ASP A 1 30 ? -1.214  8.879   -3.318  0.50 37.37 ? 30  ASP A OD1 1 
ATOM   247 O  OD2 . ASP A 1 30 ? 0.757   9.717   -2.820  0.50 40.15 ? 30  ASP A OD2 1 
ATOM   248 N  N   . THR A 1 31 ? 0.052   4.533   -1.613  1.00 35.25 ? 31  THR A N   1 
ATOM   249 C  CA  . THR A 1 31 ? 0.511   3.187   -1.269  1.00 35.37 ? 31  THR A CA  1 
ATOM   250 C  C   . THR A 1 31 ? 1.744   2.882   -2.106  1.00 35.04 ? 31  THR A C   1 
ATOM   251 O  O   . THR A 1 31 ? 1.744   3.076   -3.331  1.00 34.78 ? 31  THR A O   1 
ATOM   252 C  CB  . THR A 1 31 ? -0.626  2.163   -1.531  1.00 36.12 ? 31  THR A CB  1 
ATOM   253 O  OG1 . THR A 1 31 ? -1.675  2.425   -0.580  1.00 37.48 ? 31  THR A OG1 1 
ATOM   254 C  CG2 . THR A 1 31 ? -0.155  0.715   -1.416  1.00 36.32 ? 31  THR A CG2 1 
ATOM   255 N  N   . VAL A 1 32 ? 2.812   2.447   -1.434  1.00 34.22 ? 32  VAL A N   1 
ATOM   256 C  CA  . VAL A 1 32 ? 4.063   2.091   -2.109  1.00 34.25 ? 32  VAL A CA  1 
ATOM   257 C  C   . VAL A 1 32 ? 4.479   0.688   -1.670  1.00 34.89 ? 32  VAL A C   1 
ATOM   258 O  O   . VAL A 1 32 ? 4.498   0.375   -0.464  1.00 34.99 ? 32  VAL A O   1 
ATOM   259 C  CB  A VAL A 1 32 ? 5.182   3.142   -1.868  0.50 34.54 ? 32  VAL A CB  1 
ATOM   260 C  CB  B VAL A 1 32 ? 5.228   3.050   -1.746  0.50 34.44 ? 32  VAL A CB  1 
ATOM   261 C  CG1 A VAL A 1 32 ? 5.590   3.179   -0.408  0.50 34.91 ? 32  VAL A CG1 1 
ATOM   262 C  CG1 B VAL A 1 32 ? 6.347   2.931   -2.774  0.50 34.78 ? 32  VAL A CG1 1 
ATOM   263 C  CG2 A VAL A 1 32 ? 6.381   2.867   -2.771  0.50 34.84 ? 32  VAL A CG2 1 
ATOM   264 C  CG2 B VAL A 1 32 ? 4.756   4.484   -1.654  0.50 34.30 ? 32  VAL A CG2 1 
ATOM   265 N  N   . ILE A 1 33 ? 4.798   -0.140  -2.655  1.00 34.42 ? 33  ILE A N   1 
ATOM   266 C  CA  . ILE A 1 33 ? 5.138   -1.535  -2.426  1.00 34.97 ? 33  ILE A CA  1 
ATOM   267 C  C   . ILE A 1 33 ? 6.486   -1.853  -3.074  1.00 34.98 ? 33  ILE A C   1 
ATOM   268 O  O   . ILE A 1 33 ? 6.821   -1.328  -4.146  1.00 35.14 ? 33  ILE A O   1 
ATOM   269 C  CB  . ILE A 1 33 ? 4.020   -2.475  -3.007  1.00 35.39 ? 33  ILE A CB  1 
ATOM   270 C  CG1 . ILE A 1 33 ? 2.645   -2.207  -2.339  1.00 35.16 ? 33  ILE A CG1 1 
ATOM   271 C  CG2 . ILE A 1 33 ? 4.449   -3.961  -2.896  1.00 36.08 ? 33  ILE A CG2 1 
ATOM   272 C  CD1 . ILE A 1 33 ? 2.590   -2.501  -0.865  1.00 37.02 ? 33  ILE A CD1 1 
ATOM   273 N  N   . GLU A 1 34 ? 7.274   -2.703  -2.414  1.00 34.73 ? 34  GLU A N   1 
ATOM   274 C  CA  . GLU A 1 34 ? 8.580   -3.108  -2.892  1.00 35.60 ? 34  GLU A CA  1 
ATOM   275 C  C   . GLU A 1 34 ? 8.524   -3.727  -4.288  1.00 35.65 ? 34  GLU A C   1 
ATOM   276 O  O   . GLU A 1 34 ? 7.467   -4.171  -4.731  1.00 35.96 ? 34  GLU A O   1 
ATOM   277 C  CB  . GLU A 1 34 ? 9.212   -4.095  -1.904  1.00 35.36 ? 34  GLU A CB  1 
ATOM   278 C  CG  . GLU A 1 34 ? 8.445   -5.398  -1.720  1.00 36.85 ? 34  GLU A CG  1 
ATOM   279 C  CD  . GLU A 1 34 ? 8.757   -6.078  -0.388  1.00 39.65 ? 34  GLU A CD  1 
ATOM   280 O  OE1 . GLU A 1 34 ? 9.698   -5.658  0.317   0.50 39.08 ? 34  GLU A OE1 1 
ATOM   281 O  OE2 . GLU A 1 34 ? 8.032   -7.023  -0.034  1.00 42.19 ? 34  GLU A OE2 1 
ATOM   282 N  N   . GLU A 1 35 ? 9.663   -3.729  -4.974  1.00 35.55 ? 35  GLU A N   1 
ATOM   283 C  CA  . GLU A 1 35 ? 9.721   -4.282  -6.313  1.00 36.06 ? 35  GLU A CA  1 
ATOM   284 C  C   . GLU A 1 35 ? 9.100   -5.680  -6.378  1.00 35.91 ? 35  GLU A C   1 
ATOM   285 O  O   . GLU A 1 35 ? 9.418   -6.557  -5.570  1.00 35.73 ? 35  GLU A O   1 
ATOM   286 C  CB  . GLU A 1 35 ? 11.168  -4.319  -6.821  1.00 35.71 ? 35  GLU A CB  1 
ATOM   287 C  CG  . GLU A 1 35 ? 11.277  -4.608  -8.302  1.00 38.60 ? 35  GLU A CG  1 
ATOM   288 C  CD  . GLU A 1 35 ? 10.421  -3.670  -9.124  0.50 39.08 ? 35  GLU A CD  1 
ATOM   289 O  OE1 . GLU A 1 35 ? 10.739  -2.463  -9.176  0.50 39.12 ? 35  GLU A OE1 1 
ATOM   290 O  OE2 . GLU A 1 35 ? 9.423   -4.141  -9.710  0.50 39.94 ? 35  GLU A OE2 1 
ATOM   291 N  N   . MET A 1 36 ? 8.213   -5.863  -7.347  1.00 36.67 ? 36  MET A N   1 
ATOM   292 C  CA  . MET A 1 36 ? 7.525   -7.138  -7.564  1.00 37.80 ? 36  MET A CA  1 
ATOM   293 C  C   . MET A 1 36 ? 6.881   -7.147  -8.942  1.00 38.34 ? 36  MET A C   1 
ATOM   294 O  O   . MET A 1 36 ? 6.756   -6.098  -9.568  1.00 38.93 ? 36  MET A O   1 
ATOM   295 C  CB  . MET A 1 36 ? 6.439   -7.347  -6.496  1.00 36.89 ? 36  MET A CB  1 
ATOM   296 C  CG  . MET A 1 36 ? 5.306   -6.330  -6.589  1.00 36.92 ? 36  MET A CG  1 
ATOM   297 S  SD  . MET A 1 36 ? 3.890   -6.703  -5.548  1.00 38.99 ? 36  MET A SD  1 
ATOM   298 C  CE  . MET A 1 36 ? 3.366   -8.298  -6.228  1.00 37.38 ? 36  MET A CE  1 
ATOM   299 N  N   . SER A 1 37 ? 6.462   -8.328  -9.395  1.00 39.30 ? 37  SER A N   1 
ATOM   300 C  CA  . SER A 1 37 ? 5.773   -8.486  -10.671 1.00 40.36 ? 37  SER A CA  1 
ATOM   301 C  C   . SER A 1 37 ? 4.264   -8.243  -10.550 1.00 40.81 ? 37  SER A C   1 
ATOM   302 O  O   . SER A 1 37 ? 3.597   -8.820  -9.690  1.00 40.92 ? 37  SER A O   1 
ATOM   303 C  CB  . SER A 1 37 ? 6.038   -9.884  -11.233 1.00 40.62 ? 37  SER A CB  1 
ATOM   304 O  OG  . SER A 1 37 ? 5.287   -10.118 -12.416 1.00 42.45 ? 37  SER A OG  1 
ATOM   305 N  N   . LEU A 1 38 ? 3.733   -7.381  -11.412 1.00 41.24 ? 38  LEU A N   1 
ATOM   306 C  CA  . LEU A 1 38 ? 2.291   -7.140  -11.481 1.00 41.70 ? 38  LEU A CA  1 
ATOM   307 C  C   . LEU A 1 38 ? 1.862   -7.091  -12.939 1.00 42.70 ? 38  LEU A C   1 
ATOM   308 O  O   . LEU A 1 38 ? 2.585   -6.548  -13.774 1.00 42.82 ? 38  LEU A O   1 
ATOM   309 C  CB  . LEU A 1 38 ? 1.901   -5.835  -10.778 1.00 41.53 ? 38  LEU A CB  1 
ATOM   310 C  CG  . LEU A 1 38 ? 1.793   -5.750  -9.250  1.00 40.64 ? 38  LEU A CG  1 
ATOM   311 C  CD1 . LEU A 1 38 ? 1.478   -4.313  -8.840  1.00 39.16 ? 38  LEU A CD1 1 
ATOM   312 C  CD2 . LEU A 1 38 ? 0.744   -6.719  -8.676  1.00 38.68 ? 38  LEU A CD2 1 
ATOM   313 N  N   . PRO A 1 39 ? 0.685   -7.660  -13.257 1.00 43.56 ? 39  PRO A N   1 
ATOM   314 C  CA  . PRO A 1 39 ? 0.246   -7.691  -14.651 1.00 44.23 ? 39  PRO A CA  1 
ATOM   315 C  C   . PRO A 1 39 ? -0.406  -6.378  -15.081 1.00 44.51 ? 39  PRO A C   1 
ATOM   316 O  O   . PRO A 1 39 ? -0.871  -5.607  -14.243 1.00 45.33 ? 39  PRO A O   1 
ATOM   317 C  CB  . PRO A 1 39 ? -0.782  -8.833  -14.679 1.00 44.25 ? 39  PRO A CB  1 
ATOM   318 C  CG  . PRO A 1 39 ? -0.926  -9.314  -13.243 1.00 44.13 ? 39  PRO A CG  1 
ATOM   319 C  CD  . PRO A 1 39 ? -0.303  -8.283  -12.363 1.00 43.89 ? 39  PRO A CD  1 
ATOM   320 N  N   . GLY A 1 40 ? -0.427  -6.130  -16.383 1.00 45.05 ? 40  GLY A N   1 
ATOM   321 C  CA  . GLY A 1 40 ? -1.098  -4.954  -16.916 1.00 45.10 ? 40  GLY A CA  1 
ATOM   322 C  C   . GLY A 1 40 ? -0.181  -3.771  -17.161 1.00 44.88 ? 40  GLY A C   1 
ATOM   323 O  O   . GLY A 1 40 ? 1.036   -3.849  -16.957 1.00 45.22 ? 40  GLY A O   1 
ATOM   324 N  N   . ARG A 1 41 ? -0.781  -2.672  -17.610 1.00 44.12 ? 41  ARG A N   1 
ATOM   325 C  CA  . ARG A 1 41 ? -0.035  -1.478  -17.966 1.00 43.00 ? 41  ARG A CA  1 
ATOM   326 C  C   . ARG A 1 41 ? 0.335   -0.691  -16.717 1.00 42.01 ? 41  ARG A C   1 
ATOM   327 O  O   . ARG A 1 41 ? -0.331  -0.787  -15.686 1.00 41.70 ? 41  ARG A O   1 
ATOM   328 C  CB  . ARG A 1 41 ? -0.835  -0.610  -18.942 1.00 43.19 ? 41  ARG A CB  1 
ATOM   329 N  N   . TRP A 1 42 ? 1.417   0.071   -16.823 1.00 40.92 ? 42  TRP A N   1 
ATOM   330 C  CA  . TRP A 1 42 ? 1.862   0.955   -15.753 1.00 39.70 ? 42  TRP A CA  1 
ATOM   331 C  C   . TRP A 1 42 ? 2.440   2.203   -16.400 1.00 39.54 ? 42  TRP A C   1 
ATOM   332 O  O   . TRP A 1 42 ? 2.751   2.200   -17.596 1.00 38.84 ? 42  TRP A O   1 
ATOM   333 C  CB  . TRP A 1 42 ? 2.921   0.269   -14.885 1.00 39.35 ? 42  TRP A CB  1 
ATOM   334 C  CG  . TRP A 1 42 ? 4.116   -0.244  -15.654 1.00 39.09 ? 42  TRP A CG  1 
ATOM   335 C  CD1 . TRP A 1 42 ? 4.260   -1.482  -16.205 1.00 38.70 ? 42  TRP A CD1 1 
ATOM   336 C  CD2 . TRP A 1 42 ? 5.324   0.467   -15.942 1.00 38.34 ? 42  TRP A CD2 1 
ATOM   337 N  NE1 . TRP A 1 42 ? 5.482   -1.587  -16.832 1.00 38.96 ? 42  TRP A NE1 1 
ATOM   338 C  CE2 . TRP A 1 42 ? 6.156   -0.403  -16.683 1.00 39.21 ? 42  TRP A CE2 1 
ATOM   339 C  CE3 . TRP A 1 42 ? 5.788   1.758   -15.651 1.00 38.05 ? 42  TRP A CE3 1 
ATOM   340 C  CZ2 . TRP A 1 42 ? 7.423   -0.026  -17.129 1.00 39.27 ? 42  TRP A CZ2 1 
ATOM   341 C  CZ3 . TRP A 1 42 ? 7.050   2.131   -16.098 1.00 38.80 ? 42  TRP A CZ3 1 
ATOM   342 C  CH2 . TRP A 1 42 ? 7.850   1.242   -16.827 1.00 39.05 ? 42  TRP A CH2 1 
ATOM   343 N  N   . LYS A 1 43 ? 2.567   3.270   -15.618 1.00 39.05 ? 43  LYS A N   1 
ATOM   344 C  CA  . LYS A 1 43 ? 3.277   4.453   -16.076 1.00 38.95 ? 43  LYS A CA  1 
ATOM   345 C  C   . LYS A 1 43 ? 4.329   4.902   -15.064 1.00 38.64 ? 43  LYS A C   1 
ATOM   346 O  O   . LYS A 1 43 ? 4.125   4.754   -13.852 1.00 38.20 ? 43  LYS A O   1 
ATOM   347 C  CB  . LYS A 1 43 ? 2.313   5.583   -16.462 1.00 39.30 ? 43  LYS A CB  1 
ATOM   348 C  CG  . LYS A 1 43 ? 1.349   6.033   -15.401 1.00 40.04 ? 43  LYS A CG  1 
ATOM   349 C  CD  . LYS A 1 43 ? 0.232   6.846   -16.033 1.00 42.03 ? 43  LYS A CD  1 
ATOM   350 C  CE  . LYS A 1 43 ? -0.912  7.077   -15.053 1.00 43.68 ? 43  LYS A CE  1 
ATOM   351 N  NZ  . LYS A 1 43 ? -1.991  7.873   -15.706 1.00 44.69 ? 43  LYS A NZ  1 
ATOM   352 N  N   . PRO A 1 44 ? 5.470   5.421   -15.558 1.00 38.44 ? 44  PRO A N   1 
ATOM   353 C  CA  . PRO A 1 44 ? 6.542   5.839   -14.663 1.00 38.58 ? 44  PRO A CA  1 
ATOM   354 C  C   . PRO A 1 44 ? 6.160   7.067   -13.846 1.00 38.90 ? 44  PRO A C   1 
ATOM   355 O  O   . PRO A 1 44 ? 5.515   7.982   -14.367 1.00 38.86 ? 44  PRO A O   1 
ATOM   356 C  CB  . PRO A 1 44 ? 7.691   6.175   -15.624 1.00 38.39 ? 44  PRO A CB  1 
ATOM   357 C  CG  . PRO A 1 44 ? 7.027   6.525   -16.894 1.00 38.33 ? 44  PRO A CG  1 
ATOM   358 C  CD  . PRO A 1 44 ? 5.825   5.636   -16.974 1.00 38.36 ? 44  PRO A CD  1 
ATOM   359 N  N   . LYS A 1 45 ? 6.536   7.063   -12.570 1.00 39.14 ? 45  LYS A N   1 
ATOM   360 C  CA  . LYS A 1 45 ? 6.383   8.233   -11.708 1.00 39.72 ? 45  LYS A CA  1 
ATOM   361 C  C   . LYS A 1 45 ? 7.665   8.480   -10.917 1.00 39.88 ? 45  LYS A C   1 
ATOM   362 O  O   . LYS A 1 45 ? 8.485   7.577   -10.748 1.00 39.84 ? 45  LYS A O   1 
ATOM   363 C  CB  . LYS A 1 45 ? 5.186   8.085   -10.757 1.00 39.62 ? 45  LYS A CB  1 
ATOM   364 C  CG  . LYS A 1 45 ? 3.816   8.050   -11.432 1.00 40.75 ? 45  LYS A CG  1 
ATOM   365 C  CD  . LYS A 1 45 ? 3.396   9.413   -11.992 1.00 41.83 ? 45  LYS A CD  1 
ATOM   366 C  CE  . LYS A 1 45 ? 2.178   9.283   -12.902 1.00 42.75 ? 45  LYS A CE  1 
ATOM   367 N  NZ  . LYS A 1 45 ? 1.688   10.605  -13.404 1.00 44.22 ? 45  LYS A NZ  1 
ATOM   368 N  N   . MET A 1 46 ? 7.832   9.716   -10.456 1.00 40.48 ? 46  MET A N   1 
ATOM   369 C  CA  . MET A 1 46 ? 8.973   10.105  -9.629  1.00 41.08 ? 46  MET A CA  1 
ATOM   370 C  C   . MET A 1 46 ? 8.479   10.509  -8.243  1.00 40.91 ? 46  MET A C   1 
ATOM   371 O  O   . MET A 1 46 ? 7.617   11.382  -8.113  1.00 40.96 ? 46  MET A O   1 
ATOM   372 C  CB  . MET A 1 46 ? 9.739   11.259  -10.278 1.00 41.42 ? 46  MET A CB  1 
ATOM   373 C  CG  . MET A 1 46 ? 10.335  10.941  -11.648 1.00 43.20 ? 46  MET A CG  1 
ATOM   374 S  SD  . MET A 1 46 ? 11.671  9.727   -11.582 1.00 46.39 ? 46  MET A SD  1 
ATOM   375 C  CE  . MET A 1 46 ? 13.066  10.779  -11.199 1.00 44.77 ? 46  MET A CE  1 
ATOM   376 N  N   . ILE A 1 47 ? 9.011   9.861   -7.211  1.00 40.80 ? 47  ILE A N   1 
ATOM   377 C  CA  . ILE A 1 47 ? 8.579   10.127  -5.834  1.00 40.47 ? 47  ILE A CA  1 
ATOM   378 C  C   . ILE A 1 47 ? 9.771   10.396  -4.913  1.00 40.24 ? 47  ILE A C   1 
ATOM   379 O  O   . ILE A 1 47 ? 10.915  10.131  -5.286  1.00 40.12 ? 47  ILE A O   1 
ATOM   380 C  CB  . ILE A 1 47 ? 7.679   8.978   -5.263  1.00 40.48 ? 47  ILE A CB  1 
ATOM   381 C  CG1 . ILE A 1 47 ? 8.509   7.741   -4.896  1.00 40.49 ? 47  ILE A CG1 1 
ATOM   382 C  CG2 . ILE A 1 47 ? 6.545   8.624   -6.238  1.00 40.11 ? 47  ILE A CG2 1 
ATOM   383 C  CD1 . ILE A 1 47 ? 7.696   6.625   -4.234  1.00 40.41 ? 47  ILE A CD1 1 
ATOM   384 N  N   . GLY A 1 48 ? 9.499   10.937  -3.726  1.00 40.01 ? 48  GLY A N   1 
ATOM   385 C  CA  . GLY A 1 48 ? 10.533  11.170  -2.712  1.00 39.85 ? 48  GLY A CA  1 
ATOM   386 C  C   . GLY A 1 48 ? 11.316  12.453  -2.921  1.00 39.91 ? 48  GLY A C   1 
ATOM   387 O  O   . GLY A 1 48 ? 11.545  12.867  -4.057  1.00 39.75 ? 48  GLY A O   1 
ATOM   388 N  N   . GLY A 1 49 ? 11.718  13.081  -1.815  1.00 39.90 ? 49  GLY A N   1 
ATOM   389 C  CA  . GLY A 1 49 ? 12.508  14.313  -1.841  1.00 40.16 ? 49  GLY A CA  1 
ATOM   390 C  C   . GLY A 1 49 ? 11.765  15.497  -2.431  1.00 40.29 ? 49  GLY A C   1 
ATOM   391 O  O   . GLY A 1 49 ? 10.536  15.565  -2.370  1.00 40.32 ? 49  GLY A O   1 
ATOM   392 N  N   . ILE A 1 50 ? 12.519  16.428  -3.008  1.00 40.32 ? 50  ILE A N   1 
ATOM   393 C  CA  . ILE A 1 50 ? 11.935  17.578  -3.689  1.00 40.49 ? 50  ILE A CA  1 
ATOM   394 C  C   . ILE A 1 50 ? 11.591  17.208  -5.134  1.00 40.74 ? 50  ILE A C   1 
ATOM   395 O  O   . ILE A 1 50 ? 12.481  16.979  -5.957  1.00 41.04 ? 50  ILE A O   1 
ATOM   396 C  CB  . ILE A 1 50 ? 12.875  18.810  -3.658  1.00 40.47 ? 50  ILE A CB  1 
ATOM   397 C  CG1 . ILE A 1 50 ? 13.293  19.134  -2.219  1.00 40.37 ? 50  ILE A CG1 1 
ATOM   398 C  CG2 . ILE A 1 50 ? 12.199  20.020  -4.309  1.00 40.11 ? 50  ILE A CG2 1 
ATOM   399 C  CD1 . ILE A 1 50 ? 14.592  19.903  -2.110  1.00 40.67 ? 50  ILE A CD1 1 
ATOM   400 N  N   . GLY A 1 51 ? 10.295  17.129  -5.421  1.00 40.94 ? 51  GLY A N   1 
ATOM   401 C  CA  . GLY A 1 51 ? 9.793   16.911  -6.779  1.00 41.10 ? 51  GLY A CA  1 
ATOM   402 C  C   . GLY A 1 51 ? 10.240  15.642  -7.481  1.00 41.21 ? 51  GLY A C   1 
ATOM   403 O  O   . GLY A 1 51 ? 10.406  15.631  -8.702  1.00 41.43 ? 51  GLY A O   1 
ATOM   404 N  N   . GLY A 1 52 ? 10.441  14.574  -6.712  1.00 41.12 ? 52  GLY A N   1 
ATOM   405 C  CA  . GLY A 1 52 ? 10.794  13.270  -7.276  1.00 41.30 ? 52  GLY A CA  1 
ATOM   406 C  C   . GLY A 1 52 ? 12.281  12.968  -7.265  1.00 41.28 ? 52  GLY A C   1 
ATOM   407 O  O   . GLY A 1 52 ? 13.099  13.801  -7.654  1.00 41.28 ? 52  GLY A O   1 
ATOM   408 N  N   . PHE A 1 53 ? 12.624  11.763  -6.818  1.00 41.42 ? 53  PHE A N   1 
ATOM   409 C  CA  . PHE A 1 53 ? 14.014  11.319  -6.763  1.00 41.60 ? 53  PHE A CA  1 
ATOM   410 C  C   . PHE A 1 53 ? 14.124  9.877   -7.249  1.00 41.50 ? 53  PHE A C   1 
ATOM   411 O  O   . PHE A 1 53 ? 15.037  9.540   -8.007  1.00 41.85 ? 53  PHE A O   1 
ATOM   412 C  CB  . PHE A 1 53 ? 14.554  11.433  -5.333  1.00 41.82 ? 53  PHE A CB  1 
ATOM   413 C  CG  . PHE A 1 53 ? 16.053  11.507  -5.249  1.00 42.19 ? 53  PHE A CG  1 
ATOM   414 C  CD1 . PHE A 1 53 ? 16.688  12.730  -5.037  1.00 42.62 ? 53  PHE A CD1 1 
ATOM   415 C  CD2 . PHE A 1 53 ? 16.837  10.362  -5.377  1.00 42.68 ? 53  PHE A CD2 1 
ATOM   416 C  CE1 . PHE A 1 53 ? 18.076  12.814  -4.953  1.00 42.92 ? 53  PHE A CE1 1 
ATOM   417 C  CE2 . PHE A 1 53 ? 18.233  10.438  -5.302  1.00 42.63 ? 53  PHE A CE2 1 
ATOM   418 C  CZ  . PHE A 1 53 ? 18.850  11.666  -5.088  1.00 42.77 ? 53  PHE A CZ  1 
ATOM   419 N  N   . ILE A 1 54 ? 13.188  9.040   -6.810  1.00 41.19 ? 54  ILE A N   1 
ATOM   420 C  CA  . ILE A 1 54 ? 13.199  7.607   -7.126  1.00 40.91 ? 54  ILE A CA  1 
ATOM   421 C  C   . ILE A 1 54 ? 12.095  7.198   -8.111  1.00 40.76 ? 54  ILE A C   1 
ATOM   422 O  O   . ILE A 1 54 ? 10.917  7.541   -7.934  1.00 40.65 ? 54  ILE A O   1 
ATOM   423 C  CB  A ILE A 1 54 ? 13.232  6.708   -5.858  0.50 41.02 ? 54  ILE A CB  1 
ATOM   424 C  CB  B ILE A 1 54 ? 13.128  6.733   -5.821  0.50 40.94 ? 54  ILE A CB  1 
ATOM   425 C  CG1 A ILE A 1 54 ? 12.084  7.044   -4.902  0.50 40.92 ? 54  ILE A CG1 1 
ATOM   426 C  CG1 B ILE A 1 54 ? 12.530  5.348   -6.106  0.50 40.50 ? 54  ILE A CG1 1 
ATOM   427 C  CG2 A ILE A 1 54 ? 14.586  6.854   -5.161  0.50 41.00 ? 54  ILE A CG2 1 
ATOM   428 C  CG2 B ILE A 1 54 ? 12.361  7.455   -4.713  0.50 40.84 ? 54  ILE A CG2 1 
ATOM   429 C  CD1 A ILE A 1 54 ? 11.798  5.977   -3.851  0.50 41.20 ? 54  ILE A CD1 1 
ATOM   430 C  CD1 B ILE A 1 54 ? 12.173  4.538   -4.877  0.50 41.25 ? 54  ILE A CD1 1 
ATOM   431 N  N   . LYS A 1 55 ? 12.488  6.458   -9.147  1.00 40.25 ? 55  LYS A N   1 
ATOM   432 C  CA  . LYS A 1 55 ? 11.552  6.011   -10.167 1.00 39.85 ? 55  LYS A CA  1 
ATOM   433 C  C   . LYS A 1 55 ? 10.739  4.812   -9.697  1.00 39.38 ? 55  LYS A C   1 
ATOM   434 O  O   . LYS A 1 55 ? 11.279  3.823   -9.185  1.00 39.74 ? 55  LYS A O   1 
ATOM   435 C  CB  . LYS A 1 55 ? 12.275  5.710   -11.491 1.00 40.33 ? 55  LYS A CB  1 
ATOM   436 C  CG  . LYS A 1 55 ? 11.326  5.517   -12.684 1.00 40.79 ? 55  LYS A CG  1 
ATOM   437 C  CD  . LYS A 1 55 ? 12.069  5.438   -14.015 1.00 40.12 ? 55  LYS A CD  1 
ATOM   438 C  CE  . LYS A 1 55 ? 12.300  6.823   -14.618 1.00 40.65 ? 55  LYS A CE  1 
ATOM   439 N  NZ  . LYS A 1 55 ? 12.384  6.758   -16.101 1.00 41.42 ? 55  LYS A NZ  1 
ATOM   440 N  N   . VAL A 1 56 ? 9.427   4.921   -9.850  1.00 38.11 ? 56  VAL A N   1 
ATOM   441 C  CA  . VAL A 1 56 ? 8.532   3.824   -9.537  1.00 37.30 ? 56  VAL A CA  1 
ATOM   442 C  C   . VAL A 1 56 ? 7.586   3.596   -10.701 1.00 36.80 ? 56  VAL A C   1 
ATOM   443 O  O   . VAL A 1 56 ? 7.498   4.422   -11.623 1.00 36.12 ? 56  VAL A O   1 
ATOM   444 C  CB  . VAL A 1 56 ? 7.708   4.085   -8.247  1.00 37.00 ? 56  VAL A CB  1 
ATOM   445 C  CG1 . VAL A 1 56 ? 8.635   4.177   -7.038  1.00 38.55 ? 56  VAL A CG1 1 
ATOM   446 C  CG2 . VAL A 1 56 ? 6.848   5.343   -8.382  1.00 35.73 ? 56  VAL A CG2 1 
ATOM   447 N  N   . ARG A 1 57 ? 6.884   2.477   -10.646 1.00 35.87 ? 57  ARG A N   1 
ATOM   448 C  CA  . ARG A 1 57 ? 5.891   2.143   -11.642 1.00 36.23 ? 57  ARG A CA  1 
ATOM   449 C  C   . ARG A 1 57 ? 4.528   2.301   -10.992 1.00 35.64 ? 57  ARG A C   1 
ATOM   450 O  O   . ARG A 1 57 ? 4.264   1.701   -9.941  1.00 35.52 ? 57  ARG A O   1 
ATOM   451 C  CB  . ARG A 1 57 ? 6.103   0.710   -12.145 1.00 35.88 ? 57  ARG A CB  1 
ATOM   452 C  CG  . ARG A 1 57 ? 7.515   0.459   -12.693 1.00 36.97 ? 57  ARG A CG  1 
ATOM   453 C  CD  . ARG A 1 57 ? 7.619   -0.836  -13.505 1.00 38.19 ? 57  ARG A CD  1 
ATOM   454 N  NE  . ARG A 1 57 ? 7.013   -1.980  -12.817 1.00 41.55 ? 57  ARG A NE  1 
ATOM   455 C  CZ  . ARG A 1 57 ? 7.638   -2.748  -11.923 1.00 43.26 ? 57  ARG A CZ  1 
ATOM   456 N  NH1 . ARG A 1 57 ? 7.002   -3.768  -11.349 1.00 42.59 ? 57  ARG A NH1 1 
ATOM   457 N  NH2 . ARG A 1 57 ? 8.897   -2.496  -11.595 1.00 44.73 ? 57  ARG A NH2 1 
ATOM   458 N  N   . GLN A 1 58 ? 3.675   3.122   -11.602 1.00 34.63 ? 58  GLN A N   1 
ATOM   459 C  CA  . GLN A 1 58 ? 2.307   3.294   -11.115 1.00 34.68 ? 58  GLN A CA  1 
ATOM   460 C  C   . GLN A 1 58 ? 1.357   2.328   -11.811 1.00 34.36 ? 58  GLN A C   1 
ATOM   461 O  O   . GLN A 1 58 ? 1.135   2.431   -13.024 1.00 33.63 ? 58  GLN A O   1 
ATOM   462 C  CB  . GLN A 1 58 ? 1.820   4.735   -11.317 1.00 34.16 ? 58  GLN A CB  1 
ATOM   463 C  CG  . GLN A 1 58 ? 0.389   4.943   -10.808 1.00 34.91 ? 58  GLN A CG  1 
ATOM   464 C  CD  . GLN A 1 58 ? -0.146  6.341   -11.054 1.00 36.39 ? 58  GLN A CD  1 
ATOM   465 O  OE1 . GLN A 1 58 ? 0.597   7.317   -11.008 1.00 38.71 ? 58  GLN A OE1 1 
ATOM   466 N  NE2 . GLN A 1 58 ? -1.445  6.442   -11.320 1.00 39.23 ? 58  GLN A NE2 1 
ATOM   467 N  N   . TYR A 1 59 ? 0.794   1.413   -11.028 1.00 34.51 ? 59  TYR A N   1 
ATOM   468 C  CA  . TYR A 1 59 ? -0.202  0.442   -11.492 1.00 34.71 ? 59  TYR A CA  1 
ATOM   469 C  C   . TYR A 1 59 ? -1.553  0.851   -10.942 1.00 34.54 ? 59  TYR A C   1 
ATOM   470 O  O   . TYR A 1 59 ? -1.688  1.076   -9.729  1.00 35.56 ? 59  TYR A O   1 
ATOM   471 C  CB  . TYR A 1 59 ? 0.121   -0.953  -10.949 1.00 34.62 ? 59  TYR A CB  1 
ATOM   472 C  CG  . TYR A 1 59 ? 1.321   -1.615  -11.588 1.00 34.58 ? 59  TYR A CG  1 
ATOM   473 C  CD1 . TYR A 1 59 ? 1.165   -2.468  -12.670 1.00 35.35 ? 59  TYR A CD1 1 
ATOM   474 C  CD2 . TYR A 1 59 ? 2.606   -1.399  -11.098 1.00 33.59 ? 59  TYR A CD2 1 
ATOM   475 C  CE1 . TYR A 1 59 ? 2.275   -3.077  -13.268 1.00 34.98 ? 59  TYR A CE1 1 
ATOM   476 C  CE2 . TYR A 1 59 ? 3.711   -2.013  -11.672 1.00 34.56 ? 59  TYR A CE2 1 
ATOM   477 C  CZ  . TYR A 1 59 ? 3.535   -2.849  -12.755 1.00 34.15 ? 59  TYR A CZ  1 
ATOM   478 O  OH  . TYR A 1 59 ? 4.622   -3.458  -13.349 1.00 35.95 ? 59  TYR A OH  1 
ATOM   479 N  N   . ASP A 1 60 ? -2.548  0.954   -11.824 1.00 34.44 ? 60  ASP A N   1 
ATOM   480 C  CA  . ASP A 1 60 ? -3.896  1.280   -11.392 1.00 33.72 ? 60  ASP A CA  1 
ATOM   481 C  C   . ASP A 1 60 ? -4.744  0.036   -11.312 1.00 33.70 ? 60  ASP A C   1 
ATOM   482 O  O   . ASP A 1 60 ? -4.432  -0.967  -11.957 1.00 32.44 ? 60  ASP A O   1 
ATOM   483 C  CB  . ASP A 1 60 ? -4.530  2.273   -12.364 1.00 34.15 ? 60  ASP A CB  1 
ATOM   484 C  CG  . ASP A 1 60 ? -3.813  3.601   -12.380 0.50 32.73 ? 60  ASP A CG  1 
ATOM   485 O  OD1 . ASP A 1 60 ? -3.246  3.987   -11.334 0.50 31.14 ? 60  ASP A OD1 1 
ATOM   486 O  OD2 . ASP A 1 60 ? -3.822  4.252   -13.435 0.50 32.23 ? 60  ASP A OD2 1 
ATOM   487 N  N   . GLN A 1 61 ? -5.827  0.119   -10.534 1.00 33.06 ? 61  GLN A N   1 
ATOM   488 C  CA  . GLN A 1 61 ? -6.831  -0.942  -10.415 1.00 33.05 ? 61  GLN A CA  1 
ATOM   489 C  C   . GLN A 1 61 ? -6.247  -2.293  -10.002 1.00 33.25 ? 61  GLN A C   1 
ATOM   490 O  O   . GLN A 1 61 ? -6.610  -3.349  -10.555 1.00 32.78 ? 61  GLN A O   1 
ATOM   491 C  CB  A GLN A 1 61 ? -7.678  -1.055  -11.685 0.50 32.61 ? 61  GLN A CB  1 
ATOM   492 C  CB  B GLN A 1 61 ? -7.599  -1.096  -11.733 0.50 33.16 ? 61  GLN A CB  1 
ATOM   493 C  CG  A GLN A 1 61 ? -8.436  0.217   -12.002 0.50 31.89 ? 61  GLN A CG  1 
ATOM   494 C  CG  B GLN A 1 61 ? -8.476  0.083   -12.071 0.50 34.48 ? 61  GLN A CG  1 
ATOM   495 C  CD  A GLN A 1 61 ? -9.606  -0.016  -12.935 0.50 28.82 ? 61  GLN A CD  1 
ATOM   496 C  CD  B GLN A 1 61 ? -9.807  0.030   -11.358 0.50 34.85 ? 61  GLN A CD  1 
ATOM   497 O  OE1 A GLN A 1 61 ? -10.433 -0.897  -12.702 0.50 26.99 ? 61  GLN A OE1 1 
ATOM   498 O  OE1 B GLN A 1 61 ? -10.456 -1.013  -11.307 0.50 34.76 ? 61  GLN A OE1 1 
ATOM   499 N  NE2 A GLN A 1 61 ? -9.685  0.778   -13.991 0.50 29.42 ? 61  GLN A NE2 1 
ATOM   500 N  NE2 B GLN A 1 61 ? -10.226 1.159   -10.809 0.50 37.10 ? 61  GLN A NE2 1 
ATOM   501 N  N   . ILE A 1 62 ? -5.353  -2.227  -9.024  1.00 33.59 ? 62  ILE A N   1 
ATOM   502 C  CA  . ILE A 1 62 ? -4.746  -3.393  -8.400  1.00 34.42 ? 62  ILE A CA  1 
ATOM   503 C  C   . ILE A 1 62 ? -5.589  -3.770  -7.201  1.00 36.20 ? 62  ILE A C   1 
ATOM   504 O  O   . ILE A 1 62 ? -5.956  -2.897  -6.412  1.00 36.89 ? 62  ILE A O   1 
ATOM   505 C  CB  . ILE A 1 62 ? -3.309  -3.090  -7.941  1.00 34.08 ? 62  ILE A CB  1 
ATOM   506 C  CG1 . ILE A 1 62 ? -2.440  -2.763  -9.165  1.00 33.96 ? 62  ILE A CG1 1 
ATOM   507 C  CG2 . ILE A 1 62 ? -2.717  -4.267  -7.129  1.00 34.69 ? 62  ILE A CG2 1 
ATOM   508 C  CD1 . ILE A 1 62 ? -2.373  -3.878  -10.214 1.00 35.30 ? 62  ILE A CD1 1 
ATOM   509 N  N   . ILE A 1 63 ? -5.874  -5.064  -7.059  1.00 37.47 ? 63  ILE A N   1 
ATOM   510 C  CA  . ILE A 1 63 ? -6.610  -5.558  -5.895  1.00 38.92 ? 63  ILE A CA  1 
ATOM   511 C  C   . ILE A 1 63 ? -5.621  -6.061  -4.839  1.00 40.02 ? 63  ILE A C   1 
ATOM   512 O  O   . ILE A 1 63 ? -4.755  -6.888  -5.142  1.00 40.01 ? 63  ILE A O   1 
ATOM   513 C  CB  . ILE A 1 63 ? -7.610  -6.671  -6.284  1.00 39.60 ? 63  ILE A CB  1 
ATOM   514 C  CG1 . ILE A 1 63 ? -8.639  -6.153  -7.296  1.00 40.75 ? 63  ILE A CG1 1 
ATOM   515 C  CG2 . ILE A 1 63 ? -8.298  -7.255  -5.028  1.00 40.74 ? 63  ILE A CG2 1 
ATOM   516 C  CD1 . ILE A 1 63 ? -9.381  -7.239  -8.021  1.00 43.69 ? 63  ILE A CD1 1 
ATOM   517 N  N   . ILE A 1 64 ? -5.766  -5.538  -3.624  1.00 40.13 ? 64  ILE A N   1 
ATOM   518 C  CA  A ILE A 1 64 ? -4.948  -5.924  -2.462  0.50 40.20 ? 64  ILE A CA  1 
ATOM   519 C  CA  B ILE A 1 64 ? -4.953  -5.969  -2.482  0.50 40.79 ? 64  ILE A CA  1 
ATOM   520 C  C   . ILE A 1 64 ? -5.873  -6.411  -1.348  1.00 40.76 ? 64  ILE A C   1 
ATOM   521 O  O   . ILE A 1 64 ? -6.843  -5.716  -1.002  1.00 42.33 ? 64  ILE A O   1 
ATOM   522 C  CB  A ILE A 1 64 ? -4.135  -4.729  -1.920  0.50 40.15 ? 64  ILE A CB  1 
ATOM   523 C  CB  B ILE A 1 64 ? -3.973  -4.867  -2.011  0.50 41.00 ? 64  ILE A CB  1 
ATOM   524 C  CG1 A ILE A 1 64 ? -3.104  -4.242  -2.952  0.50 40.00 ? 64  ILE A CG1 1 
ATOM   525 C  CG1 B ILE A 1 64 ? -3.025  -5.395  -0.924  0.50 41.54 ? 64  ILE A CG1 1 
ATOM   526 C  CG2 A ILE A 1 64 ? -3.469  -5.089  -0.577  0.50 40.21 ? 64  ILE A CG2 1 
ATOM   527 C  CG2 B ILE A 1 64 ? -4.703  -3.652  -1.490  0.50 43.12 ? 64  ILE A CG2 1 
ATOM   528 C  CD1 A ILE A 1 64 ? -2.111  -3.214  -2.401  0.50 40.23 ? 64  ILE A CD1 1 
ATOM   529 C  CD1 B ILE A 1 64 ? -2.292  -4.290  -0.181  0.50 43.00 ? 64  ILE A CD1 1 
ATOM   530 N  N   . GLU A 1 65 ? -5.578  -7.574  -0.773  1.00 39.04 ? 65  GLU A N   1 
ATOM   531 C  CA  . GLU A 1 65 ? -6.361  -8.068  0.333   1.00 38.00 ? 65  GLU A CA  1 
ATOM   532 C  C   . GLU A 1 65 ? -5.646  -7.769  1.647   1.00 38.65 ? 65  GLU A C   1 
ATOM   533 O  O   . GLU A 1 65 ? -4.474  -8.093  1.799   1.00 36.57 ? 65  GLU A O   1 
ATOM   534 C  CB  . GLU A 1 65 ? -6.586  -9.568  0.176   1.00 38.51 ? 65  GLU A CB  1 
ATOM   535 C  CG  . GLU A 1 65 ? -7.614  -10.102 1.118   1.00 41.21 ? 65  GLU A CG  1 
ATOM   536 C  CD  . GLU A 1 65 ? -8.022  -11.507 0.765   1.00 45.12 ? 65  GLU A CD  1 
ATOM   537 O  OE1 . GLU A 1 65 ? -7.345  -12.138 -0.083  1.00 47.82 ? 65  GLU A OE1 1 
ATOM   538 O  OE2 . GLU A 1 65 ? -9.024  -11.973 1.335   1.00 48.30 ? 65  GLU A OE2 1 
ATOM   539 N  N   . ILE A 1 66 ? -6.369  -7.146  2.577   1.00 39.02 ? 66  ILE A N   1 
ATOM   540 C  CA  . ILE A 1 66 ? -5.810  -6.673  3.853   1.00 40.17 ? 66  ILE A CA  1 
ATOM   541 C  C   . ILE A 1 66 ? -6.705  -7.253  4.953   1.00 40.50 ? 66  ILE A C   1 
ATOM   542 O  O   . ILE A 1 66 ? -7.855  -6.853  5.087   1.00 39.52 ? 66  ILE A O   1 
ATOM   543 C  CB  . ILE A 1 66 ? -5.798  -5.113  3.907   1.00 40.71 ? 66  ILE A CB  1 
ATOM   544 C  CG1 . ILE A 1 66 ? -5.096  -4.506  2.675   1.00 41.04 ? 66  ILE A CG1 1 
ATOM   545 C  CG2 . ILE A 1 66 ? -5.125  -4.591  5.205   1.00 42.86 ? 66  ILE A CG2 1 
ATOM   546 C  CD1 . ILE A 1 66 ? -5.373  -3.000  2.423   1.00 40.80 ? 66  ILE A CD1 1 
ATOM   547 N  N   . CYS A 1 67 ? -6.181  -8.206  5.727   1.00 41.44 ? 67  CYS A N   1 
ATOM   548 C  CA  . CYS A 1 67 ? -6.938  -8.867  6.798   1.00 43.10 ? 67  CYS A CA  1 
ATOM   549 C  C   . CYS A 1 67 ? -8.323  -9.320  6.348   1.00 42.69 ? 67  CYS A C   1 
ATOM   550 O  O   . CYS A 1 67 ? -9.324  -9.022  7.002   1.00 43.07 ? 67  CYS A O   1 
ATOM   551 C  CB  . CYS A 1 67 ? -7.084  -7.948  8.020   1.00 43.81 ? 67  CYS A CB  1 
ATOM   552 S  SG  . CYS A 1 67 ? -5.559  -7.194  8.619   1.00 48.76 ? 67  CYS A SG  1 
ATOM   553 N  N   . GLY A 1 68 ? -8.385  -10.013 5.215   1.00 42.14 ? 68  GLY A N   1 
ATOM   554 C  CA  . GLY A 1 68 ? -9.656  -10.518 4.707   1.00 41.63 ? 68  GLY A CA  1 
ATOM   555 C  C   . GLY A 1 68 ? -10.570 -9.494  4.049   1.00 40.53 ? 68  GLY A C   1 
ATOM   556 O  O   . GLY A 1 68 ? -11.732 -9.803  3.758   1.00 40.92 ? 68  GLY A O   1 
ATOM   557 N  N   . HIS A 1 69 ? -10.046 -8.295  3.810   1.00 39.39 ? 69  HIS A N   1 
ATOM   558 C  CA  A HIS A 1 69 ? -10.791 -7.232  3.140   0.50 38.70 ? 69  HIS A CA  1 
ATOM   559 C  CA  B HIS A 1 69 ? -10.790 -7.229  3.143   0.50 38.61 ? 69  HIS A CA  1 
ATOM   560 C  C   . HIS A 1 69 ? -10.095 -6.819  1.844   1.00 38.30 ? 69  HIS A C   1 
ATOM   561 O  O   . HIS A 1 69 ? -8.946  -6.391  1.854   1.00 38.01 ? 69  HIS A O   1 
ATOM   562 C  CB  A HIS A 1 69 ? -10.947 -6.012  4.057   0.50 38.83 ? 69  HIS A CB  1 
ATOM   563 C  CB  B HIS A 1 69 ? -10.935 -6.009  4.066   0.50 38.66 ? 69  HIS A CB  1 
ATOM   564 C  CG  A HIS A 1 69 ? -11.774 -6.277  5.278   0.50 38.44 ? 69  HIS A CG  1 
ATOM   565 C  CG  B HIS A 1 69 ? -11.888 -6.219  5.204   0.50 37.94 ? 69  HIS A CG  1 
ATOM   566 N  ND1 A HIS A 1 69 ? -11.316 -7.031  6.338   0.50 39.62 ? 69  HIS A ND1 1 
ATOM   567 N  ND1 B HIS A 1 69 ? -13.056 -5.500  5.334   0.50 37.27 ? 69  HIS A ND1 1 
ATOM   568 C  CD2 A HIS A 1 69 ? -13.025 -5.884  5.609   0.50 38.36 ? 69  HIS A CD2 1 
ATOM   569 C  CD2 B HIS A 1 69 ? -11.848 -7.063  6.262   0.50 38.58 ? 69  HIS A CD2 1 
ATOM   570 C  CE1 A HIS A 1 69 ? -12.253 -7.096  7.267   0.50 38.37 ? 69  HIS A CE1 1 
ATOM   571 C  CE1 B HIS A 1 69 ? -13.697 -5.896  6.419   0.50 38.40 ? 69  HIS A CE1 1 
ATOM   572 N  NE2 A HIS A 1 69 ? -13.301 -6.410  6.849   0.50 38.77 ? 69  HIS A NE2 1 
ATOM   573 N  NE2 B HIS A 1 69 ? -12.983 -6.841  7.003   0.50 38.10 ? 69  HIS A NE2 1 
ATOM   574 N  N   . LYS A 1 70 ? -10.795 -6.940  0.722   1.00 38.09 ? 70  LYS A N   1 
ATOM   575 C  CA  . LYS A 1 70 ? -10.210 -6.511  -0.545  1.00 38.27 ? 70  LYS A CA  1 
ATOM   576 C  C   . LYS A 1 70 ? -10.345 -5.010  -0.768  1.00 38.54 ? 70  LYS A C   1 
ATOM   577 O  O   . LYS A 1 70 ? -11.383 -4.409  -0.473  1.00 39.19 ? 70  LYS A O   1 
ATOM   578 C  CB  . LYS A 1 70 ? -10.803 -7.287  -1.731  1.00 37.87 ? 70  LYS A CB  1 
ATOM   579 C  CG  . LYS A 1 70 ? -10.629 -8.786  -1.631  1.00 38.04 ? 70  LYS A CG  1 
ATOM   580 C  CD  . LYS A 1 70 ? -11.107 -9.483  -2.900  1.00 38.99 ? 70  LYS A CD  1 
ATOM   581 C  CE  . LYS A 1 70 ? -10.851 -10.974 -2.788  1.00 41.24 ? 70  LYS A CE  1 
ATOM   582 N  NZ  . LYS A 1 70 ? -10.977 -11.657 -4.096  1.00 44.69 ? 70  LYS A NZ  1 
ATOM   583 N  N   . ALA A 1 71 ? -9.276  -4.420  -1.281  1.00 39.79 ? 71  ALA A N   1 
ATOM   584 C  CA  . ALA A 1 71 ? -9.208  -3.004  -1.630  1.00 39.61 ? 71  ALA A CA  1 
ATOM   585 C  C   . ALA A 1 71 ? -8.778  -2.952  -3.079  1.00 40.16 ? 71  ALA A C   1 
ATOM   586 O  O   . ALA A 1 71 ? -7.982  -3.794  -3.532  1.00 40.70 ? 71  ALA A O   1 
ATOM   587 C  CB  . ALA A 1 71 ? -8.180  -2.297  -0.786  1.00 40.40 ? 71  ALA A CB  1 
ATOM   588 N  N   . ILE A 1 72 ? -9.294  -1.976  -3.817  1.00 38.10 ? 72  ILE A N   1 
ATOM   589 C  CA  . ILE A 1 72 ? -8.829  -1.771  -5.172  1.00 38.06 ? 72  ILE A CA  1 
ATOM   590 C  C   . ILE A 1 72 ? -8.301  -0.345  -5.331  1.00 38.67 ? 72  ILE A C   1 
ATOM   591 O  O   . ILE A 1 72 ? -8.938  0.637   -4.903  1.00 38.23 ? 72  ILE A O   1 
ATOM   592 C  CB  A ILE A 1 72 ? -9.971  -2.024  -6.189  0.50 37.97 ? 72  ILE A CB  1 
ATOM   593 C  CB  B ILE A 1 72 ? -9.903  -2.090  -6.230  0.50 37.96 ? 72  ILE A CB  1 
ATOM   594 C  CG1 A ILE A 1 72 ? -10.656 -3.367  -5.889  0.50 37.90 ? 72  ILE A CG1 1 
ATOM   595 C  CG1 B ILE A 1 72 ? -9.313  -1.928  -7.635  0.50 37.74 ? 72  ILE A CG1 1 
ATOM   596 C  CG2 A ILE A 1 72 ? -9.441  -1.951  -7.631  0.50 38.05 ? 72  ILE A CG2 1 
ATOM   597 C  CG2 B ILE A 1 72 ? -11.119 -1.212  -6.044  0.50 37.66 ? 72  ILE A CG2 1 
ATOM   598 C  CD1 A ILE A 1 72 ? -11.683 -3.805  -6.898  0.50 37.90 ? 72  ILE A CD1 1 
ATOM   599 C  CD1 B ILE A 1 72 ? -10.036 -2.692  -8.701  0.50 37.00 ? 72  ILE A CD1 1 
ATOM   600 N  N   . GLY A 1 73 ? -7.123  -0.228  -5.925  1.00 38.45 ? 73  GLY A N   1 
ATOM   601 C  CA  . GLY A 1 73 ? -6.560  1.101   -6.103  1.00 38.99 ? 73  GLY A CA  1 
ATOM   602 C  C   . GLY A 1 73 ? -5.220  1.138   -6.787  1.00 38.83 ? 73  GLY A C   1 
ATOM   603 O  O   . GLY A 1 73 ? -4.745  0.132   -7.324  1.00 39.28 ? 73  GLY A O   1 
ATOM   604 N  N   . THR A 1 74 ? -4.627  2.326   -6.771  1.00 37.85 ? 74  THR A N   1 
ATOM   605 C  CA  . THR A 1 74 ? -3.355  2.566   -7.418  1.00 37.77 ? 74  THR A CA  1 
ATOM   606 C  C   . THR A 1 74 ? -2.244  2.181   -6.456  1.00 37.50 ? 74  THR A C   1 
ATOM   607 O  O   . THR A 1 74 ? -2.297  2.511   -5.270  1.00 36.89 ? 74  THR A O   1 
ATOM   608 C  CB  . THR A 1 74 ? -3.246  4.051   -7.811  1.00 38.22 ? 74  THR A CB  1 
ATOM   609 O  OG1 . THR A 1 74 ? -4.211  4.326   -8.832  1.00 39.99 ? 74  THR A OG1 1 
ATOM   610 C  CG2 . THR A 1 74 ? -1.849  4.379   -8.341  1.00 38.54 ? 74  THR A CG2 1 
ATOM   611 N  N   . VAL A 1 75 ? -1.246  1.479   -6.972  1.00 36.27 ? 75  VAL A N   1 
ATOM   612 C  CA  . VAL A 1 75 ? -0.088  1.069   -6.175  1.00 35.67 ? 75  VAL A CA  1 
ATOM   613 C  C   . VAL A 1 75 ? 1.169   1.548   -6.887  1.00 35.70 ? 75  VAL A C   1 
ATOM   614 O  O   . VAL A 1 75 ? 1.277   1.395   -8.088  1.00 35.20 ? 75  VAL A O   1 
ATOM   615 C  CB  A VAL A 1 75 ? -0.076  -0.467  -6.063  0.70 36.06 ? 75  VAL A CB  1 
ATOM   616 C  CB  B VAL A 1 75 ? -0.010  -0.455  -5.879  0.30 35.91 ? 75  VAL A CB  1 
ATOM   617 C  CG1 A VAL A 1 75 ? 1.137   -0.973  -5.310  0.70 35.18 ? 75  VAL A CG1 1 
ATOM   618 C  CG1 B VAL A 1 75 ? -1.145  -0.893  -4.943  0.30 35.99 ? 75  VAL A CG1 1 
ATOM   619 C  CG2 A VAL A 1 75 ? -1.387  -0.956  -5.380  0.70 36.63 ? 75  VAL A CG2 1 
ATOM   620 C  CG2 B VAL A 1 75 ? 0.006   -1.275  -7.154  0.30 34.86 ? 75  VAL A CG2 1 
ATOM   621 N  N   . LEU A 1 76 ? 2.098   2.143   -6.143  1.00 35.07 ? 76  LEU A N   1 
ATOM   622 C  CA  . LEU A 1 76 ? 3.387   2.543   -6.730  1.00 35.13 ? 76  LEU A CA  1 
ATOM   623 C  C   . LEU A 1 76 ? 4.382   1.458   -6.355  1.00 35.43 ? 76  LEU A C   1 
ATOM   624 O  O   . LEU A 1 76 ? 4.504   1.110   -5.179  1.00 35.69 ? 76  LEU A O   1 
ATOM   625 C  CB  . LEU A 1 76 ? 3.826   3.902   -6.174  1.00 35.28 ? 76  LEU A CB  1 
ATOM   626 C  CG  . LEU A 1 76 ? 2.824   5.057   -6.347  1.00 35.65 ? 76  LEU A CG  1 
ATOM   627 C  CD1 . LEU A 1 76 ? 3.213   6.253   -5.499  1.00 36.57 ? 76  LEU A CD1 1 
ATOM   628 C  CD2 . LEU A 1 76 ? 2.706   5.457   -7.805  1.00 36.28 ? 76  LEU A CD2 1 
ATOM   629 N  N   . VAL A 1 77 ? 5.068   0.907   -7.351  1.00 34.69 ? 77  VAL A N   1 
ATOM   630 C  CA  . VAL A 1 77 ? 5.983   -0.205  -7.134  1.00 35.04 ? 77  VAL A CA  1 
ATOM   631 C  C   . VAL A 1 77 ? 7.412   0.245   -7.398  1.00 35.64 ? 77  VAL A C   1 
ATOM   632 O  O   . VAL A 1 77 ? 7.718   0.724   -8.489  1.00 34.54 ? 77  VAL A O   1 
ATOM   633 C  CB  . VAL A 1 77 ? 5.626   -1.408  -8.062  1.00 35.19 ? 77  VAL A CB  1 
ATOM   634 C  CG1 . VAL A 1 77 ? 6.672   -2.514  -7.967  1.00 36.37 ? 77  VAL A CG1 1 
ATOM   635 C  CG2 . VAL A 1 77 ? 4.236   -1.954  -7.697  1.00 37.16 ? 77  VAL A CG2 1 
ATOM   636 N  N   . GLY A 1 78 ? 8.276   0.086   -6.399  1.00 35.77 ? 78  GLY A N   1 
ATOM   637 C  CA  . GLY A 1 78 ? 9.697   0.397   -6.565  1.00 37.56 ? 78  GLY A CA  1 
ATOM   638 C  C   . GLY A 1 78 ? 10.486  0.041   -5.322  1.00 38.22 ? 78  GLY A C   1 
ATOM   639 O  O   . GLY A 1 78 ? 9.930   -0.509  -4.373  1.00 38.34 ? 78  GLY A O   1 
ATOM   640 N  N   . PRO A 1 79 ? 11.785  0.375   -5.309  1.00 39.14 ? 79  PRO A N   1 
ATOM   641 C  CA  . PRO A 1 79 ? 12.684  -0.026  -4.226  1.00 39.83 ? 79  PRO A CA  1 
ATOM   642 C  C   . PRO A 1 79 ? 12.458  0.738   -2.917  1.00 40.16 ? 79  PRO A C   1 
ATOM   643 O  O   . PRO A 1 79 ? 13.331  1.467   -2.460  1.00 40.38 ? 79  PRO A O   1 
ATOM   644 C  CB  . PRO A 1 79 ? 14.074  0.261   -4.805  1.00 39.94 ? 79  PRO A CB  1 
ATOM   645 C  CG  . PRO A 1 79 ? 13.856  1.356   -5.784  1.00 39.77 ? 79  PRO A CG  1 
ATOM   646 C  CD  . PRO A 1 79 ? 12.486  1.144   -6.358  1.00 39.37 ? 79  PRO A CD  1 
ATOM   647 N  N   . THR A 1 80 ? 11.290  0.558   -2.316  1.00 40.76 ? 80  THR A N   1 
ATOM   648 C  CA  . THR A 1 80 ? 11.002  1.154   -1.023  1.00 41.22 ? 80  THR A CA  1 
ATOM   649 C  C   . THR A 1 80 ? 11.471  0.203   0.083   1.00 41.73 ? 80  THR A C   1 
ATOM   650 O  O   . THR A 1 80 ? 11.353  -1.014  -0.058  1.00 42.20 ? 80  THR A O   1 
ATOM   651 C  CB  . THR A 1 80 ? 9.501   1.491   -0.874  1.00 41.25 ? 80  THR A CB  1 
ATOM   652 O  OG1 . THR A 1 80 ? 9.242   1.983   0.447   1.00 41.52 ? 80  THR A OG1 1 
ATOM   653 C  CG2 . THR A 1 80 ? 8.631   0.268   -1.134  1.00 41.44 ? 80  THR A CG2 1 
ATOM   654 N  N   . PRO A 1 81 ? 12.022  0.755   1.179   1.00 42.07 ? 81  PRO A N   1 
ATOM   655 C  CA  . PRO A 1 81 ? 12.478  -0.050  2.315   1.00 42.22 ? 81  PRO A CA  1 
ATOM   656 C  C   . PRO A 1 81 ? 11.333  -0.655  3.147   1.00 42.42 ? 81  PRO A C   1 
ATOM   657 O  O   . PRO A 1 81 ? 11.540  -1.638  3.871   1.00 42.93 ? 81  PRO A O   1 
ATOM   658 C  CB  . PRO A 1 81 ? 13.265  0.958   3.147   1.00 42.71 ? 81  PRO A CB  1 
ATOM   659 C  CG  . PRO A 1 81 ? 12.607  2.265   2.859   1.00 42.57 ? 81  PRO A CG  1 
ATOM   660 C  CD  . PRO A 1 81 ? 12.251  2.196   1.405   1.00 42.32 ? 81  PRO A CD  1 
ATOM   661 N  N   . VAL A 1 82 ? 10.139  -0.076  3.040   1.00 41.29 ? 82  VAL A N   1 
ATOM   662 C  CA  . VAL A 1 82 ? 8.974   -0.546  3.785   1.00 40.58 ? 82  VAL A CA  1 
ATOM   663 C  C   . VAL A 1 82 ? 7.760   -0.433  2.872   1.00 39.72 ? 82  VAL A C   1 
ATOM   664 O  O   . VAL A 1 82 ? 7.575   0.597   2.213   1.00 39.82 ? 82  VAL A O   1 
ATOM   665 C  CB  A VAL A 1 82 ? 8.762   0.201   5.135   0.50 40.73 ? 82  VAL A CB  1 
ATOM   666 C  CB  B VAL A 1 82 ? 8.741   0.323   5.057   0.50 40.69 ? 82  VAL A CB  1 
ATOM   667 C  CG1 A VAL A 1 82 ? 8.669   1.716   4.935   0.50 41.15 ? 82  VAL A CG1 1 
ATOM   668 C  CG1 B VAL A 1 82 ? 7.332   0.114   5.638   0.50 40.73 ? 82  VAL A CG1 1 
ATOM   669 C  CG2 A VAL A 1 82 ? 7.516   -0.334  5.867   0.50 41.09 ? 82  VAL A CG2 1 
ATOM   670 C  CG2 B VAL A 1 82 ? 9.805   0.060   6.115   0.50 40.94 ? 82  VAL A CG2 1 
ATOM   671 N  N   . ASN A 1 83 ? 6.955   -1.498  2.828   1.00 38.46 ? 83  ASN A N   1 
ATOM   672 C  CA  . ASN A 1 83 ? 5.654   -1.474  2.159   1.00 37.44 ? 83  ASN A CA  1 
ATOM   673 C  C   . ASN A 1 83 ? 4.663   -0.647  2.972   1.00 37.34 ? 83  ASN A C   1 
ATOM   674 O  O   . ASN A 1 83 ? 4.440   -0.916  4.158   1.00 37.27 ? 83  ASN A O   1 
ATOM   675 C  CB  . ASN A 1 83 ? 5.119   -2.895  1.984   1.00 37.78 ? 83  ASN A CB  1 
ATOM   676 C  CG  . ASN A 1 83 ? 6.073   -3.775  1.179   1.00 39.76 ? 83  ASN A CG  1 
ATOM   677 O  OD1 . ASN A 1 83 ? 6.614   -3.327  0.174   1.00 41.61 ? 83  ASN A OD1 1 
ATOM   678 N  ND2 . ASN A 1 83 ? 6.311   -5.008  1.639   1.00 39.71 ? 83  ASN A ND2 1 
ATOM   679 N  N   . ILE A 1 84 ? 4.066   0.345   2.319   1.00 35.84 ? 84  ILE A N   1 
ATOM   680 C  CA  . ILE A 1 84 ? 3.204   1.313   2.991   1.00 36.33 ? 84  ILE A CA  1 
ATOM   681 C  C   . ILE A 1 84 ? 1.808   1.243   2.395   1.00 35.77 ? 84  ILE A C   1 
ATOM   682 O  O   . ILE A 1 84 ? 1.663   1.420   1.181   1.00 35.94 ? 84  ILE A O   1 
ATOM   683 C  CB  A ILE A 1 84 ? 3.750   2.748   2.819   0.50 36.33 ? 84  ILE A CB  1 
ATOM   684 C  CB  B ILE A 1 84 ? 3.731   2.753   2.819   0.50 36.22 ? 84  ILE A CB  1 
ATOM   685 C  CG1 A ILE A 1 84 ? 5.191   2.855   3.354   0.50 37.54 ? 84  ILE A CG1 1 
ATOM   686 C  CG1 B ILE A 1 84 ? 4.965   2.973   3.697   0.50 37.95 ? 84  ILE A CG1 1 
ATOM   687 C  CG2 A ILE A 1 84 ? 2.790   3.768   3.451   0.50 37.52 ? 84  ILE A CG2 1 
ATOM   688 C  CG2 B ILE A 1 84 ? 2.619   3.781   3.118   0.50 36.73 ? 84  ILE A CG2 1 
ATOM   689 C  CD1 A ILE A 1 84 ? 5.323   2.621   4.863   0.50 39.58 ? 84  ILE A CD1 1 
ATOM   690 C  CD1 B ILE A 1 84 ? 5.815   4.161   3.289   0.50 37.93 ? 84  ILE A CD1 1 
ATOM   691 N  N   . ILE A 1 85 ? 0.805   0.979   3.231   1.00 34.91 ? 85  ILE A N   1 
ATOM   692 C  CA  . ILE A 1 85 ? -0.594  1.099   2.821   1.00 35.25 ? 85  ILE A CA  1 
ATOM   693 C  C   . ILE A 1 85 ? -1.075  2.494   3.246   1.00 35.45 ? 85  ILE A C   1 
ATOM   694 O  O   . ILE A 1 85 ? -1.250  2.773   4.444   1.00 35.38 ? 85  ILE A O   1 
ATOM   695 C  CB  . ILE A 1 85 ? -1.494  0.042   3.474   1.00 35.79 ? 85  ILE A CB  1 
ATOM   696 C  CG1 . ILE A 1 85 ? -0.953  -1.383  3.222   1.00 36.37 ? 85  ILE A CG1 1 
ATOM   697 C  CG2 . ILE A 1 85 ? -2.953  0.189   2.966   1.00 34.91 ? 85  ILE A CG2 1 
ATOM   698 C  CD1 . ILE A 1 85 ? -0.713  -1.710  1.707   1.00 39.06 ? 85  ILE A CD1 1 
ATOM   699 N  N   . GLY A 1 86 ? -1.298  3.358   2.273   1.00 35.18 ? 86  GLY A N   1 
ATOM   700 C  CA  . GLY A 1 86 ? -1.661  4.734   2.556   1.00 35.18 ? 86  GLY A CA  1 
ATOM   701 C  C   . GLY A 1 86 ? -3.172  4.961   2.455   1.00 36.27 ? 86  GLY A C   1 
ATOM   702 O  O   . GLY A 1 86 ? -3.947  4.020   2.224   1.00 36.09 ? 86  GLY A O   1 
ATOM   703 N  N   . ARG A 1 87 ? -3.590  6.207   2.613   1.00 35.41 ? 87  ARG A N   1 
ATOM   704 C  CA  . ARG A 1 87 ? -5.032  6.497   2.698   1.00 35.67 ? 87  ARG A CA  1 
ATOM   705 C  C   . ARG A 1 87 ? -5.802  6.097   1.455   1.00 36.40 ? 87  ARG A C   1 
ATOM   706 O  O   . ARG A 1 87 ? -7.003  5.786   1.544   1.00 37.06 ? 87  ARG A O   1 
ATOM   707 C  CB  . ARG A 1 87 ? -5.284  7.976   2.996   1.00 36.13 ? 87  ARG A CB  1 
ATOM   708 C  CG  . ARG A 1 87 ? -4.799  8.404   4.386   1.00 35.37 ? 87  ARG A CG  1 
ATOM   709 C  CD  . ARG A 1 87 ? -5.233  9.840   4.715   1.00 36.33 ? 87  ARG A CD  1 
ATOM   710 N  NE  . ARG A 1 87 ? -4.602  10.769  3.784   1.00 37.32 ? 87  ARG A NE  1 
ATOM   711 C  CZ  . ARG A 1 87 ? -5.204  11.316  2.731   1.00 38.55 ? 87  ARG A CZ  1 
ATOM   712 N  NH1 . ARG A 1 87 ? -6.492  11.065  2.470   1.00 37.74 ? 87  ARG A NH1 1 
ATOM   713 N  NH2 . ARG A 1 87 ? -4.521  12.127  1.927   1.00 39.26 ? 87  ARG A NH2 1 
ATOM   714 N  N   . ASN A 1 88 ? -5.141  6.077   0.300   1.00 35.41 ? 88  ASN A N   1 
ATOM   715 C  CA  . ASN A 1 88 ? -5.875  5.755   -0.923  1.00 36.77 ? 88  ASN A CA  1 
ATOM   716 C  C   . ASN A 1 88 ? -6.475  4.352   -0.839  1.00 36.94 ? 88  ASN A C   1 
ATOM   717 O  O   . ASN A 1 88 ? -7.519  4.093   -1.460  1.00 38.15 ? 88  ASN A O   1 
ATOM   718 C  CB  . ASN A 1 88 ? -5.005  5.912   -2.168  1.00 36.02 ? 88  ASN A CB  1 
ATOM   719 C  CG  . ASN A 1 88 ? -3.958  4.829   -2.300  1.00 36.98 ? 88  ASN A CG  1 
ATOM   720 O  OD1 . ASN A 1 88 ? -3.149  4.634   -1.394  1.00 37.03 ? 88  ASN A OD1 1 
ATOM   721 N  ND2 . ASN A 1 88 ? -3.950  4.132   -3.450  1.00 35.79 ? 88  ASN A ND2 1 
ATOM   722 N  N   . LEU A 1 89 ? -5.783  3.439   -0.139  1.00 35.91 ? 89  LEU A N   1 
ATOM   723 C  CA  . LEU A 1 89 ? -6.310  2.087   0.054   1.00 36.01 ? 89  LEU A CA  1 
ATOM   724 C  C   . LEU A 1 89 ? -7.047  1.921   1.390   1.00 36.05 ? 89  LEU A C   1 
ATOM   725 O  O   . LEU A 1 89 ? -7.979  1.124   1.491   1.00 36.55 ? 89  LEU A O   1 
ATOM   726 C  CB  . LEU A 1 89 ? -5.228  1.009   -0.113  1.00 36.89 ? 89  LEU A CB  1 
ATOM   727 C  CG  . LEU A 1 89 ? -4.693  0.872   -1.557  1.00 36.60 ? 89  LEU A CG  1 
ATOM   728 C  CD1 . LEU A 1 89 ? -3.693  -0.266  -1.584  1.00 38.98 ? 89  LEU A CD1 1 
ATOM   729 C  CD2 . LEU A 1 89 ? -5.755  0.686   -2.640  1.00 36.61 ? 89  LEU A CD2 1 
ATOM   730 N  N   . LEU A 1 90 ? -6.625  2.650   2.420   1.00 35.18 ? 90  LEU A N   1 
ATOM   731 C  CA  . LEU A 1 90 ? -7.329  2.564   3.707   1.00 35.45 ? 90  LEU A CA  1 
ATOM   732 C  C   . LEU A 1 90 ? -8.799  2.967   3.538   1.00 35.47 ? 90  LEU A C   1 
ATOM   733 O  O   . LEU A 1 90 ? -9.692  2.387   4.155   1.00 35.54 ? 90  LEU A O   1 
ATOM   734 C  CB  . LEU A 1 90 ? -6.642  3.425   4.763   1.00 35.81 ? 90  LEU A CB  1 
ATOM   735 C  CG  . LEU A 1 90 ? -5.222  2.954   5.108   1.00 34.43 ? 90  LEU A CG  1 
ATOM   736 C  CD1 . LEU A 1 90 ? -4.600  3.894   6.148   1.00 37.74 ? 90  LEU A CD1 1 
ATOM   737 C  CD2 . LEU A 1 90 ? -5.213  1.530   5.673   1.00 37.61 ? 90  LEU A CD2 1 
ATOM   738 N  N   . THR A 1 91 ? -9.063  3.991   2.732   1.00 36.13 ? 91  THR A N   1 
ATOM   739 C  CA  . THR A 1 91 ? -10.466 4.407   2.546   1.00 37.61 ? 91  THR A CA  1 
ATOM   740 C  C   . THR A 1 91 ? -11.267 3.334   1.821   1.00 37.64 ? 91  THR A C   1 
ATOM   741 O  O   . THR A 1 91 ? -12.476 3.166   2.052   1.00 37.70 ? 91  THR A O   1 
ATOM   742 C  CB  . THR A 1 91 ? -10.575 5.703   1.742   1.00 38.51 ? 91  THR A CB  1 
ATOM   743 O  OG1 . THR A 1 91 ? -9.953  5.512   0.474   1.00 39.68 ? 91  THR A OG1 1 
ATOM   744 C  CG2 . THR A 1 91 ? -9.910  6.856   2.499   1.00 39.65 ? 91  THR A CG2 1 
ATOM   745 N  N   . GLN A 1 92 ? -10.600 2.618   0.923   1.00 37.50 ? 92  GLN A N   1 
ATOM   746 C  CA  . GLN A 1 92 ? -11.254 1.594   0.118   1.00 38.19 ? 92  GLN A CA  1 
ATOM   747 C  C   . GLN A 1 92 ? -11.757 0.431   0.976   1.00 37.56 ? 92  GLN A C   1 
ATOM   748 O  O   . GLN A 1 92 ? -12.776 -0.172  0.643   1.00 37.42 ? 92  GLN A O   1 
ATOM   749 C  CB  . GLN A 1 92 ? -10.333 1.113   -1.031  1.00 38.37 ? 92  GLN A CB  1 
ATOM   750 C  CG  . GLN A 1 92 ? -9.992  2.224   -2.077  1.00 39.47 ? 92  GLN A CG  1 
ATOM   751 C  CD  . GLN A 1 92 ? -11.179 2.629   -3.018  1.00 40.86 ? 92  GLN A CD  1 
ATOM   752 O  OE1 . GLN A 1 92 ? -11.913 3.594   -2.766  1.00 44.37 ? 92  GLN A OE1 1 
ATOM   753 N  NE2 . GLN A 1 92 ? -11.346 1.900   -4.063  1.00 39.13 ? 92  GLN A NE2 1 
ATOM   754 N  N   . ILE A 1 93 ? -11.058 0.134   2.080   1.00 37.88 ? 93  ILE A N   1 
ATOM   755 C  CA  . ILE A 1 93 ? -11.488 -0.938  2.987   1.00 38.50 ? 93  ILE A CA  1 
ATOM   756 C  C   . ILE A 1 93 ? -12.358 -0.425  4.126   1.00 38.39 ? 93  ILE A C   1 
ATOM   757 O  O   . ILE A 1 93 ? -12.803 -1.204  4.974   1.00 38.76 ? 93  ILE A O   1 
ATOM   758 C  CB  . ILE A 1 93 ? -10.299 -1.769  3.573   1.00 38.74 ? 93  ILE A CB  1 
ATOM   759 C  CG1 . ILE A 1 93 ? -9.377  -0.885  4.423   1.00 38.19 ? 93  ILE A CG1 1 
ATOM   760 C  CG2 . ILE A 1 93 ? -9.576  -2.518  2.462   1.00 40.05 ? 93  ILE A CG2 1 
ATOM   761 C  CD1 . ILE A 1 93 ? -8.184  -1.626  5.049   1.00 39.93 ? 93  ILE A CD1 1 
ATOM   762 N  N   . GLY A 1 94 ? -12.613 0.885   4.128   1.00 37.29 ? 94  GLY A N   1 
ATOM   763 C  CA  . GLY A 1 94 ? -13.492 1.489   5.116   1.00 36.61 ? 94  GLY A CA  1 
ATOM   764 C  C   . GLY A 1 94 ? -12.808 1.649   6.452   1.00 36.86 ? 94  GLY A C   1 
ATOM   765 O  O   . GLY A 1 94 ? -13.459 1.611   7.495   1.00 36.12 ? 94  GLY A O   1 
ATOM   766 N  N   . CYS A 1 95 ? -11.494 1.853   6.412   1.00 36.27 ? 95  CYS A N   1 
ATOM   767 C  CA  . CYS A 1 95 ? -10.698 1.988   7.635   1.00 36.42 ? 95  CYS A CA  1 
ATOM   768 C  C   . CYS A 1 95 ? -10.869 3.391   8.230   1.00 37.15 ? 95  CYS A C   1 
ATOM   769 O  O   . CYS A 1 95 ? -10.787 4.398   7.504   1.00 37.74 ? 95  CYS A O   1 
ATOM   770 C  CB  . CYS A 1 95 ? -9.221  1.717   7.343   1.00 36.89 ? 95  CYS A CB  1 
ATOM   771 S  SG  . CYS A 1 95 ? -8.209  1.685   8.835   1.00 39.38 ? 95  CYS A SG  1 
ATOM   772 N  N   . THR A 1 96 ? -11.077 3.450   9.543   1.00 36.64 ? 96  THR A N   1 
ATOM   773 C  CA  . THR A 1 96 ? -11.207 4.726   10.258  1.00 35.81 ? 96  THR A CA  1 
ATOM   774 C  C   . THR A 1 96 ? -10.351 4.696   11.512  1.00 35.78 ? 96  THR A C   1 
ATOM   775 O  O   . THR A 1 96 ? -9.994  3.615   11.984  1.00 35.80 ? 96  THR A O   1 
ATOM   776 C  CB  . THR A 1 96 ? -12.682 5.008   10.669  1.00 36.67 ? 96  THR A CB  1 
ATOM   777 O  OG1 . THR A 1 96 ? -13.180 3.945   11.502  1.00 35.92 ? 96  THR A OG1 1 
ATOM   778 C  CG2 . THR A 1 96 ? -13.569 5.170   9.436   1.00 36.52 ? 96  THR A CG2 1 
ATOM   779 N  N   . LEU A 1 97 ? -10.004 5.878   12.027  1.00 34.89 ? 97  LEU A N   1 
ATOM   780 C  CA  . LEU A 1 97 ? -9.398  5.990   13.364  1.00 35.39 ? 97  LEU A CA  1 
ATOM   781 C  C   . LEU A 1 97 ? -10.519 6.198   14.354  1.00 35.08 ? 97  LEU A C   1 
ATOM   782 O  O   . LEU A 1 97 ? -11.458 6.947   14.079  1.00 36.28 ? 97  LEU A O   1 
ATOM   783 C  CB  . LEU A 1 97 ? -8.447  7.181   13.437  1.00 35.61 ? 97  LEU A CB  1 
ATOM   784 C  CG  . LEU A 1 97 ? -7.177  6.998   12.588  1.00 37.80 ? 97  LEU A CG  1 
ATOM   785 C  CD1 . LEU A 1 97 ? -6.541  8.356   12.372  1.00 41.37 ? 97  LEU A CD1 1 
ATOM   786 C  CD2 . LEU A 1 97 ? -6.223  6.044   13.312  1.00 37.92 ? 97  LEU A CD2 1 
ATOM   787 N  N   . ASN A 1 98 ? -10.418 5.555   15.516  1.00 34.92 ? 98  ASN A N   1 
ATOM   788 C  CA  . ASN A 1 98 ? -11.480 5.641   16.503  1.00 35.46 ? 98  ASN A CA  1 
ATOM   789 C  C   . ASN A 1 98 ? -10.925 5.760   17.905  1.00 35.90 ? 98  ASN A C   1 
ATOM   790 O  O   . ASN A 1 98 ? -10.065 4.978   18.294  1.00 35.74 ? 98  ASN A O   1 
ATOM   791 C  CB  . ASN A 1 98 ? -12.392 4.407   16.436  1.00 35.46 ? 98  ASN A CB  1 
ATOM   792 C  CG  . ASN A 1 98 ? -13.140 4.312   15.138  1.00 36.63 ? 98  ASN A CG  1 
ATOM   793 O  OD1 . ASN A 1 98 ? -14.273 4.770   15.034  1.00 39.62 ? 98  ASN A OD1 1 
ATOM   794 N  ND2 . ASN A 1 98 ? -12.501 3.746   14.131  1.00 35.67 ? 98  ASN A ND2 1 
ATOM   795 N  N   . PHE A 1 99 ? -11.423 6.745   18.650  1.00 36.98 ? 99  PHE A N   1 
ATOM   796 C  CA  . PHE A 1 99 ? -11.108 6.887   20.069  1.00 37.59 ? 99  PHE A CA  1 
ATOM   797 C  C   . PHE A 1 99 ? -12.262 7.554   20.826  1.00 38.51 ? 99  PHE A C   1 
ATOM   798 O  O   . PHE A 1 99 ? -12.276 7.644   22.053  1.00 38.45 ? 99  PHE A O   1 
ATOM   799 C  CB  . PHE A 1 99 ? -9.738  7.569   20.295  1.00 38.35 ? 99  PHE A CB  1 
ATOM   800 C  CG  . PHE A 1 99 ? -9.594  8.938   19.683  1.00 38.62 ? 99  PHE A CG  1 
ATOM   801 C  CD1 . PHE A 1 99 ? -9.226  9.092   18.345  1.00 40.87 ? 99  PHE A CD1 1 
ATOM   802 C  CD2 . PHE A 1 99 ? -9.752  10.081  20.469  1.00 39.51 ? 99  PHE A CD2 1 
ATOM   803 C  CE1 . PHE A 1 99 ? -9.065  10.368  17.779  1.00 40.57 ? 99  PHE A CE1 1 
ATOM   804 C  CE2 . PHE A 1 99 ? -9.588  11.353  19.921  1.00 40.08 ? 99  PHE A CE2 1 
ATOM   805 C  CZ  . PHE A 1 99 ? -9.243  11.499  18.577  1.00 40.45 ? 99  PHE A CZ  1 
ATOM   806 O  OXT . PHE A 1 99 ? -13.249 7.971   20.219  1.00 38.87 ? 99  PHE A OXT 1 
HETATM 807 B  B7  . CB5 B 2 .  ? 9.531   7.571   4.126   0.80 52.04 ? 100 CB5 A B7  1 
HETATM 808 CO CO  . CB5 B 2 .  ? 9.679   6.885   2.147   0.80 53.67 ? 100 CB5 A CO  1 
HETATM 809 B  B24 . CB5 B 2 .  ? 9.447   6.025   0.191   0.80 51.94 ? 100 CB5 A B24 1 
HETATM 810 B  B29 . CB5 B 2 .  ? 8.178   6.654   -0.847  0.80 51.99 ? 100 CB5 A B29 1 
HETATM 811 B  B25 . CB5 B 2 .  ? 9.877   7.021   -1.207  0.80 51.92 ? 100 CB5 A B25 1 
HETATM 812 B  B30 . CB5 B 2 .  ? 8.635   8.286   -1.430  0.80 52.02 ? 100 CB5 A B30 1 
HETATM 813 B  B32 . CB5 B 2 .  ? 7.454   8.153   -0.105  0.80 52.01 ? 100 CB5 A B32 1 
HETATM 814 B  B31 . CB5 B 2 .  ? 8.689   9.360   -0.004  0.80 52.08 ? 100 CB5 A B31 1 
HETATM 815 B  B26 . CB5 B 2 .  ? 10.172  8.663   -0.652  0.80 52.02 ? 100 CB5 A B26 1 
HETATM 816 C  C22 . CB5 B 2 .  ? 9.716   8.490   1.001   0.80 52.02 ? 100 CB5 A C22 1 
HETATM 817 B  B27 . CB5 B 2 .  ? 8.241   8.467   1.487   0.80 52.07 ? 100 CB5 A B27 1 
HETATM 818 B  B8  . CB5 B 2 .  ? 11.222  7.412   3.557   0.80 51.92 ? 100 CB5 A B8  1 
HETATM 819 B  B4  . CB5 B 2 .  ? 11.345  5.811   2.850   0.80 52.02 ? 100 CB5 A B4  1 
HETATM 820 B  B9  . CB5 B 2 .  ? 11.945  6.068   4.486   0.80 51.94 ? 100 CB5 A B9  1 
HETATM 821 B  B5  . CB5 B 2 .  ? 11.016  4.589   4.120   0.80 51.94 ? 100 CB5 A B5  1 
HETATM 822 B  B12 . CB5 B 2 .  ? 10.834  7.201   5.292   0.80 52.12 ? 100 CB5 A B12 1 
HETATM 823 B  B11 . CB5 B 2 .  ? 9.261   6.412   5.447   0.80 52.05 ? 100 CB5 A B11 1 
HETATM 824 B  B6  . CB5 B 2 .  ? 9.376   4.804   4.740   0.80 52.07 ? 100 CB5 A B6  1 
HETATM 825 C  C2  . CB5 B 2 .  ? 8.821   6.152   3.832   0.80 52.24 ? 100 CB5 A C2  1 
HETATM 826 C  C1  . CB5 B 2 .  ? 9.734   5.071   3.089   0.80 52.09 ? 100 CB5 A C1  1 
HETATM 827 B  B28 . CB5 B 2 .  ? 8.159   6.883   0.901   0.80 51.92 ? 100 CB5 A B28 1 
HETATM 828 C  C21 . CB5 B 2 .  ? 10.541  7.304   0.337   0.80 51.97 ? 100 CB5 A C21 1 
HETATM 829 B  B10 . CB5 B 2 .  ? 10.743  5.454   5.652   0.80 52.07 ? 100 CB5 A B10 1 
HETATM 830 CL CL  . CL  C 3 .  ? -13.520 -8.531  10.685  1.00 69.43 ? 101 CL  A CL  1 
HETATM 831 C  C1  . GOL D 4 .  ? -3.767  -12.799 2.653   1.00 54.93 ? 102 GOL A C1  1 
HETATM 832 O  O1  . GOL D 4 .  ? -4.960  -13.555 2.656   1.00 56.45 ? 102 GOL A O1  1 
HETATM 833 C  C2  . GOL D 4 .  ? -3.733  -11.792 3.802   1.00 54.30 ? 102 GOL A C2  1 
HETATM 834 O  O2  . GOL D 4 .  ? -3.779  -12.455 5.050   1.00 55.11 ? 102 GOL A O2  1 
HETATM 835 C  C3  . GOL D 4 .  ? -4.872  -10.784 3.690   1.00 53.11 ? 102 GOL A C3  1 
HETATM 836 O  O3  . GOL D 4 .  ? -6.101  -11.391 4.034   1.00 52.59 ? 102 GOL A O3  1 
HETATM 837 O  O   . HOH E 5 .  ? -11.691 -0.707  -2.866  1.00 35.09 ? 103 HOH A O   1 
HETATM 838 O  O   . HOH E 5 .  ? -7.421  -14.404 -4.013  1.00 62.38 ? 104 HOH A O   1 
HETATM 839 O  O   . HOH E 5 .  ? 10.643  12.177  0.938   0.50 42.84 ? 105 HOH A O   1 
HETATM 840 O  O   . HOH E 5 .  ? -16.896 5.614   6.986   1.00 57.40 ? 106 HOH A O   1 
HETATM 841 O  O   . HOH E 5 .  ? 1.893   11.371  2.091   1.00 38.86 ? 107 HOH A O   1 
HETATM 842 O  O   . HOH E 5 .  ? 2.077   9.484   0.388   1.00 46.93 ? 108 HOH A O   1 
HETATM 843 O  O   . HOH E 5 .  ? -7.121  -10.733 -3.393  1.00 43.86 ? 109 HOH A O   1 
HETATM 844 O  O   . HOH E 5 .  ? 6.543   5.203   7.893   1.00 60.39 ? 110 HOH A O   1 
HETATM 845 O  O   . HOH E 5 .  ? 4.438   10.554  2.336   1.00 66.31 ? 111 HOH A O   1 
HETATM 846 O  O   . HOH E 5 .  ? 3.386   8.583   7.850   0.50 26.67 ? 112 HOH A O   1 
HETATM 847 O  O   . HOH E 5 .  ? -11.988 6.190   5.893   1.00 20.49 ? 113 HOH A O   1 
HETATM 848 O  O   . HOH E 5 .  ? 4.403   -14.630 -1.483  0.50 24.26 ? 114 HOH A O   1 
HETATM 849 O  O   . HOH E 5 .  ? -14.439 1.881   10.102  1.00 22.92 ? 115 HOH A O   1 
HETATM 850 O  O   . HOH E 5 .  ? -6.053  4.487   -5.450  1.00 21.70 ? 116 HOH A O   1 
HETATM 851 O  O   . HOH E 5 .  ? -2.344  11.362  5.379   1.00 20.20 ? 117 HOH A O   1 
HETATM 852 O  O   . HOH E 5 .  ? -3.470  -11.590 -5.269  1.00 27.78 ? 118 HOH A O   1 
HETATM 853 O  O   . HOH E 5 .  ? -6.648  2.662   -9.334  1.00 26.46 ? 119 HOH A O   1 
HETATM 854 O  O   . HOH E 5 .  ? -0.595  4.603   -4.432  1.00 24.86 ? 120 HOH A O   1 
HETATM 855 O  O   . HOH E 5 .  ? -13.512 5.019   4.080   1.00 36.18 ? 121 HOH A O   1 
HETATM 856 O  O   . HOH E 5 .  ? -0.489  -2.584  15.643  1.00 27.22 ? 122 HOH A O   1 
HETATM 857 O  O   . HOH E 5 .  ? 7.313   -3.860  4.802   1.00 31.27 ? 123 HOH A O   1 
HETATM 858 O  O   . HOH E 5 .  ? -3.272  -8.111  -6.939  1.00 25.61 ? 124 HOH A O   1 
HETATM 859 O  O   . HOH E 5 .  ? 6.257   -2.341  17.067  1.00 34.46 ? 125 HOH A O   1 
HETATM 860 O  O   . HOH E 5 .  ? 4.134   -4.931  14.639  1.00 32.14 ? 126 HOH A O   1 
HETATM 861 O  O   . HOH E 5 .  ? -4.957  -7.045  -9.065  1.00 31.47 ? 127 HOH A O   1 
HETATM 862 O  O   . HOH E 5 .  ? -4.178  -5.242  17.051  1.00 34.89 ? 128 HOH A O   1 
HETATM 863 O  O   . HOH E 5 .  ? -0.723  -3.325  18.824  1.00 28.80 ? 129 HOH A O   1 
HETATM 864 O  O   . HOH E 5 .  ? -0.345  12.687  4.467   1.00 37.31 ? 130 HOH A O   1 
HETATM 865 O  O   . HOH E 5 .  ? -4.999  9.658   -0.932  1.00 32.26 ? 131 HOH A O   1 
HETATM 866 O  O   . HOH E 5 .  ? -2.240  0.456   -14.702 1.00 33.93 ? 132 HOH A O   1 
HETATM 867 O  O   . HOH E 5 .  ? 12.435  -3.445  -3.852  1.00 37.43 ? 133 HOH A O   1 
HETATM 868 O  O   . HOH E 5 .  ? 7.306   -16.080 -3.316  1.00 35.50 ? 134 HOH A O   1 
HETATM 869 O  O   . HOH E 5 .  ? -10.778 6.218   23.614  1.00 34.71 ? 135 HOH A O   1 
HETATM 870 O  O   . HOH E 5 .  ? -2.834  -17.933 -3.922  1.00 40.49 ? 136 HOH A O   1 
HETATM 871 O  O   . HOH E 5 .  ? 3.592   -5.123  -15.819 1.00 38.05 ? 137 HOH A O   1 
HETATM 872 O  O   . HOH E 5 .  ? -0.371  -17.060 -5.219  1.00 35.89 ? 138 HOH A O   1 
HETATM 873 O  O   . HOH E 5 .  ? 7.187   -8.441  3.067   1.00 35.81 ? 139 HOH A O   1 
HETATM 874 O  O   . HOH E 5 .  ? -7.691  9.237   -0.700  1.00 49.13 ? 140 HOH A O   1 
HETATM 875 O  O   . HOH E 5 .  ? -1.743  -9.756  9.418   1.00 34.77 ? 141 HOH A O   1 
HETATM 876 O  O   . HOH E 5 .  ? 3.282   -11.177 -8.549  1.00 42.12 ? 142 HOH A O   1 
HETATM 877 O  O   . HOH E 5 .  ? -4.856  -9.629  -3.945  1.00 34.50 ? 143 HOH A O   1 
HETATM 878 O  O   . HOH E 5 .  ? 8.837   -8.805  -4.286  1.00 38.73 ? 144 HOH A O   1 
HETATM 879 O  O   . HOH E 5 .  ? 1.984   -10.874 -12.418 1.00 62.61 ? 145 HOH A O   1 
HETATM 880 O  O   . HOH E 5 .  ? 3.206   -10.305 7.030   1.00 39.54 ? 146 HOH A O   1 
HETATM 881 O  O   . HOH E 5 .  ? -10.331 -7.367  15.708  1.00 41.72 ? 147 HOH A O   1 
HETATM 882 O  O   . HOH E 5 .  ? -15.881 5.787   17.076  1.00 42.64 ? 148 HOH A O   1 
HETATM 883 O  O   . HOH E 5 .  ? -13.326 -3.494  0.949   1.00 34.66 ? 149 HOH A O   1 
HETATM 884 O  O   . HOH E 5 .  ? -11.745 6.033   -3.842  1.00 40.26 ? 150 HOH A O   1 
HETATM 885 O  O   . HOH E 5 .  ? -1.626  -2.835  -14.465 1.00 52.21 ? 151 HOH A O   1 
HETATM 886 O  O   . HOH E 5 .  ? -0.807  3.392   -14.586 1.00 44.16 ? 152 HOH A O   1 
HETATM 887 O  O   . HOH E 5 .  ? 1.584   -6.177  13.702  1.00 50.63 ? 153 HOH A O   1 
HETATM 888 O  O   . HOH E 5 .  ? -2.972  10.949  -3.413  1.00 54.08 ? 154 HOH A O   1 
HETATM 889 O  O   . HOH E 5 .  ? 11.894  -3.950  0.702   1.00 45.06 ? 155 HOH A O   1 
HETATM 890 O  O   . HOH E 5 .  ? -4.735  -6.920  15.297  1.00 42.15 ? 156 HOH A O   1 
HETATM 891 O  O   . HOH E 5 .  ? -10.290 -3.102  -13.715 1.00 53.64 ? 157 HOH A O   1 
HETATM 892 O  O   . HOH E 5 .  ? 12.929  -2.686  -1.395  1.00 47.40 ? 158 HOH A O   1 
HETATM 893 O  O   . HOH E 5 .  ? -8.045  -5.588  19.078  1.00 44.35 ? 159 HOH A O   1 
HETATM 894 O  O   . HOH E 5 .  ? 9.554   -0.384  -10.130 1.00 51.71 ? 160 HOH A O   1 
HETATM 895 O  O   . HOH E 5 .  ? 5.777   -2.001  20.760  1.00 52.09 ? 161 HOH A O   1 
HETATM 896 O  O   . HOH E 5 .  ? 8.860   -2.250  11.013  1.00 50.24 ? 162 HOH A O   1 
HETATM 897 O  O   . HOH E 5 .  ? 11.697  -6.328  -3.789  1.00 40.48 ? 163 HOH A O   1 
HETATM 898 O  O   . HOH E 5 .  ? -0.834  -5.033  15.085  1.00 43.29 ? 164 HOH A O   1 
HETATM 899 O  O   . HOH E 5 .  ? -14.191 -3.806  3.620   1.00 53.45 ? 165 HOH A O   1 
HETATM 900 O  O   . HOH E 5 .  ? -8.053  3.701   -11.503 1.00 42.06 ? 166 HOH A O   1 
HETATM 901 O  O   . HOH E 5 .  ? 3.763   0.969   22.873  1.00 46.44 ? 167 HOH A O   1 
HETATM 902 O  O   . HOH E 5 .  ? 7.126   -10.642 -7.933  1.00 48.60 ? 168 HOH A O   1 
HETATM 903 O  O   . HOH E 5 .  ? 9.169   -5.568  3.593   1.00 48.22 ? 169 HOH A O   1 
HETATM 904 O  O   . HOH E 5 .  ? 4.041   -11.885 4.904   1.00 49.47 ? 170 HOH A O   1 
HETATM 905 O  O   . HOH E 5 .  ? -5.633  -2.158  23.996  0.50 42.34 ? 171 HOH A O   1 
HETATM 906 O  O   . HOH E 5 .  ? -13.242 3.355   19.988  1.00 55.15 ? 172 HOH A O   1 
HETATM 907 O  O   . HOH E 5 .  ? -4.170  -2.020  -14.120 1.00 43.46 ? 173 HOH A O   1 
HETATM 908 O  O   . HOH E 5 .  ? -0.065  -13.712 8.325   1.00 43.77 ? 174 HOH A O   1 
HETATM 909 O  O   . HOH E 5 .  ? 2.983   -9.050  9.303   1.00 49.70 ? 175 HOH A O   1 
HETATM 910 O  O   . HOH E 5 .  ? -2.396  9.618   -11.837 1.00 53.06 ? 176 HOH A O   1 
HETATM 911 O  O   . HOH E 5 .  ? 7.304   -3.805  15.006  1.00 63.36 ? 177 HOH A O   1 
HETATM 912 O  O   . HOH E 5 .  ? 8.099   -3.942  7.498   1.00 56.98 ? 178 HOH A O   1 
HETATM 913 O  O   . HOH E 5 .  ? 5.754   -6.687  -13.408 1.00 48.32 ? 179 HOH A O   1 
HETATM 914 O  O   . HOH E 5 .  ? -14.826 5.443   19.358  1.00 47.83 ? 180 HOH A O   1 
HETATM 915 O  O   . HOH E 5 .  ? -2.673  -7.745  -9.801  1.00 45.78 ? 181 HOH A O   1 
HETATM 916 O  O   . HOH E 5 .  ? 8.228   -7.076  11.113  1.00 57.97 ? 182 HOH A O   1 
HETATM 917 O  O   . HOH E 5 .  ? 1.290   -10.150 10.620  1.00 59.30 ? 183 HOH A O   1 
HETATM 918 O  O   . HOH E 5 .  ? -8.663  3.451   -4.947  1.00 44.33 ? 184 HOH A O   1 
HETATM 919 O  O   . HOH E 5 .  ? 9.649   -2.735  1.277   1.00 44.49 ? 185 HOH A O   1 
HETATM 920 O  O   . HOH E 5 .  ? -15.413 -1.381  1.625   1.00 60.74 ? 186 HOH A O   1 
HETATM 921 O  O   . HOH E 5 .  ? -2.443  7.160   -5.118  1.00 57.69 ? 187 HOH A O   1 
HETATM 922 O  O   . HOH E 5 .  ? -1.260  8.015   -7.458  1.00 56.82 ? 188 HOH A O   1 
HETATM 923 O  O   . HOH E 5 .  ? -6.090  13.777  0.055   1.00 50.70 ? 189 HOH A O   1 
HETATM 924 O  O   . HOH E 5 .  ? 7.555   -15.337 -6.467  1.00 59.69 ? 190 HOH A O   1 
HETATM 925 O  O   . HOH E 5 .  ? -3.739  -16.724 0.273   1.00 51.08 ? 191 HOH A O   1 
HETATM 926 O  O   . HOH E 5 .  ? -0.434  11.959  -3.670  1.00 59.57 ? 192 HOH A O   1 
HETATM 927 O  O   . HOH E 5 .  ? -16.055 2.928   8.083   1.00 55.51 ? 193 HOH A O   1 
HETATM 928 O  O   . HOH E 5 .  ? -15.954 0.217   7.907   1.00 49.39 ? 194 HOH A O   1 
HETATM 929 O  O   . HOH E 5 .  ? 14.434  -3.204  -5.469  1.00 51.67 ? 195 HOH A O   1 
HETATM 930 O  O   . HOH E 5 .  ? -8.438  -5.124  -11.386 1.00 65.24 ? 196 HOH A O   1 
HETATM 931 O  O   . HOH E 5 .  ? 2.909   -0.090  -19.582 1.00 56.42 ? 197 HOH A O   1 
HETATM 932 O  O   . HOH E 5 .  ? -5.579  3.670   -15.429 1.00 50.61 ? 198 HOH A O   1 
HETATM 933 O  O   . HOH E 5 .  ? -5.382  -4.038  -13.136 1.00 48.07 ? 199 HOH A O   1 
HETATM 934 O  O   . HOH E 5 .  ? -16.743 0.651   3.658   1.00 52.76 ? 200 HOH A O   1 
HETATM 935 O  O   . HOH E 5 .  ? -2.892  -6.772  13.273  1.00 56.63 ? 201 HOH A O   1 
HETATM 936 O  O   . HOH E 5 .  ? -5.201  -8.335  11.461  1.00 67.66 ? 202 HOH A O   1 
HETATM 937 O  O   . HOH E 5 .  ? -7.993  3.022   -14.365 1.00 53.85 ? 203 HOH A O   1 
HETATM 938 O  O   . HOH E 5 .  ? -9.870  -10.643 -6.270  1.00 62.40 ? 204 HOH A O   1 
HETATM 939 O  O   . HOH E 5 .  ? -10.846 -10.668 -8.754  0.50 52.98 ? 205 HOH A O   1 
HETATM 940 O  O   . HOH E 5 .  ? -13.512 -11.982 -4.694  1.00 65.84 ? 206 HOH A O   1 
HETATM 941 O  O   . HOH E 5 .  ? -16.552 5.631   21.514  1.00 51.59 ? 207 HOH A O   1 
HETATM 942 O  O   . HOH E 5 .  ? -15.296 1.423   17.018  0.50 41.57 ? 208 HOH A O   1 
HETATM 943 O  O   . HOH E 5 .  ? -12.163 -9.193  13.222  1.00 64.59 ? 209 HOH A O   1 
HETATM 944 O  O   . HOH E 5 .  ? -11.122 -9.479  9.255   1.00 60.71 ? 210 HOH A O   1 
HETATM 945 O  O   . HOH E 5 .  ? -14.635 -6.980  12.827  1.00 70.51 ? 211 HOH A O   1 
HETATM 946 O  O   . HOH E 5 .  ? 9.026   0.200   17.218  1.00 57.79 ? 212 HOH A O   1 
HETATM 947 O  O   . HOH E 5 .  ? -5.105  7.132   -5.872  1.00 49.37 ? 213 HOH A O   1 
# 
loop_
_pdbx_poly_seq_scheme.asym_id 
_pdbx_poly_seq_scheme.entity_id 
_pdbx_poly_seq_scheme.seq_id 
_pdbx_poly_seq_scheme.mon_id 
_pdbx_poly_seq_scheme.ndb_seq_num 
_pdbx_poly_seq_scheme.pdb_seq_num 
_pdbx_poly_seq_scheme.auth_seq_num 
_pdbx_poly_seq_scheme.pdb_mon_id 
_pdbx_poly_seq_scheme.auth_mon_id 
_pdbx_poly_seq_scheme.pdb_strand_id 
_pdbx_poly_seq_scheme.pdb_ins_code 
_pdbx_poly_seq_scheme.hetero 
A 1 1  PRO 1  1  1  PRO PRO A . n 
A 1 2  GLN 2  2  2  GLN GLN A . n 
A 1 3  ILE 3  3  3  ILE ILE A . n 
A 1 4  THR 4  4  4  THR THR A . n 
A 1 5  LEU 5  5  5  LEU LEU A . n 
A 1 6  TRP 6  6  6  TRP TRP A . n 
A 1 7  LYS 7  7  7  LYS LYS A . n 
A 1 8  ARG 8  8  8  ARG ARG A . n 
A 1 9  PRO 9  9  9  PRO PRO A . n 
A 1 10 LEU 10 10 10 LEU LEU A . n 
A 1 11 VAL 11 11 11 VAL VAL A . n 
A 1 12 THR 12 12 12 THR THR A . n 
A 1 13 ILE 13 13 13 ILE ILE A . n 
A 1 14 LYS 14 14 14 LYS LYS A . n 
A 1 15 ILE 15 15 15 ILE ILE A . n 
A 1 16 GLY 16 16 16 GLY GLY A . n 
A 1 17 GLY 17 17 17 GLY GLY A . n 
A 1 18 GLN 18 18 18 GLN GLN A . n 
A 1 19 LEU 19 19 19 LEU LEU A . n 
A 1 20 LYS 20 20 20 LYS LYS A . n 
A 1 21 GLU 21 21 21 GLU GLU A . n 
A 1 22 ALA 22 22 22 ALA ALA A . n 
A 1 23 LEU 23 23 23 LEU LEU A . n 
A 1 24 LEU 24 24 24 LEU LEU A . n 
A 1 25 ASP 25 25 25 ASP ASP A . n 
A 1 26 THR 26 26 26 THR THR A . n 
A 1 27 GLY 27 27 27 GLY GLY A . n 
A 1 28 ALA 28 28 28 ALA ALA A . n 
A 1 29 ASP 29 29 29 ASP ASP A . n 
A 1 30 ASP 30 30 30 ASP ASP A . n 
A 1 31 THR 31 31 31 THR THR A . n 
A 1 32 VAL 32 32 32 VAL VAL A . n 
A 1 33 ILE 33 33 33 ILE ILE A . n 
A 1 34 GLU 34 34 34 GLU GLU A . n 
A 1 35 GLU 35 35 35 GLU GLU A . n 
A 1 36 MET 36 36 36 MET MET A . n 
A 1 37 SER 37 37 37 SER SER A . n 
A 1 38 LEU 38 38 38 LEU LEU A . n 
A 1 39 PRO 39 39 39 PRO PRO A . n 
A 1 40 GLY 40 40 40 GLY GLY A . n 
A 1 41 ARG 41 41 41 ARG ARG A . n 
A 1 42 TRP 42 42 42 TRP TRP A . n 
A 1 43 LYS 43 43 43 LYS LYS A . n 
A 1 44 PRO 44 44 44 PRO PRO A . n 
A 1 45 LYS 45 45 45 LYS LYS A . n 
A 1 46 MET 46 46 46 MET MET A . n 
A 1 47 ILE 47 47 47 ILE ILE A . n 
A 1 48 GLY 48 48 48 GLY GLY A . n 
A 1 49 GLY 49 49 49 GLY GLY A . n 
A 1 50 ILE 50 50 50 ILE ILE A . n 
A 1 51 GLY 51 51 51 GLY GLY A . n 
A 1 52 GLY 52 52 52 GLY GLY A . n 
A 1 53 PHE 53 53 53 PHE PHE A . n 
A 1 54 ILE 54 54 54 ILE ILE A . n 
A 1 55 LYS 55 55 55 LYS LYS A . n 
A 1 56 VAL 56 56 56 VAL VAL A . n 
A 1 57 ARG 57 57 57 ARG ARG A . n 
A 1 58 GLN 58 58 58 GLN GLN A . n 
A 1 59 TYR 59 59 59 TYR TYR A . n 
A 1 60 ASP 60 60 60 ASP ASP A . n 
A 1 61 GLN 61 61 61 GLN GLN A . n 
A 1 62 ILE 62 62 62 ILE ILE A . n 
A 1 63 ILE 63 63 63 ILE ILE A . n 
A 1 64 ILE 64 64 64 ILE ILE A . n 
A 1 65 GLU 65 65 65 GLU GLU A . n 
A 1 66 ILE 66 66 66 ILE ILE A . n 
A 1 67 CYS 67 67 67 CYS CYS A . n 
A 1 68 GLY 68 68 68 GLY GLY A . n 
A 1 69 HIS 69 69 69 HIS HIS A . n 
A 1 70 LYS 70 70 70 LYS LYS A . n 
A 1 71 ALA 71 71 71 ALA ALA A . n 
A 1 72 ILE 72 72 72 ILE ILE A . n 
A 1 73 GLY 73 73 73 GLY GLY A . n 
A 1 74 THR 74 74 74 THR THR A . n 
A 1 75 VAL 75 75 75 VAL VAL A . n 
A 1 76 LEU 76 76 76 LEU LEU A . n 
A 1 77 VAL 77 77 77 VAL VAL A . n 
A 1 78 GLY 78 78 78 GLY GLY A . n 
A 1 79 PRO 79 79 79 PRO PRO A . n 
A 1 80 THR 80 80 80 THR THR A . n 
A 1 81 PRO 81 81 81 PRO PRO A . n 
A 1 82 VAL 82 82 82 VAL VAL A . n 
A 1 83 ASN 83 83 83 ASN ASN A . n 
A 1 84 ILE 84 84 84 ILE ILE A . n 
A 1 85 ILE 85 85 85 ILE ILE A . n 
A 1 86 GLY 86 86 86 GLY GLY A . n 
A 1 87 ARG 87 87 87 ARG ARG A . n 
A 1 88 ASN 88 88 88 ASN ASN A . n 
A 1 89 LEU 89 89 89 LEU LEU A . n 
A 1 90 LEU 90 90 90 LEU LEU A . n 
A 1 91 THR 91 91 91 THR THR A . n 
A 1 92 GLN 92 92 92 GLN GLN A . n 
A 1 93 ILE 93 93 93 ILE ILE A . n 
A 1 94 GLY 94 94 94 GLY GLY A . n 
A 1 95 CYS 95 95 95 CYS CYS A . n 
A 1 96 THR 96 96 96 THR THR A . n 
A 1 97 LEU 97 97 97 LEU LEU A . n 
A 1 98 ASN 98 98 98 ASN ASN A . n 
A 1 99 PHE 99 99 99 PHE PHE A . n 
# 
loop_
_pdbx_nonpoly_scheme.asym_id 
_pdbx_nonpoly_scheme.entity_id 
_pdbx_nonpoly_scheme.mon_id 
_pdbx_nonpoly_scheme.ndb_seq_num 
_pdbx_nonpoly_scheme.pdb_seq_num 
_pdbx_nonpoly_scheme.auth_seq_num 
_pdbx_nonpoly_scheme.pdb_mon_id 
_pdbx_nonpoly_scheme.auth_mon_id 
_pdbx_nonpoly_scheme.pdb_strand_id 
_pdbx_nonpoly_scheme.pdb_ins_code 
B 2 CB5 1   100 100 CB5 CB5 A . 
C 3 CL  1   101 101 CL  CL  A . 
D 4 GOL 1   102 102 GOL GOL A . 
E 5 HOH 1   103 103 HOH HOH A . 
E 5 HOH 2   104 104 HOH HOH A . 
E 5 HOH 3   105 105 HOH HOH A . 
E 5 HOH 4   106 106 HOH HOH A . 
E 5 HOH 5   107 107 HOH HOH A . 
E 5 HOH 6   108 108 HOH HOH A . 
E 5 HOH 7   109 109 HOH HOH A . 
E 5 HOH 8   110 110 HOH HOH A . 
E 5 HOH 9   111 111 HOH HOH A . 
E 5 HOH 10  112 112 HOH HOH A . 
E 5 HOH 11  113 113 HOH HOH A . 
E 5 HOH 12  114 114 HOH HOH A . 
E 5 HOH 13  115 115 HOH HOH A . 
E 5 HOH 14  116 116 HOH HOH A . 
E 5 HOH 15  117 117 HOH HOH A . 
E 5 HOH 16  118 118 HOH HOH A . 
E 5 HOH 17  119 119 HOH HOH A . 
E 5 HOH 18  120 120 HOH HOH A . 
E 5 HOH 19  121 121 HOH HOH A . 
E 5 HOH 20  122 122 HOH HOH A . 
E 5 HOH 21  123 123 HOH HOH A . 
E 5 HOH 22  124 124 HOH HOH A . 
E 5 HOH 23  125 125 HOH HOH A . 
E 5 HOH 24  126 126 HOH HOH A . 
E 5 HOH 25  127 127 HOH HOH A . 
E 5 HOH 26  128 128 HOH HOH A . 
E 5 HOH 27  129 129 HOH HOH A . 
E 5 HOH 28  130 130 HOH HOH A . 
E 5 HOH 29  131 131 HOH HOH A . 
E 5 HOH 30  132 132 HOH HOH A . 
E 5 HOH 31  133 133 HOH HOH A . 
E 5 HOH 32  134 134 HOH HOH A . 
E 5 HOH 33  135 135 HOH HOH A . 
E 5 HOH 34  136 136 HOH HOH A . 
E 5 HOH 35  137 137 HOH HOH A . 
E 5 HOH 36  138 138 HOH HOH A . 
E 5 HOH 37  139 139 HOH HOH A . 
E 5 HOH 38  140 140 HOH HOH A . 
E 5 HOH 39  141 141 HOH HOH A . 
E 5 HOH 40  142 142 HOH HOH A . 
E 5 HOH 41  143 143 HOH HOH A . 
E 5 HOH 42  144 144 HOH HOH A . 
E 5 HOH 43  145 145 HOH HOH A . 
E 5 HOH 44  146 146 HOH HOH A . 
E 5 HOH 45  147 147 HOH HOH A . 
E 5 HOH 46  148 148 HOH HOH A . 
E 5 HOH 47  149 149 HOH HOH A . 
E 5 HOH 48  150 150 HOH HOH A . 
E 5 HOH 49  151 151 HOH HOH A . 
E 5 HOH 50  152 152 HOH HOH A . 
E 5 HOH 51  153 153 HOH HOH A . 
E 5 HOH 52  154 154 HOH HOH A . 
E 5 HOH 53  155 155 HOH HOH A . 
E 5 HOH 54  156 156 HOH HOH A . 
E 5 HOH 55  157 157 HOH HOH A . 
E 5 HOH 56  158 158 HOH HOH A . 
E 5 HOH 57  159 159 HOH HOH A . 
E 5 HOH 58  160 160 HOH HOH A . 
E 5 HOH 59  161 161 HOH HOH A . 
E 5 HOH 60  162 162 HOH HOH A . 
E 5 HOH 61  163 163 HOH HOH A . 
E 5 HOH 62  164 164 HOH HOH A . 
E 5 HOH 63  165 165 HOH HOH A . 
E 5 HOH 64  166 166 HOH HOH A . 
E 5 HOH 65  167 167 HOH HOH A . 
E 5 HOH 66  168 168 HOH HOH A . 
E 5 HOH 67  169 169 HOH HOH A . 
E 5 HOH 68  170 170 HOH HOH A . 
E 5 HOH 69  171 171 HOH HOH A . 
E 5 HOH 70  172 172 HOH HOH A . 
E 5 HOH 71  173 173 HOH HOH A . 
E 5 HOH 72  174 174 HOH HOH A . 
E 5 HOH 73  175 175 HOH HOH A . 
E 5 HOH 74  176 176 HOH HOH A . 
E 5 HOH 75  177 177 HOH HOH A . 
E 5 HOH 76  178 178 HOH HOH A . 
E 5 HOH 77  179 179 HOH HOH A . 
E 5 HOH 78  180 180 HOH HOH A . 
E 5 HOH 79  181 181 HOH HOH A . 
E 5 HOH 80  182 182 HOH HOH A . 
E 5 HOH 81  183 183 HOH HOH A . 
E 5 HOH 82  184 184 HOH HOH A . 
E 5 HOH 83  185 185 HOH HOH A . 
E 5 HOH 84  186 186 HOH HOH A . 
E 5 HOH 85  187 187 HOH HOH A . 
E 5 HOH 86  188 188 HOH HOH A . 
E 5 HOH 87  189 189 HOH HOH A . 
E 5 HOH 88  190 190 HOH HOH A . 
E 5 HOH 89  191 191 HOH HOH A . 
E 5 HOH 90  192 192 HOH HOH A . 
E 5 HOH 91  193 193 HOH HOH A . 
E 5 HOH 92  194 194 HOH HOH A . 
E 5 HOH 93  195 195 HOH HOH A . 
E 5 HOH 94  196 196 HOH HOH A . 
E 5 HOH 95  197 197 HOH HOH A . 
E 5 HOH 96  198 198 HOH HOH A . 
E 5 HOH 97  199 199 HOH HOH A . 
E 5 HOH 98  200 200 HOH HOH A . 
E 5 HOH 99  201 201 HOH HOH A . 
E 5 HOH 100 202 202 HOH HOH A . 
E 5 HOH 101 203 203 HOH HOH A . 
E 5 HOH 102 204 204 HOH HOH A . 
E 5 HOH 103 205 205 HOH HOH A . 
E 5 HOH 104 206 206 HOH HOH A . 
E 5 HOH 105 207 207 HOH HOH A . 
E 5 HOH 106 208 208 HOH HOH A . 
E 5 HOH 107 209 209 HOH HOH A . 
E 5 HOH 108 210 210 HOH HOH A . 
E 5 HOH 109 211 211 HOH HOH A . 
E 5 HOH 110 212 212 HOH HOH A . 
E 5 HOH 111 213 213 HOH HOH A . 
# 
loop_
_pdbx_struct_assembly.id 
_pdbx_struct_assembly.details 
_pdbx_struct_assembly.method_details 
_pdbx_struct_assembly.oligomeric_details 
_pdbx_struct_assembly.oligomeric_count 
1 author_and_software_defined_assembly PISA dimeric 2 
2 author_and_software_defined_assembly PISA dimeric 2 
# 
loop_
_pdbx_struct_assembly_gen.assembly_id 
_pdbx_struct_assembly_gen.oper_expression 
_pdbx_struct_assembly_gen.asym_id_list 
1 1,2 A,B,C,D,E 
2 1,3 A,B,C,D,E 
# 
loop_
_pdbx_struct_assembly_prop.biol_id 
_pdbx_struct_assembly_prop.type 
_pdbx_struct_assembly_prop.value 
_pdbx_struct_assembly_prop.details 
1 'ABSA (A^2)' 4190  ? 
1 MORE         -39   ? 
1 'SSA (A^2)'  10590 ? 
2 'ABSA (A^2)' 2480  ? 
2 MORE         -32   ? 
2 'SSA (A^2)'  12310 ? 
# 
loop_
_pdbx_struct_oper_list.id 
_pdbx_struct_oper_list.type 
_pdbx_struct_oper_list.name 
_pdbx_struct_oper_list.symmetry_operation 
_pdbx_struct_oper_list.matrix[1][1] 
_pdbx_struct_oper_list.matrix[1][2] 
_pdbx_struct_oper_list.matrix[1][3] 
_pdbx_struct_oper_list.vector[1] 
_pdbx_struct_oper_list.matrix[2][1] 
_pdbx_struct_oper_list.matrix[2][2] 
_pdbx_struct_oper_list.matrix[2][3] 
_pdbx_struct_oper_list.vector[2] 
_pdbx_struct_oper_list.matrix[3][1] 
_pdbx_struct_oper_list.matrix[3][2] 
_pdbx_struct_oper_list.matrix[3][3] 
_pdbx_struct_oper_list.vector[3] 
1 'identity operation'         1_555 x,y,z     1.0000000000  0.0000000000  0.0000000000  0.0000000000  0.0000000000  1.0000000000  0.0000000000  0.0000000000  0.0000000000  0.0000000000  1.0000000000  0.0000000000  
2 'crystal symmetry operation' 3_557 -x,y,-z+2 0.5331887936  0.5541355785  -0.6392522749 2.4888607129  0.5541355785  -0.7997205298 -0.2310429287 14.5149852391 -0.6392522749 -0.2310429287 -0.7334682639 18.5516165720 
3 'crystal symmetry operation' 2_565 -x,-y+1,z -0.9601758928 -0.2512261239 -0.1222607439 28.5618712053 -0.2512261239 0.5848331529  0.7712688363  4.5440976718  -0.1222607439 0.7712688363  -0.6246572601 -0.0339031526  
# 
_pdbx_struct_special_symmetry.id              1 
_pdbx_struct_special_symmetry.PDB_model_num   1 
_pdbx_struct_special_symmetry.auth_asym_id    A 
_pdbx_struct_special_symmetry.auth_comp_id    HOH 
_pdbx_struct_special_symmetry.auth_seq_id     205 
_pdbx_struct_special_symmetry.PDB_ins_code    ? 
_pdbx_struct_special_symmetry.label_asym_id   E 
_pdbx_struct_special_symmetry.label_comp_id   HOH 
_pdbx_struct_special_symmetry.label_seq_id    . 
# 
loop_
_pdbx_audit_revision_history.ordinal 
_pdbx_audit_revision_history.data_content_type 
_pdbx_audit_revision_history.major_revision 
_pdbx_audit_revision_history.minor_revision 
_pdbx_audit_revision_history.revision_date 
1 'Structure model' 1 0 2009-12-01 
2 'Structure model' 1 1 2011-07-13 
3 'Structure model' 1 2 2021-10-13 
4 'Structure model' 1 3 2023-09-06 
# 
_pdbx_audit_revision_details.ordinal             1 
_pdbx_audit_revision_details.revision_ordinal    1 
_pdbx_audit_revision_details.data_content_type   'Structure model' 
_pdbx_audit_revision_details.provider            repository 
_pdbx_audit_revision_details.type                'Initial release' 
_pdbx_audit_revision_details.description         ? 
_pdbx_audit_revision_details.details             ? 
# 
loop_
_pdbx_audit_revision_group.ordinal 
_pdbx_audit_revision_group.revision_ordinal 
_pdbx_audit_revision_group.data_content_type 
_pdbx_audit_revision_group.group 
1 2 'Structure model' Advisory                    
2 2 'Structure model' 'Version format compliance' 
3 3 'Structure model' 'Database references'       
4 3 'Structure model' 'Derived calculations'      
5 4 'Structure model' 'Data collection'           
6 4 'Structure model' 'Refinement description'    
# 
loop_
_pdbx_audit_revision_category.ordinal 
_pdbx_audit_revision_category.revision_ordinal 
_pdbx_audit_revision_category.data_content_type 
_pdbx_audit_revision_category.category 
1 3 'Structure model' database_2                    
2 3 'Structure model' pdbx_struct_special_symmetry  
3 3 'Structure model' struct_ref_seq_dif            
4 3 'Structure model' struct_site                   
5 4 'Structure model' chem_comp_atom                
6 4 'Structure model' chem_comp_bond                
7 4 'Structure model' pdbx_initial_refinement_model 
# 
loop_
_pdbx_audit_revision_item.ordinal 
_pdbx_audit_revision_item.revision_ordinal 
_pdbx_audit_revision_item.data_content_type 
_pdbx_audit_revision_item.item 
1 3 'Structure model' '_database_2.pdbx_DOI'                
2 3 'Structure model' '_database_2.pdbx_database_accession' 
3 3 'Structure model' '_struct_ref_seq_dif.details'         
4 3 'Structure model' '_struct_site.pdbx_auth_asym_id'      
5 3 'Structure model' '_struct_site.pdbx_auth_comp_id'      
6 3 'Structure model' '_struct_site.pdbx_auth_seq_id'       
# 
loop_
_pdbx_refine_tls.pdbx_refine_id 
_pdbx_refine_tls.id 
_pdbx_refine_tls.details 
_pdbx_refine_tls.method 
_pdbx_refine_tls.origin_x 
_pdbx_refine_tls.origin_y 
_pdbx_refine_tls.origin_z 
_pdbx_refine_tls.T[1][1] 
_pdbx_refine_tls.T[2][2] 
_pdbx_refine_tls.T[3][3] 
_pdbx_refine_tls.T[1][2] 
_pdbx_refine_tls.T[1][3] 
_pdbx_refine_tls.T[2][3] 
_pdbx_refine_tls.L[1][1] 
_pdbx_refine_tls.L[2][2] 
_pdbx_refine_tls.L[3][3] 
_pdbx_refine_tls.L[1][2] 
_pdbx_refine_tls.L[1][3] 
_pdbx_refine_tls.L[2][3] 
_pdbx_refine_tls.S[1][1] 
_pdbx_refine_tls.S[1][2] 
_pdbx_refine_tls.S[1][3] 
_pdbx_refine_tls.S[2][1] 
_pdbx_refine_tls.S[2][2] 
_pdbx_refine_tls.S[2][3] 
_pdbx_refine_tls.S[3][1] 
_pdbx_refine_tls.S[3][2] 
_pdbx_refine_tls.S[3][3] 
'X-RAY DIFFRACTION' 1 ? refined -5.9399 1.7448  10.9135 -0.2743 -0.2399 -0.2778 -0.0344 -0.0220 -0.0005 2.8680  2.9834 8.8381 -0.0919 0.5422 2.0734 0.2252  -0.1296 -0.2077 0.2127  -0.1546 0.0225  0.4454  -0.6476 -0.0707 
'X-RAY DIFFRACTION' 2 ? refined -0.1259 -2.8084 0.7906  -0.2737 -0.2186 -0.2444 0.0349  0.0025  -0.0119 0.5692  6.0317 7.0566 -1.0105 0.2965 2.8219 0.1123  0.1621  -0.0587 -0.0085 0.0372  -0.1861 0.3103  0.1522  -0.1494 
'X-RAY DIFFRACTION' 3 ? refined 5.5288  2.7821  -9.8293 -0.0811 -0.0131 -0.0702 -0.0380 0.1746  0.0401  10.9911 5.5908 8.6092 -1.5144 2.9664 0.2361 -0.0723 1.0414  0.8057  -0.9405 0.1667  -0.8098 -0.6756 0.7835  -0.0944  
# 
loop_
_pdbx_refine_tls_group.pdbx_refine_id 
_pdbx_refine_tls_group.id 
_pdbx_refine_tls_group.refine_tls_id 
_pdbx_refine_tls_group.beg_auth_asym_id 
_pdbx_refine_tls_group.beg_auth_seq_id 
_pdbx_refine_tls_group.end_auth_asym_id 
_pdbx_refine_tls_group.end_auth_seq_id 
_pdbx_refine_tls_group.selection_details 
_pdbx_refine_tls_group.beg_label_asym_id 
_pdbx_refine_tls_group.beg_label_seq_id 
_pdbx_refine_tls_group.end_label_asym_id 
_pdbx_refine_tls_group.end_label_seq_id 
_pdbx_refine_tls_group.selection 
'X-RAY DIFFRACTION' 1 1 A 1  A 9  ? . . . . ? 
'X-RAY DIFFRACTION' 2 1 A 86 A 99 ? . . . . ? 
'X-RAY DIFFRACTION' 3 2 A 10 A 32 ? . . . . ? 
'X-RAY DIFFRACTION' 4 2 A 63 A 85 ? . . . . ? 
'X-RAY DIFFRACTION' 5 3 A 33 A 62 ? . . . . ? 
# 
loop_
_software.name 
_software.classification 
_software.version 
_software.citation_id 
_software.pdbx_ordinal 
HKL-3000 'data collection' .        ? 1 
MOLREP   phasing           .        ? 2 
REFMAC   refinement        5.3.0037 ? 3 
HKL-3000 'data reduction'  .        ? 4 
HKL-3000 'data scaling'    .        ? 5 
# 
_pdbx_entry_details.nonpolymer_details       
;THE AUTHOR STATES THAT THE COMPOUND BOUND TO THE HIV PROTEASE IS A MODIFIED COBALT BIS(1,2-DICARBOLLIDE), NAMELY HYDROGEN IMINO BIS-8,8-[5-(3-OXA-PENTOXYL)-3-COBALT BIS(1,2-DICARBOLLIDE)]DI-ATE ([H2 N-(8-(C2 H4 O)2 -1,2-C2 B9 H10 )(1',2'-C2 B9 H_11 )-3,3'-CO)2 ]NA), HOWEVER DUE TO DISORDER THE BIS(ETHYLENEGLYCOL)AMINE LINKER IS MISSING FROM THE COORDINATES.
;
_pdbx_entry_details.entry_id                 3I8W 
_pdbx_entry_details.compound_details         ? 
_pdbx_entry_details.source_details           ? 
_pdbx_entry_details.sequence_details         ? 
_pdbx_entry_details.has_ligand_of_interest   ? 
# 
_pdbx_validate_torsion.id              1 
_pdbx_validate_torsion.PDB_model_num   1 
_pdbx_validate_torsion.auth_comp_id    PHE 
_pdbx_validate_torsion.auth_asym_id    A 
_pdbx_validate_torsion.auth_seq_id     53 
_pdbx_validate_torsion.PDB_ins_code    ? 
_pdbx_validate_torsion.label_alt_id    ? 
_pdbx_validate_torsion.phi             -137.33 
_pdbx_validate_torsion.psi             -43.03 
# 
loop_
_pdbx_unobs_or_zero_occ_atoms.id 
_pdbx_unobs_or_zero_occ_atoms.PDB_model_num 
_pdbx_unobs_or_zero_occ_atoms.polymer_flag 
_pdbx_unobs_or_zero_occ_atoms.occupancy_flag 
_pdbx_unobs_or_zero_occ_atoms.auth_asym_id 
_pdbx_unobs_or_zero_occ_atoms.auth_comp_id 
_pdbx_unobs_or_zero_occ_atoms.auth_seq_id 
_pdbx_unobs_or_zero_occ_atoms.PDB_ins_code 
_pdbx_unobs_or_zero_occ_atoms.auth_atom_id 
_pdbx_unobs_or_zero_occ_atoms.label_alt_id 
_pdbx_unobs_or_zero_occ_atoms.label_asym_id 
_pdbx_unobs_or_zero_occ_atoms.label_comp_id 
_pdbx_unobs_or_zero_occ_atoms.label_seq_id 
_pdbx_unobs_or_zero_occ_atoms.label_atom_id 
1 1 Y 1 A ARG 41 ? CG  ? A ARG 41 CG  
2 1 Y 1 A ARG 41 ? CD  ? A ARG 41 CD  
3 1 Y 1 A ARG 41 ? NE  ? A ARG 41 NE  
4 1 Y 1 A ARG 41 ? CZ  ? A ARG 41 CZ  
5 1 Y 1 A ARG 41 ? NH1 ? A ARG 41 NH1 
6 1 Y 1 A ARG 41 ? NH2 ? A ARG 41 NH2 
# 
loop_
_chem_comp_atom.comp_id 
_chem_comp_atom.atom_id 
_chem_comp_atom.type_symbol 
_chem_comp_atom.pdbx_aromatic_flag 
_chem_comp_atom.pdbx_stereo_config 
_chem_comp_atom.pdbx_ordinal 
ALA N    N  N N 1   
ALA CA   C  N S 2   
ALA C    C  N N 3   
ALA O    O  N N 4   
ALA CB   C  N N 5   
ALA OXT  O  N N 6   
ALA H    H  N N 7   
ALA H2   H  N N 8   
ALA HA   H  N N 9   
ALA HB1  H  N N 10  
ALA HB2  H  N N 11  
ALA HB3  H  N N 12  
ALA HXT  H  N N 13  
ARG N    N  N N 14  
ARG CA   C  N S 15  
ARG C    C  N N 16  
ARG O    O  N N 17  
ARG CB   C  N N 18  
ARG CG   C  N N 19  
ARG CD   C  N N 20  
ARG NE   N  N N 21  
ARG CZ   C  N N 22  
ARG NH1  N  N N 23  
ARG NH2  N  N N 24  
ARG OXT  O  N N 25  
ARG H    H  N N 26  
ARG H2   H  N N 27  
ARG HA   H  N N 28  
ARG HB2  H  N N 29  
ARG HB3  H  N N 30  
ARG HG2  H  N N 31  
ARG HG3  H  N N 32  
ARG HD2  H  N N 33  
ARG HD3  H  N N 34  
ARG HE   H  N N 35  
ARG HH11 H  N N 36  
ARG HH12 H  N N 37  
ARG HH21 H  N N 38  
ARG HH22 H  N N 39  
ARG HXT  H  N N 40  
ASN N    N  N N 41  
ASN CA   C  N S 42  
ASN C    C  N N 43  
ASN O    O  N N 44  
ASN CB   C  N N 45  
ASN CG   C  N N 46  
ASN OD1  O  N N 47  
ASN ND2  N  N N 48  
ASN OXT  O  N N 49  
ASN H    H  N N 50  
ASN H2   H  N N 51  
ASN HA   H  N N 52  
ASN HB2  H  N N 53  
ASN HB3  H  N N 54  
ASN HD21 H  N N 55  
ASN HD22 H  N N 56  
ASN HXT  H  N N 57  
ASP N    N  N N 58  
ASP CA   C  N S 59  
ASP C    C  N N 60  
ASP O    O  N N 61  
ASP CB   C  N N 62  
ASP CG   C  N N 63  
ASP OD1  O  N N 64  
ASP OD2  O  N N 65  
ASP OXT  O  N N 66  
ASP H    H  N N 67  
ASP H2   H  N N 68  
ASP HA   H  N N 69  
ASP HB2  H  N N 70  
ASP HB3  H  N N 71  
ASP HD2  H  N N 72  
ASP HXT  H  N N 73  
CB5 B7   B  N N 74  
CB5 CO   CO N N 75  
CB5 B24  B  N N 76  
CB5 B29  B  N N 77  
CB5 B25  B  N N 78  
CB5 B30  B  N N 79  
CB5 B32  B  N N 80  
CB5 B31  B  N N 81  
CB5 B26  B  N N 82  
CB5 C22  C  N N 83  
CB5 B27  B  N N 84  
CB5 B8   B  N N 85  
CB5 B4   B  N N 86  
CB5 B9   B  N N 87  
CB5 B5   B  N N 88  
CB5 B12  B  N N 89  
CB5 B11  B  N N 90  
CB5 B6   B  N N 91  
CB5 C2   C  N N 92  
CB5 C1   C  N N 93  
CB5 B28  B  N N 94  
CB5 C21  C  N N 95  
CB5 B10  B  N N 96  
CB5 H7   H  N N 97  
CB5 H24  H  N N 98  
CB5 H29  H  N N 99  
CB5 H25  H  N N 100 
CB5 H30  H  N N 101 
CB5 H32  H  N N 102 
CB5 H31  H  N N 103 
CB5 H26  H  N N 104 
CB5 H22  H  N N 105 
CB5 H27  H  N N 106 
CB5 H8   H  N N 107 
CB5 H4   H  N N 108 
CB5 H9   H  N N 109 
CB5 H5   H  N N 110 
CB5 H12  H  N N 111 
CB5 H11  H  N N 112 
CB5 H6   H  N N 113 
CB5 H2   H  N N 114 
CB5 H1   H  N N 115 
CB5 H28  H  N N 116 
CB5 H21  H  N N 117 
CB5 H10  H  N N 118 
CL  CL   CL N N 119 
CYS N    N  N N 120 
CYS CA   C  N R 121 
CYS C    C  N N 122 
CYS O    O  N N 123 
CYS CB   C  N N 124 
CYS SG   S  N N 125 
CYS OXT  O  N N 126 
CYS H    H  N N 127 
CYS H2   H  N N 128 
CYS HA   H  N N 129 
CYS HB2  H  N N 130 
CYS HB3  H  N N 131 
CYS HG   H  N N 132 
CYS HXT  H  N N 133 
GLN N    N  N N 134 
GLN CA   C  N S 135 
GLN C    C  N N 136 
GLN O    O  N N 137 
GLN CB   C  N N 138 
GLN CG   C  N N 139 
GLN CD   C  N N 140 
GLN OE1  O  N N 141 
GLN NE2  N  N N 142 
GLN OXT  O  N N 143 
GLN H    H  N N 144 
GLN H2   H  N N 145 
GLN HA   H  N N 146 
GLN HB2  H  N N 147 
GLN HB3  H  N N 148 
GLN HG2  H  N N 149 
GLN HG3  H  N N 150 
GLN HE21 H  N N 151 
GLN HE22 H  N N 152 
GLN HXT  H  N N 153 
GLU N    N  N N 154 
GLU CA   C  N S 155 
GLU C    C  N N 156 
GLU O    O  N N 157 
GLU CB   C  N N 158 
GLU CG   C  N N 159 
GLU CD   C  N N 160 
GLU OE1  O  N N 161 
GLU OE2  O  N N 162 
GLU OXT  O  N N 163 
GLU H    H  N N 164 
GLU H2   H  N N 165 
GLU HA   H  N N 166 
GLU HB2  H  N N 167 
GLU HB3  H  N N 168 
GLU HG2  H  N N 169 
GLU HG3  H  N N 170 
GLU HE2  H  N N 171 
GLU HXT  H  N N 172 
GLY N    N  N N 173 
GLY CA   C  N N 174 
GLY C    C  N N 175 
GLY O    O  N N 176 
GLY OXT  O  N N 177 
GLY H    H  N N 178 
GLY H2   H  N N 179 
GLY HA2  H  N N 180 
GLY HA3  H  N N 181 
GLY HXT  H  N N 182 
GOL C1   C  N N 183 
GOL O1   O  N N 184 
GOL C2   C  N N 185 
GOL O2   O  N N 186 
GOL C3   C  N N 187 
GOL O3   O  N N 188 
GOL H11  H  N N 189 
GOL H12  H  N N 190 
GOL HO1  H  N N 191 
GOL H2   H  N N 192 
GOL HO2  H  N N 193 
GOL H31  H  N N 194 
GOL H32  H  N N 195 
GOL HO3  H  N N 196 
HIS N    N  N N 197 
HIS CA   C  N S 198 
HIS C    C  N N 199 
HIS O    O  N N 200 
HIS CB   C  N N 201 
HIS CG   C  Y N 202 
HIS ND1  N  Y N 203 
HIS CD2  C  Y N 204 
HIS CE1  C  Y N 205 
HIS NE2  N  Y N 206 
HIS OXT  O  N N 207 
HIS H    H  N N 208 
HIS H2   H  N N 209 
HIS HA   H  N N 210 
HIS HB2  H  N N 211 
HIS HB3  H  N N 212 
HIS HD1  H  N N 213 
HIS HD2  H  N N 214 
HIS HE1  H  N N 215 
HIS HE2  H  N N 216 
HIS HXT  H  N N 217 
HOH O    O  N N 218 
HOH H1   H  N N 219 
HOH H2   H  N N 220 
ILE N    N  N N 221 
ILE CA   C  N S 222 
ILE C    C  N N 223 
ILE O    O  N N 224 
ILE CB   C  N S 225 
ILE CG1  C  N N 226 
ILE CG2  C  N N 227 
ILE CD1  C  N N 228 
ILE OXT  O  N N 229 
ILE H    H  N N 230 
ILE H2   H  N N 231 
ILE HA   H  N N 232 
ILE HB   H  N N 233 
ILE HG12 H  N N 234 
ILE HG13 H  N N 235 
ILE HG21 H  N N 236 
ILE HG22 H  N N 237 
ILE HG23 H  N N 238 
ILE HD11 H  N N 239 
ILE HD12 H  N N 240 
ILE HD13 H  N N 241 
ILE HXT  H  N N 242 
LEU N    N  N N 243 
LEU CA   C  N S 244 
LEU C    C  N N 245 
LEU O    O  N N 246 
LEU CB   C  N N 247 
LEU CG   C  N N 248 
LEU CD1  C  N N 249 
LEU CD2  C  N N 250 
LEU OXT  O  N N 251 
LEU H    H  N N 252 
LEU H2   H  N N 253 
LEU HA   H  N N 254 
LEU HB2  H  N N 255 
LEU HB3  H  N N 256 
LEU HG   H  N N 257 
LEU HD11 H  N N 258 
LEU HD12 H  N N 259 
LEU HD13 H  N N 260 
LEU HD21 H  N N 261 
LEU HD22 H  N N 262 
LEU HD23 H  N N 263 
LEU HXT  H  N N 264 
LYS N    N  N N 265 
LYS CA   C  N S 266 
LYS C    C  N N 267 
LYS O    O  N N 268 
LYS CB   C  N N 269 
LYS CG   C  N N 270 
LYS CD   C  N N 271 
LYS CE   C  N N 272 
LYS NZ   N  N N 273 
LYS OXT  O  N N 274 
LYS H    H  N N 275 
LYS H2   H  N N 276 
LYS HA   H  N N 277 
LYS HB2  H  N N 278 
LYS HB3  H  N N 279 
LYS HG2  H  N N 280 
LYS HG3  H  N N 281 
LYS HD2  H  N N 282 
LYS HD3  H  N N 283 
LYS HE2  H  N N 284 
LYS HE3  H  N N 285 
LYS HZ1  H  N N 286 
LYS HZ2  H  N N 287 
LYS HZ3  H  N N 288 
LYS HXT  H  N N 289 
MET N    N  N N 290 
MET CA   C  N S 291 
MET C    C  N N 292 
MET O    O  N N 293 
MET CB   C  N N 294 
MET CG   C  N N 295 
MET SD   S  N N 296 
MET CE   C  N N 297 
MET OXT  O  N N 298 
MET H    H  N N 299 
MET H2   H  N N 300 
MET HA   H  N N 301 
MET HB2  H  N N 302 
MET HB3  H  N N 303 
MET HG2  H  N N 304 
MET HG3  H  N N 305 
MET HE1  H  N N 306 
MET HE2  H  N N 307 
MET HE3  H  N N 308 
MET HXT  H  N N 309 
PHE N    N  N N 310 
PHE CA   C  N S 311 
PHE C    C  N N 312 
PHE O    O  N N 313 
PHE CB   C  N N 314 
PHE CG   C  Y N 315 
PHE CD1  C  Y N 316 
PHE CD2  C  Y N 317 
PHE CE1  C  Y N 318 
PHE CE2  C  Y N 319 
PHE CZ   C  Y N 320 
PHE OXT  O  N N 321 
PHE H    H  N N 322 
PHE H2   H  N N 323 
PHE HA   H  N N 324 
PHE HB2  H  N N 325 
PHE HB3  H  N N 326 
PHE HD1  H  N N 327 
PHE HD2  H  N N 328 
PHE HE1  H  N N 329 
PHE HE2  H  N N 330 
PHE HZ   H  N N 331 
PHE HXT  H  N N 332 
PRO N    N  N N 333 
PRO CA   C  N S 334 
PRO C    C  N N 335 
PRO O    O  N N 336 
PRO CB   C  N N 337 
PRO CG   C  N N 338 
PRO CD   C  N N 339 
PRO OXT  O  N N 340 
PRO H    H  N N 341 
PRO HA   H  N N 342 
PRO HB2  H  N N 343 
PRO HB3  H  N N 344 
PRO HG2  H  N N 345 
PRO HG3  H  N N 346 
PRO HD2  H  N N 347 
PRO HD3  H  N N 348 
PRO HXT  H  N N 349 
SER N    N  N N 350 
SER CA   C  N S 351 
SER C    C  N N 352 
SER O    O  N N 353 
SER CB   C  N N 354 
SER OG   O  N N 355 
SER OXT  O  N N 356 
SER H    H  N N 357 
SER H2   H  N N 358 
SER HA   H  N N 359 
SER HB2  H  N N 360 
SER HB3  H  N N 361 
SER HG   H  N N 362 
SER HXT  H  N N 363 
THR N    N  N N 364 
THR CA   C  N S 365 
THR C    C  N N 366 
THR O    O  N N 367 
THR CB   C  N R 368 
THR OG1  O  N N 369 
THR CG2  C  N N 370 
THR OXT  O  N N 371 
THR H    H  N N 372 
THR H2   H  N N 373 
THR HA   H  N N 374 
THR HB   H  N N 375 
THR HG1  H  N N 376 
THR HG21 H  N N 377 
THR HG22 H  N N 378 
THR HG23 H  N N 379 
THR HXT  H  N N 380 
TRP N    N  N N 381 
TRP CA   C  N S 382 
TRP C    C  N N 383 
TRP O    O  N N 384 
TRP CB   C  N N 385 
TRP CG   C  Y N 386 
TRP CD1  C  Y N 387 
TRP CD2  C  Y N 388 
TRP NE1  N  Y N 389 
TRP CE2  C  Y N 390 
TRP CE3  C  Y N 391 
TRP CZ2  C  Y N 392 
TRP CZ3  C  Y N 393 
TRP CH2  C  Y N 394 
TRP OXT  O  N N 395 
TRP H    H  N N 396 
TRP H2   H  N N 397 
TRP HA   H  N N 398 
TRP HB2  H  N N 399 
TRP HB3  H  N N 400 
TRP HD1  H  N N 401 
TRP HE1  H  N N 402 
TRP HE3  H  N N 403 
TRP HZ2  H  N N 404 
TRP HZ3  H  N N 405 
TRP HH2  H  N N 406 
TRP HXT  H  N N 407 
TYR N    N  N N 408 
TYR CA   C  N S 409 
TYR C    C  N N 410 
TYR O    O  N N 411 
TYR CB   C  N N 412 
TYR CG   C  Y N 413 
TYR CD1  C  Y N 414 
TYR CD2  C  Y N 415 
TYR CE1  C  Y N 416 
TYR CE2  C  Y N 417 
TYR CZ   C  Y N 418 
TYR OH   O  N N 419 
TYR OXT  O  N N 420 
TYR H    H  N N 421 
TYR H2   H  N N 422 
TYR HA   H  N N 423 
TYR HB2  H  N N 424 
TYR HB3  H  N N 425 
TYR HD1  H  N N 426 
TYR HD2  H  N N 427 
TYR HE1  H  N N 428 
TYR HE2  H  N N 429 
TYR HH   H  N N 430 
TYR HXT  H  N N 431 
VAL N    N  N N 432 
VAL CA   C  N S 433 
VAL C    C  N N 434 
VAL O    O  N N 435 
VAL CB   C  N N 436 
VAL CG1  C  N N 437 
VAL CG2  C  N N 438 
VAL OXT  O  N N 439 
VAL H    H  N N 440 
VAL H2   H  N N 441 
VAL HA   H  N N 442 
VAL HB   H  N N 443 
VAL HG11 H  N N 444 
VAL HG12 H  N N 445 
VAL HG13 H  N N 446 
VAL HG21 H  N N 447 
VAL HG22 H  N N 448 
VAL HG23 H  N N 449 
VAL HXT  H  N N 450 
# 
loop_
_chem_comp_bond.comp_id 
_chem_comp_bond.atom_id_1 
_chem_comp_bond.atom_id_2 
_chem_comp_bond.value_order 
_chem_comp_bond.pdbx_aromatic_flag 
_chem_comp_bond.pdbx_stereo_config 
_chem_comp_bond.pdbx_ordinal 
ALA N   CA   sing N N 1   
ALA N   H    sing N N 2   
ALA N   H2   sing N N 3   
ALA CA  C    sing N N 4   
ALA CA  CB   sing N N 5   
ALA CA  HA   sing N N 6   
ALA C   O    doub N N 7   
ALA C   OXT  sing N N 8   
ALA CB  HB1  sing N N 9   
ALA CB  HB2  sing N N 10  
ALA CB  HB3  sing N N 11  
ALA OXT HXT  sing N N 12  
ARG N   CA   sing N N 13  
ARG N   H    sing N N 14  
ARG N   H2   sing N N 15  
ARG CA  C    sing N N 16  
ARG CA  CB   sing N N 17  
ARG CA  HA   sing N N 18  
ARG C   O    doub N N 19  
ARG C   OXT  sing N N 20  
ARG CB  CG   sing N N 21  
ARG CB  HB2  sing N N 22  
ARG CB  HB3  sing N N 23  
ARG CG  CD   sing N N 24  
ARG CG  HG2  sing N N 25  
ARG CG  HG3  sing N N 26  
ARG CD  NE   sing N N 27  
ARG CD  HD2  sing N N 28  
ARG CD  HD3  sing N N 29  
ARG NE  CZ   sing N N 30  
ARG NE  HE   sing N N 31  
ARG CZ  NH1  sing N N 32  
ARG CZ  NH2  doub N N 33  
ARG NH1 HH11 sing N N 34  
ARG NH1 HH12 sing N N 35  
ARG NH2 HH21 sing N N 36  
ARG NH2 HH22 sing N N 37  
ARG OXT HXT  sing N N 38  
ASN N   CA   sing N N 39  
ASN N   H    sing N N 40  
ASN N   H2   sing N N 41  
ASN CA  C    sing N N 42  
ASN CA  CB   sing N N 43  
ASN CA  HA   sing N N 44  
ASN C   O    doub N N 45  
ASN C   OXT  sing N N 46  
ASN CB  CG   sing N N 47  
ASN CB  HB2  sing N N 48  
ASN CB  HB3  sing N N 49  
ASN CG  OD1  doub N N 50  
ASN CG  ND2  sing N N 51  
ASN ND2 HD21 sing N N 52  
ASN ND2 HD22 sing N N 53  
ASN OXT HXT  sing N N 54  
ASP N   CA   sing N N 55  
ASP N   H    sing N N 56  
ASP N   H2   sing N N 57  
ASP CA  C    sing N N 58  
ASP CA  CB   sing N N 59  
ASP CA  HA   sing N N 60  
ASP C   O    doub N N 61  
ASP C   OXT  sing N N 62  
ASP CB  CG   sing N N 63  
ASP CB  HB2  sing N N 64  
ASP CB  HB3  sing N N 65  
ASP CG  OD1  doub N N 66  
ASP CG  OD2  sing N N 67  
ASP OD2 HD2  sing N N 68  
ASP OXT HXT  sing N N 69  
CB5 B7  CO   sing N N 70  
CB5 B7  B8   sing N N 71  
CB5 B7  B12  sing N N 72  
CB5 B7  B11  sing N N 73  
CB5 B7  C2   sing N N 74  
CB5 B7  H7   sing N N 75  
CB5 CO  B24  sing N N 76  
CB5 CO  C22  sing N N 77  
CB5 CO  B27  sing N N 78  
CB5 CO  B8   sing N N 79  
CB5 CO  B4   sing N N 80  
CB5 CO  C2   sing N N 81  
CB5 CO  C1   sing N N 82  
CB5 CO  B28  sing N N 83  
CB5 CO  C21  sing N N 84  
CB5 B24 B29  sing N N 85  
CB5 B24 B28  sing N N 86  
CB5 B24 C21  sing N N 87  
CB5 B24 H24  sing N N 88  
CB5 B29 B30  sing N N 89  
CB5 B29 B32  sing N N 90  
CB5 B29 B28  sing N N 91  
CB5 B29 H29  sing N N 92  
CB5 B25 B30  sing N N 93  
CB5 B25 B26  sing N N 94  
CB5 B25 C21  sing N N 95  
CB5 B25 H25  sing N N 96  
CB5 B30 B32  sing N N 97  
CB5 B30 B31  sing N N 98  
CB5 B30 B26  sing N N 99  
CB5 B30 H30  sing N N 100 
CB5 B32 B31  sing N N 101 
CB5 B32 B27  sing N N 102 
CB5 B32 B28  sing N N 103 
CB5 B32 H32  sing N N 104 
CB5 B31 B26  sing N N 105 
CB5 B31 C22  sing N N 106 
CB5 B31 B27  sing N N 107 
CB5 B31 H31  sing N N 108 
CB5 B26 C22  sing N N 109 
CB5 B26 C21  sing N N 110 
CB5 B26 H26  sing N N 111 
CB5 C22 B27  sing N N 112 
CB5 C22 C21  sing N N 113 
CB5 C22 H22  sing N N 114 
CB5 B27 B28  sing N N 115 
CB5 B27 H27  sing N N 116 
CB5 B8  B4   sing N N 117 
CB5 B8  B9   sing N N 118 
CB5 B8  B12  sing N N 119 
CB5 B8  H8   sing N N 120 
CB5 B4  B9   sing N N 121 
CB5 B4  C1   sing N N 122 
CB5 B4  H4   sing N N 123 
CB5 B9  B5   sing N N 124 
CB5 B9  B12  sing N N 125 
CB5 B9  B10  sing N N 126 
CB5 B9  H9   sing N N 127 
CB5 B5  B6   sing N N 128 
CB5 B5  C1   sing N N 129 
CB5 B5  B10  sing N N 130 
CB5 B5  H5   sing N N 131 
CB5 B12 B11  sing N N 132 
CB5 B12 B10  sing N N 133 
CB5 B12 H12  sing N N 134 
CB5 B11 B6   sing N N 135 
CB5 B11 C2   sing N N 136 
CB5 B11 B10  sing N N 137 
CB5 B11 H11  sing N N 138 
CB5 B6  C2   sing N N 139 
CB5 B6  C1   sing N N 140 
CB5 B6  B10  sing N N 141 
CB5 B6  H6   sing N N 142 
CB5 C2  C1   sing N N 143 
CB5 C2  H2   sing N N 144 
CB5 C1  H1   sing N N 145 
CB5 B28 H28  sing N N 146 
CB5 C21 H21  sing N N 147 
CB5 B10 H10  sing N N 148 
CYS N   CA   sing N N 149 
CYS N   H    sing N N 150 
CYS N   H2   sing N N 151 
CYS CA  C    sing N N 152 
CYS CA  CB   sing N N 153 
CYS CA  HA   sing N N 154 
CYS C   O    doub N N 155 
CYS C   OXT  sing N N 156 
CYS CB  SG   sing N N 157 
CYS CB  HB2  sing N N 158 
CYS CB  HB3  sing N N 159 
CYS SG  HG   sing N N 160 
CYS OXT HXT  sing N N 161 
GLN N   CA   sing N N 162 
GLN N   H    sing N N 163 
GLN N   H2   sing N N 164 
GLN CA  C    sing N N 165 
GLN CA  CB   sing N N 166 
GLN CA  HA   sing N N 167 
GLN C   O    doub N N 168 
GLN C   OXT  sing N N 169 
GLN CB  CG   sing N N 170 
GLN CB  HB2  sing N N 171 
GLN CB  HB3  sing N N 172 
GLN CG  CD   sing N N 173 
GLN CG  HG2  sing N N 174 
GLN CG  HG3  sing N N 175 
GLN CD  OE1  doub N N 176 
GLN CD  NE2  sing N N 177 
GLN NE2 HE21 sing N N 178 
GLN NE2 HE22 sing N N 179 
GLN OXT HXT  sing N N 180 
GLU N   CA   sing N N 181 
GLU N   H    sing N N 182 
GLU N   H2   sing N N 183 
GLU CA  C    sing N N 184 
GLU CA  CB   sing N N 185 
GLU CA  HA   sing N N 186 
GLU C   O    doub N N 187 
GLU C   OXT  sing N N 188 
GLU CB  CG   sing N N 189 
GLU CB  HB2  sing N N 190 
GLU CB  HB3  sing N N 191 
GLU CG  CD   sing N N 192 
GLU CG  HG2  sing N N 193 
GLU CG  HG3  sing N N 194 
GLU CD  OE1  doub N N 195 
GLU CD  OE2  sing N N 196 
GLU OE2 HE2  sing N N 197 
GLU OXT HXT  sing N N 198 
GLY N   CA   sing N N 199 
GLY N   H    sing N N 200 
GLY N   H2   sing N N 201 
GLY CA  C    sing N N 202 
GLY CA  HA2  sing N N 203 
GLY CA  HA3  sing N N 204 
GLY C   O    doub N N 205 
GLY C   OXT  sing N N 206 
GLY OXT HXT  sing N N 207 
GOL C1  O1   sing N N 208 
GOL C1  C2   sing N N 209 
GOL C1  H11  sing N N 210 
GOL C1  H12  sing N N 211 
GOL O1  HO1  sing N N 212 
GOL C2  O2   sing N N 213 
GOL C2  C3   sing N N 214 
GOL C2  H2   sing N N 215 
GOL O2  HO2  sing N N 216 
GOL C3  O3   sing N N 217 
GOL C3  H31  sing N N 218 
GOL C3  H32  sing N N 219 
GOL O3  HO3  sing N N 220 
HIS N   CA   sing N N 221 
HIS N   H    sing N N 222 
HIS N   H2   sing N N 223 
HIS CA  C    sing N N 224 
HIS CA  CB   sing N N 225 
HIS CA  HA   sing N N 226 
HIS C   O    doub N N 227 
HIS C   OXT  sing N N 228 
HIS CB  CG   sing N N 229 
HIS CB  HB2  sing N N 230 
HIS CB  HB3  sing N N 231 
HIS CG  ND1  sing Y N 232 
HIS CG  CD2  doub Y N 233 
HIS ND1 CE1  doub Y N 234 
HIS ND1 HD1  sing N N 235 
HIS CD2 NE2  sing Y N 236 
HIS CD2 HD2  sing N N 237 
HIS CE1 NE2  sing Y N 238 
HIS CE1 HE1  sing N N 239 
HIS NE2 HE2  sing N N 240 
HIS OXT HXT  sing N N 241 
HOH O   H1   sing N N 242 
HOH O   H2   sing N N 243 
ILE N   CA   sing N N 244 
ILE N   H    sing N N 245 
ILE N   H2   sing N N 246 
ILE CA  C    sing N N 247 
ILE CA  CB   sing N N 248 
ILE CA  HA   sing N N 249 
ILE C   O    doub N N 250 
ILE C   OXT  sing N N 251 
ILE CB  CG1  sing N N 252 
ILE CB  CG2  sing N N 253 
ILE CB  HB   sing N N 254 
ILE CG1 CD1  sing N N 255 
ILE CG1 HG12 sing N N 256 
ILE CG1 HG13 sing N N 257 
ILE CG2 HG21 sing N N 258 
ILE CG2 HG22 sing N N 259 
ILE CG2 HG23 sing N N 260 
ILE CD1 HD11 sing N N 261 
ILE CD1 HD12 sing N N 262 
ILE CD1 HD13 sing N N 263 
ILE OXT HXT  sing N N 264 
LEU N   CA   sing N N 265 
LEU N   H    sing N N 266 
LEU N   H2   sing N N 267 
LEU CA  C    sing N N 268 
LEU CA  CB   sing N N 269 
LEU CA  HA   sing N N 270 
LEU C   O    doub N N 271 
LEU C   OXT  sing N N 272 
LEU CB  CG   sing N N 273 
LEU CB  HB2  sing N N 274 
LEU CB  HB3  sing N N 275 
LEU CG  CD1  sing N N 276 
LEU CG  CD2  sing N N 277 
LEU CG  HG   sing N N 278 
LEU CD1 HD11 sing N N 279 
LEU CD1 HD12 sing N N 280 
LEU CD1 HD13 sing N N 281 
LEU CD2 HD21 sing N N 282 
LEU CD2 HD22 sing N N 283 
LEU CD2 HD23 sing N N 284 
LEU OXT HXT  sing N N 285 
LYS N   CA   sing N N 286 
LYS N   H    sing N N 287 
LYS N   H2   sing N N 288 
LYS CA  C    sing N N 289 
LYS CA  CB   sing N N 290 
LYS CA  HA   sing N N 291 
LYS C   O    doub N N 292 
LYS C   OXT  sing N N 293 
LYS CB  CG   sing N N 294 
LYS CB  HB2  sing N N 295 
LYS CB  HB3  sing N N 296 
LYS CG  CD   sing N N 297 
LYS CG  HG2  sing N N 298 
LYS CG  HG3  sing N N 299 
LYS CD  CE   sing N N 300 
LYS CD  HD2  sing N N 301 
LYS CD  HD3  sing N N 302 
LYS CE  NZ   sing N N 303 
LYS CE  HE2  sing N N 304 
LYS CE  HE3  sing N N 305 
LYS NZ  HZ1  sing N N 306 
LYS NZ  HZ2  sing N N 307 
LYS NZ  HZ3  sing N N 308 
LYS OXT HXT  sing N N 309 
MET N   CA   sing N N 310 
MET N   H    sing N N 311 
MET N   H2   sing N N 312 
MET CA  C    sing N N 313 
MET CA  CB   sing N N 314 
MET CA  HA   sing N N 315 
MET C   O    doub N N 316 
MET C   OXT  sing N N 317 
MET CB  CG   sing N N 318 
MET CB  HB2  sing N N 319 
MET CB  HB3  sing N N 320 
MET CG  SD   sing N N 321 
MET CG  HG2  sing N N 322 
MET CG  HG3  sing N N 323 
MET SD  CE   sing N N 324 
MET CE  HE1  sing N N 325 
MET CE  HE2  sing N N 326 
MET CE  HE3  sing N N 327 
MET OXT HXT  sing N N 328 
PHE N   CA   sing N N 329 
PHE N   H    sing N N 330 
PHE N   H2   sing N N 331 
PHE CA  C    sing N N 332 
PHE CA  CB   sing N N 333 
PHE CA  HA   sing N N 334 
PHE C   O    doub N N 335 
PHE C   OXT  sing N N 336 
PHE CB  CG   sing N N 337 
PHE CB  HB2  sing N N 338 
PHE CB  HB3  sing N N 339 
PHE CG  CD1  doub Y N 340 
PHE CG  CD2  sing Y N 341 
PHE CD1 CE1  sing Y N 342 
PHE CD1 HD1  sing N N 343 
PHE CD2 CE2  doub Y N 344 
PHE CD2 HD2  sing N N 345 
PHE CE1 CZ   doub Y N 346 
PHE CE1 HE1  sing N N 347 
PHE CE2 CZ   sing Y N 348 
PHE CE2 HE2  sing N N 349 
PHE CZ  HZ   sing N N 350 
PHE OXT HXT  sing N N 351 
PRO N   CA   sing N N 352 
PRO N   CD   sing N N 353 
PRO N   H    sing N N 354 
PRO CA  C    sing N N 355 
PRO CA  CB   sing N N 356 
PRO CA  HA   sing N N 357 
PRO C   O    doub N N 358 
PRO C   OXT  sing N N 359 
PRO CB  CG   sing N N 360 
PRO CB  HB2  sing N N 361 
PRO CB  HB3  sing N N 362 
PRO CG  CD   sing N N 363 
PRO CG  HG2  sing N N 364 
PRO CG  HG3  sing N N 365 
PRO CD  HD2  sing N N 366 
PRO CD  HD3  sing N N 367 
PRO OXT HXT  sing N N 368 
SER N   CA   sing N N 369 
SER N   H    sing N N 370 
SER N   H2   sing N N 371 
SER CA  C    sing N N 372 
SER CA  CB   sing N N 373 
SER CA  HA   sing N N 374 
SER C   O    doub N N 375 
SER C   OXT  sing N N 376 
SER CB  OG   sing N N 377 
SER CB  HB2  sing N N 378 
SER CB  HB3  sing N N 379 
SER OG  HG   sing N N 380 
SER OXT HXT  sing N N 381 
THR N   CA   sing N N 382 
THR N   H    sing N N 383 
THR N   H2   sing N N 384 
THR CA  C    sing N N 385 
THR CA  CB   sing N N 386 
THR CA  HA   sing N N 387 
THR C   O    doub N N 388 
THR C   OXT  sing N N 389 
THR CB  OG1  sing N N 390 
THR CB  CG2  sing N N 391 
THR CB  HB   sing N N 392 
THR OG1 HG1  sing N N 393 
THR CG2 HG21 sing N N 394 
THR CG2 HG22 sing N N 395 
THR CG2 HG23 sing N N 396 
THR OXT HXT  sing N N 397 
TRP N   CA   sing N N 398 
TRP N   H    sing N N 399 
TRP N   H2   sing N N 400 
TRP CA  C    sing N N 401 
TRP CA  CB   sing N N 402 
TRP CA  HA   sing N N 403 
TRP C   O    doub N N 404 
TRP C   OXT  sing N N 405 
TRP CB  CG   sing N N 406 
TRP CB  HB2  sing N N 407 
TRP CB  HB3  sing N N 408 
TRP CG  CD1  doub Y N 409 
TRP CG  CD2  sing Y N 410 
TRP CD1 NE1  sing Y N 411 
TRP CD1 HD1  sing N N 412 
TRP CD2 CE2  doub Y N 413 
TRP CD2 CE3  sing Y N 414 
TRP NE1 CE2  sing Y N 415 
TRP NE1 HE1  sing N N 416 
TRP CE2 CZ2  sing Y N 417 
TRP CE3 CZ3  doub Y N 418 
TRP CE3 HE3  sing N N 419 
TRP CZ2 CH2  doub Y N 420 
TRP CZ2 HZ2  sing N N 421 
TRP CZ3 CH2  sing Y N 422 
TRP CZ3 HZ3  sing N N 423 
TRP CH2 HH2  sing N N 424 
TRP OXT HXT  sing N N 425 
TYR N   CA   sing N N 426 
TYR N   H    sing N N 427 
TYR N   H2   sing N N 428 
TYR CA  C    sing N N 429 
TYR CA  CB   sing N N 430 
TYR CA  HA   sing N N 431 
TYR C   O    doub N N 432 
TYR C   OXT  sing N N 433 
TYR CB  CG   sing N N 434 
TYR CB  HB2  sing N N 435 
TYR CB  HB3  sing N N 436 
TYR CG  CD1  doub Y N 437 
TYR CG  CD2  sing Y N 438 
TYR CD1 CE1  sing Y N 439 
TYR CD1 HD1  sing N N 440 
TYR CD2 CE2  doub Y N 441 
TYR CD2 HD2  sing N N 442 
TYR CE1 CZ   doub Y N 443 
TYR CE1 HE1  sing N N 444 
TYR CE2 CZ   sing Y N 445 
TYR CE2 HE2  sing N N 446 
TYR CZ  OH   sing N N 447 
TYR OH  HH   sing N N 448 
TYR OXT HXT  sing N N 449 
VAL N   CA   sing N N 450 
VAL N   H    sing N N 451 
VAL N   H2   sing N N 452 
VAL CA  C    sing N N 453 
VAL CA  CB   sing N N 454 
VAL CA  HA   sing N N 455 
VAL C   O    doub N N 456 
VAL C   OXT  sing N N 457 
VAL CB  CG1  sing N N 458 
VAL CB  CG2  sing N N 459 
VAL CB  HB   sing N N 460 
VAL CG1 HG11 sing N N 461 
VAL CG1 HG12 sing N N 462 
VAL CG1 HG13 sing N N 463 
VAL CG2 HG21 sing N N 464 
VAL CG2 HG22 sing N N 465 
VAL CG2 HG23 sing N N 466 
VAL OXT HXT  sing N N 467 
# 
loop_
_pdbx_entity_nonpoly.entity_id 
_pdbx_entity_nonpoly.name 
_pdbx_entity_nonpoly.comp_id 
2 'COBALT BIS(1,2-DICARBOLLIDE)' CB5 
3 'CHLORIDE ION'                 CL  
4 GLYCEROL                       GOL 
5 water                          HOH 
# 
_pdbx_initial_refinement_model.id               1 
_pdbx_initial_refinement_model.entity_id_list   ? 
_pdbx_initial_refinement_model.type             'experimental model' 
_pdbx_initial_refinement_model.source_name      PDB 
_pdbx_initial_refinement_model.accession_code   1ZTZ 
_pdbx_initial_refinement_model.details          'PDB entry 1ZTZ' 
# 
